data_1CMZ
#
_entry.id   1CMZ
#
_cell.length_a   1.000
_cell.length_b   1.000
_cell.length_c   1.000
_cell.angle_alpha   90.00
_cell.angle_beta   90.00
_cell.angle_gamma   90.00
#
_symmetry.space_group_name_H-M   'P 1'
#
_entity_poly.entity_id   1
_entity_poly.type   'polypeptide(L)'
_entity_poly.pdbx_seq_one_letter_code
;SPGISGGGGGIPSPEEVQSWAQSFDKLMHSPAGRSVFRAFLRTEYSEENMLFWLACEELKAEANQHVVDEKARLIYEDYV
SILSPKEVSLDSRVREGINKKMQEPSAHTFDDAQLQIYTLMHRDSYPRFLSSPTYRALLPWVDSSSSLIHRD
;
_entity_poly.pdbx_strand_id   A
#
# COMPACT_ATOMS: atom_id res chain seq x y z
N PRO A 12 -0.77 20.62 -7.74
CA PRO A 12 -1.07 20.14 -9.11
C PRO A 12 -0.19 20.87 -10.12
N SER A 13 0.86 21.50 -9.66
CA SER A 13 1.77 22.25 -10.58
C SER A 13 2.95 21.32 -10.98
N PRO A 14 3.68 21.70 -12.01
CA PRO A 14 4.84 20.90 -12.47
C PRO A 14 5.81 20.62 -11.30
N GLU A 15 5.50 21.07 -10.12
CA GLU A 15 6.39 20.79 -8.96
C GLU A 15 6.06 19.39 -8.45
N GLU A 16 4.80 19.13 -8.21
CA GLU A 16 4.40 17.77 -7.73
C GLU A 16 4.88 16.73 -8.76
N VAL A 17 4.82 17.12 -9.99
CA VAL A 17 5.28 16.26 -11.12
C VAL A 17 6.81 16.20 -11.14
N GLN A 18 7.48 17.32 -11.15
CA GLN A 18 8.97 17.27 -11.17
C GLN A 18 9.47 16.76 -9.82
N SER A 19 8.73 17.00 -8.78
CA SER A 19 9.16 16.56 -7.42
C SER A 19 8.97 15.05 -7.23
N TRP A 20 7.86 14.52 -7.66
CA TRP A 20 7.61 13.06 -7.47
C TRP A 20 8.48 12.23 -8.40
N ALA A 21 9.08 12.83 -9.40
CA ALA A 21 9.91 12.02 -10.35
C ALA A 21 11.37 11.96 -9.87
N GLN A 22 11.71 12.74 -8.88
CA GLN A 22 13.12 12.73 -8.36
C GLN A 22 13.19 11.92 -7.07
N SER A 23 12.09 11.75 -6.38
CA SER A 23 12.13 10.95 -5.12
C SER A 23 10.76 10.27 -4.90
N PHE A 24 10.73 9.18 -4.18
CA PHE A 24 9.44 8.46 -3.95
C PHE A 24 8.74 8.99 -2.68
N ASP A 25 9.46 9.29 -1.65
CA ASP A 25 8.80 9.78 -0.40
C ASP A 25 7.81 10.90 -0.75
N LYS A 26 8.28 11.94 -1.39
CA LYS A 26 7.38 13.07 -1.74
C LYS A 26 6.08 12.54 -2.35
N LEU A 27 6.11 11.37 -2.94
CA LEU A 27 4.88 10.81 -3.57
C LEU A 27 3.90 10.30 -2.49
N MET A 28 4.41 9.65 -1.47
CA MET A 28 3.50 9.11 -0.41
C MET A 28 3.38 10.08 0.77
N HIS A 29 4.26 11.04 0.87
CA HIS A 29 4.19 12.00 2.01
C HIS A 29 3.32 13.21 1.63
N SER A 30 2.37 13.04 0.76
CA SER A 30 1.49 14.19 0.37
C SER A 30 0.10 13.63 -0.05
N PRO A 31 -0.97 14.37 0.21
CA PRO A 31 -2.32 13.90 -0.15
C PRO A 31 -2.53 13.82 -1.67
N ALA A 32 -2.13 14.84 -2.40
CA ALA A 32 -2.36 14.80 -3.88
C ALA A 32 -1.57 13.67 -4.53
N GLY A 33 -0.44 13.31 -4.00
CA GLY A 33 0.35 12.20 -4.62
C GLY A 33 -0.47 10.91 -4.51
N ARG A 34 -0.75 10.49 -3.31
CA ARG A 34 -1.54 9.25 -3.10
C ARG A 34 -2.77 9.28 -4.00
N SER A 35 -3.18 10.43 -4.46
CA SER A 35 -4.39 10.52 -5.33
C SER A 35 -4.05 10.08 -6.75
N VAL A 36 -3.17 10.79 -7.41
CA VAL A 36 -2.82 10.41 -8.81
C VAL A 36 -2.40 8.94 -8.87
N PHE A 37 -1.71 8.46 -7.87
CA PHE A 37 -1.30 7.04 -7.89
C PHE A 37 -2.57 6.18 -7.75
N ARG A 38 -3.49 6.62 -6.94
CA ARG A 38 -4.75 5.86 -6.75
C ARG A 38 -5.50 5.76 -8.07
N ALA A 39 -5.38 6.77 -8.92
CA ALA A 39 -6.13 6.74 -10.21
C ALA A 39 -5.41 5.85 -11.24
N PHE A 40 -4.21 6.22 -11.62
CA PHE A 40 -3.46 5.40 -12.62
C PHE A 40 -3.58 3.90 -12.27
N LEU A 41 -3.29 3.54 -11.06
CA LEU A 41 -3.41 2.11 -10.65
C LEU A 41 -4.82 1.60 -10.98
N ARG A 42 -5.84 2.33 -10.61
CA ARG A 42 -7.23 1.88 -10.90
C ARG A 42 -7.32 1.38 -12.34
N THR A 43 -6.69 2.04 -13.26
CA THR A 43 -6.73 1.57 -14.67
C THR A 43 -6.18 0.15 -14.72
N GLU A 44 -4.92 -0.02 -14.46
CA GLU A 44 -4.31 -1.38 -14.49
C GLU A 44 -5.01 -2.30 -13.49
N TYR A 45 -6.08 -1.86 -12.87
CA TYR A 45 -6.79 -2.74 -11.89
C TYR A 45 -5.88 -3.08 -10.71
N SER A 46 -4.96 -2.21 -10.40
CA SER A 46 -4.02 -2.46 -9.25
C SER A 46 -4.22 -1.39 -8.17
N GLU A 47 -5.46 -1.09 -7.82
CA GLU A 47 -5.72 -0.05 -6.78
C GLU A 47 -5.79 -0.72 -5.39
N GLU A 48 -6.40 -1.88 -5.29
CA GLU A 48 -6.50 -2.56 -3.96
C GLU A 48 -5.18 -2.45 -3.21
N ASN A 49 -4.08 -2.68 -3.88
CA ASN A 49 -2.76 -2.57 -3.21
C ASN A 49 -2.66 -1.17 -2.59
N MET A 50 -3.15 -0.18 -3.29
CA MET A 50 -3.09 1.22 -2.76
C MET A 50 -3.65 1.25 -1.34
N LEU A 51 -4.89 0.87 -1.19
CA LEU A 51 -5.50 0.88 0.17
C LEU A 51 -4.67 0.01 1.11
N PHE A 52 -4.24 -1.12 0.64
CA PHE A 52 -3.42 -2.03 1.50
C PHE A 52 -2.29 -1.23 2.15
N TRP A 53 -1.84 -0.19 1.52
CA TRP A 53 -0.74 0.62 2.10
C TRP A 53 -1.30 1.54 3.19
N LEU A 54 -2.35 2.25 2.90
CA LEU A 54 -2.95 3.16 3.92
C LEU A 54 -3.45 2.34 5.11
N ALA A 55 -4.19 1.30 4.87
CA ALA A 55 -4.70 0.47 6.00
C ALA A 55 -3.51 0.00 6.84
N CYS A 56 -2.43 -0.34 6.20
CA CYS A 56 -1.22 -0.81 6.94
C CYS A 56 -0.58 0.37 7.68
N GLU A 57 -0.42 1.48 7.01
CA GLU A 57 0.21 2.66 7.69
C GLU A 57 -0.84 3.40 8.52
N GLU A 58 -2.05 2.93 8.52
CA GLU A 58 -3.10 3.59 9.35
C GLU A 58 -3.04 2.98 10.75
N LEU A 59 -2.75 1.71 10.81
CA LEU A 59 -2.66 1.01 12.13
C LEU A 59 -1.56 1.66 12.98
N LYS A 60 -0.75 2.52 12.41
CA LYS A 60 0.33 3.16 13.23
C LYS A 60 -0.27 4.30 14.05
N ALA A 61 -1.35 4.88 13.59
CA ALA A 61 -1.97 6.00 14.35
C ALA A 61 -2.85 5.41 15.46
N GLU A 62 -2.49 4.25 15.95
CA GLU A 62 -3.30 3.62 17.02
C GLU A 62 -2.37 2.97 18.04
N ALA A 63 -1.79 1.86 17.70
CA ALA A 63 -0.88 1.14 18.65
C ALA A 63 -1.55 1.08 20.02
N ASN A 64 -2.85 1.22 20.07
CA ASN A 64 -3.56 1.15 21.38
C ASN A 64 -3.58 -0.29 21.87
N GLN A 65 -4.72 -0.93 21.87
CA GLN A 65 -4.78 -2.34 22.33
C GLN A 65 -6.16 -2.92 22.02
N HIS A 66 -7.22 -2.21 22.34
CA HIS A 66 -8.58 -2.75 22.05
C HIS A 66 -8.92 -2.51 20.57
N VAL A 67 -8.67 -1.34 20.05
CA VAL A 67 -9.00 -1.10 18.62
C VAL A 67 -7.95 -1.77 17.74
N VAL A 68 -6.80 -2.02 18.27
CA VAL A 68 -5.72 -2.68 17.48
C VAL A 68 -6.17 -4.07 17.06
N ASP A 69 -7.02 -4.69 17.83
CA ASP A 69 -7.48 -6.07 17.49
C ASP A 69 -8.62 -6.02 16.47
N GLU A 70 -9.63 -5.23 16.69
CA GLU A 70 -10.76 -5.18 15.70
C GLU A 70 -10.21 -4.86 14.31
N LYS A 71 -9.49 -3.78 14.20
CA LYS A 71 -8.89 -3.37 12.89
C LYS A 71 -7.96 -4.47 12.36
N ALA A 72 -7.13 -5.03 13.20
CA ALA A 72 -6.20 -6.09 12.69
C ALA A 72 -6.99 -7.13 11.88
N ARG A 73 -8.20 -7.40 12.27
CA ARG A 73 -9.03 -8.40 11.53
C ARG A 73 -9.42 -7.84 10.16
N LEU A 74 -9.88 -6.62 10.10
CA LEU A 74 -10.27 -6.02 8.79
C LEU A 74 -9.16 -6.30 7.76
N ILE A 75 -7.92 -6.15 8.15
CA ILE A 75 -6.80 -6.40 7.19
C ILE A 75 -6.67 -7.90 6.95
N TYR A 76 -6.58 -8.68 8.00
CA TYR A 76 -6.44 -10.17 7.82
C TYR A 76 -7.72 -10.75 7.20
N GLU A 77 -8.84 -10.12 7.42
CA GLU A 77 -10.12 -10.63 6.86
C GLU A 77 -10.32 -10.20 5.41
N ASP A 78 -10.21 -8.94 5.15
CA ASP A 78 -10.43 -8.41 3.77
C ASP A 78 -9.46 -9.03 2.75
N TYR A 79 -8.37 -9.63 3.17
CA TYR A 79 -7.40 -10.20 2.17
C TYR A 79 -6.99 -11.64 2.54
N VAL A 80 -6.04 -11.79 3.43
CA VAL A 80 -5.55 -13.16 3.80
C VAL A 80 -6.69 -14.19 3.84
N SER A 81 -7.85 -13.81 4.29
CA SER A 81 -8.97 -14.80 4.34
C SER A 81 -9.55 -14.99 2.93
N ILE A 82 -10.47 -14.16 2.54
CA ILE A 82 -11.07 -14.30 1.17
C ILE A 82 -12.02 -13.11 0.94
N LEU A 83 -12.25 -12.72 -0.30
CA LEU A 83 -13.17 -11.58 -0.55
C LEU A 83 -13.39 -11.38 -2.06
N SER A 84 -12.39 -11.58 -2.88
CA SER A 84 -12.59 -11.40 -4.35
C SER A 84 -11.23 -11.68 -5.05
N PRO A 85 -11.26 -11.89 -6.35
CA PRO A 85 -10.03 -12.16 -7.10
C PRO A 85 -9.03 -11.00 -6.92
N LYS A 86 -9.45 -9.94 -6.28
CA LYS A 86 -8.54 -8.78 -6.07
C LYS A 86 -7.65 -9.04 -4.86
N GLU A 87 -7.23 -10.25 -4.65
CA GLU A 87 -6.36 -10.56 -3.49
C GLU A 87 -4.93 -10.07 -3.78
N VAL A 88 -4.41 -9.21 -2.96
CA VAL A 88 -3.03 -8.69 -3.19
C VAL A 88 -2.08 -9.86 -3.51
N SER A 89 -1.21 -9.67 -4.45
CA SER A 89 -0.27 -10.77 -4.81
C SER A 89 0.68 -11.06 -3.64
N LEU A 90 0.30 -11.92 -2.75
CA LEU A 90 1.18 -12.25 -1.59
C LEU A 90 0.77 -13.59 -1.00
N ASP A 91 1.71 -14.35 -0.52
CA ASP A 91 1.41 -15.69 0.09
C ASP A 91 2.70 -16.52 0.10
N SER A 92 3.36 -16.60 1.22
CA SER A 92 4.63 -17.38 1.29
C SER A 92 5.10 -17.44 2.74
N ARG A 93 6.39 -17.51 2.95
CA ARG A 93 6.92 -17.57 4.34
C ARG A 93 6.25 -16.48 5.18
N VAL A 94 5.76 -15.46 4.56
CA VAL A 94 5.09 -14.36 5.32
C VAL A 94 3.70 -14.80 5.75
N ARG A 95 3.04 -15.61 4.96
CA ARG A 95 1.69 -16.08 5.34
C ARG A 95 1.74 -16.78 6.70
N GLU A 96 2.84 -17.41 7.00
CA GLU A 96 2.97 -18.12 8.30
C GLU A 96 3.36 -17.12 9.40
N GLY A 97 4.26 -16.23 9.11
CA GLY A 97 4.68 -15.23 10.13
C GLY A 97 3.47 -14.41 10.58
N ILE A 98 2.61 -14.04 9.66
CA ILE A 98 1.41 -13.25 10.05
C ILE A 98 0.45 -14.10 10.86
N ASN A 99 0.34 -15.36 10.54
CA ASN A 99 -0.59 -16.25 11.30
C ASN A 99 -0.02 -16.53 12.69
N LYS A 100 1.28 -16.53 12.81
CA LYS A 100 1.91 -16.81 14.13
C LYS A 100 1.95 -15.51 14.96
N LYS A 101 2.10 -14.39 14.31
CA LYS A 101 2.16 -13.10 15.07
C LYS A 101 0.74 -12.56 15.28
N MET A 102 -0.21 -13.02 14.51
CA MET A 102 -1.61 -12.53 14.67
C MET A 102 -1.99 -12.49 16.15
N GLN A 103 -1.56 -13.43 16.94
CA GLN A 103 -1.91 -13.38 18.39
C GLN A 103 -1.12 -12.22 19.01
N GLU A 104 -1.78 -11.37 19.76
CA GLU A 104 -1.08 -10.21 20.37
C GLU A 104 -0.34 -9.44 19.26
N PRO A 105 -1.10 -8.83 18.37
CA PRO A 105 -0.51 -8.08 17.25
C PRO A 105 0.16 -6.79 17.76
N SER A 106 0.57 -5.94 16.85
CA SER A 106 1.22 -4.66 17.27
C SER A 106 1.11 -3.65 16.13
N ALA A 107 1.49 -2.42 16.36
CA ALA A 107 1.40 -1.40 15.28
C ALA A 107 2.58 -1.58 14.32
N HIS A 108 2.90 -2.79 13.99
CA HIS A 108 4.03 -3.05 13.05
C HIS A 108 4.04 -4.54 12.70
N THR A 109 2.88 -5.13 12.62
CA THR A 109 2.78 -6.57 12.28
C THR A 109 2.91 -6.77 10.77
N PHE A 110 2.27 -5.93 10.00
CA PHE A 110 2.36 -6.07 8.52
C PHE A 110 3.67 -5.48 8.00
N ASP A 111 4.43 -4.83 8.86
CA ASP A 111 5.72 -4.21 8.43
C ASP A 111 6.42 -5.05 7.36
N ASP A 112 6.28 -6.35 7.44
CA ASP A 112 6.93 -7.23 6.43
C ASP A 112 6.02 -7.33 5.18
N ALA A 113 4.74 -7.49 5.40
CA ALA A 113 3.80 -7.59 4.25
C ALA A 113 3.65 -6.22 3.58
N GLN A 114 3.38 -5.21 4.35
CA GLN A 114 3.22 -3.84 3.76
C GLN A 114 4.49 -3.47 3.01
N LEU A 115 5.62 -3.92 3.49
CA LEU A 115 6.90 -3.59 2.80
C LEU A 115 6.96 -4.34 1.47
N GLN A 116 6.84 -5.64 1.50
CA GLN A 116 6.90 -6.43 0.25
C GLN A 116 6.01 -5.78 -0.82
N ILE A 117 4.84 -5.33 -0.45
CA ILE A 117 3.93 -4.73 -1.47
C ILE A 117 4.50 -3.38 -1.94
N TYR A 118 4.79 -2.50 -1.03
CA TYR A 118 5.34 -1.17 -1.43
C TYR A 118 6.48 -1.39 -2.42
N THR A 119 7.10 -2.53 -2.36
CA THR A 119 8.22 -2.82 -3.30
C THR A 119 7.63 -3.22 -4.66
N LEU A 120 6.51 -3.89 -4.66
CA LEU A 120 5.89 -4.32 -5.93
C LEU A 120 5.50 -3.07 -6.73
N MET A 121 4.91 -2.10 -6.09
CA MET A 121 4.50 -0.87 -6.82
C MET A 121 5.77 -0.11 -7.24
N HIS A 122 6.75 -0.06 -6.39
CA HIS A 122 8.00 0.66 -6.74
C HIS A 122 8.70 -0.04 -7.91
N ARG A 123 8.63 -1.34 -7.95
CA ARG A 123 9.34 -2.11 -9.03
C ARG A 123 8.44 -2.29 -10.27
N ASP A 124 7.17 -2.61 -10.09
CA ASP A 124 6.29 -2.85 -11.28
C ASP A 124 5.55 -1.57 -11.73
N SER A 125 5.25 -0.68 -10.83
CA SER A 125 4.47 0.55 -11.23
C SER A 125 5.39 1.76 -11.48
N TYR A 126 6.50 1.85 -10.81
CA TYR A 126 7.38 3.04 -11.03
C TYR A 126 7.96 3.08 -12.45
N PRO A 127 8.40 1.97 -12.99
CA PRO A 127 8.99 1.97 -14.35
C PRO A 127 7.97 2.46 -15.38
N ARG A 128 6.71 2.13 -15.22
CA ARG A 128 5.68 2.58 -16.20
C ARG A 128 5.06 3.90 -15.74
N PHE A 129 4.87 4.07 -14.47
CA PHE A 129 4.26 5.35 -13.96
C PHE A 129 5.12 6.53 -14.40
N LEU A 130 6.42 6.37 -14.39
CA LEU A 130 7.32 7.49 -14.79
C LEU A 130 7.08 7.82 -16.27
N SER A 131 6.29 7.03 -16.94
CA SER A 131 6.00 7.29 -18.39
C SER A 131 4.51 7.04 -18.66
N SER A 132 3.70 6.98 -17.64
CA SER A 132 2.25 6.74 -17.85
C SER A 132 1.58 8.07 -18.24
N PRO A 133 0.53 8.03 -19.04
CA PRO A 133 -0.17 9.27 -19.45
C PRO A 133 -0.71 10.01 -18.21
N THR A 134 -1.16 9.29 -17.21
CA THR A 134 -1.70 9.95 -15.99
C THR A 134 -0.66 10.92 -15.42
N TYR A 135 0.59 10.65 -15.65
CA TYR A 135 1.67 11.56 -15.11
C TYR A 135 2.15 12.49 -16.23
N ARG A 136 2.13 12.06 -17.46
CA ARG A 136 2.59 12.95 -18.57
C ARG A 136 1.42 13.81 -19.03
N ALA A 137 0.24 13.45 -18.61
CA ALA A 137 -0.99 14.19 -18.98
C ALA A 137 -0.99 15.58 -18.35
N LEU A 138 -0.26 15.74 -17.28
CA LEU A 138 -0.18 17.07 -16.59
C LEU A 138 1.20 17.66 -16.84
N LEU A 139 2.00 16.98 -17.62
CA LEU A 139 3.38 17.48 -17.92
C LEU A 139 3.35 18.26 -19.24
N PRO A 12 -0.46 20.65 -6.87
CA PRO A 12 -0.74 20.18 -8.24
C PRO A 12 0.10 20.97 -9.24
N SER A 13 1.12 21.64 -8.76
CA SER A 13 1.99 22.45 -9.67
C SER A 13 3.16 21.55 -10.17
N PRO A 14 3.82 21.98 -11.23
CA PRO A 14 4.95 21.22 -11.79
C PRO A 14 5.97 20.87 -10.70
N GLU A 15 5.88 21.48 -9.57
CA GLU A 15 6.83 21.14 -8.47
C GLU A 15 6.55 19.71 -8.04
N GLU A 16 5.35 19.45 -7.64
CA GLU A 16 4.97 18.08 -7.22
C GLU A 16 5.35 17.10 -8.35
N VAL A 17 5.17 17.53 -9.57
CA VAL A 17 5.53 16.69 -10.76
C VAL A 17 7.05 16.63 -10.91
N GLN A 18 7.72 17.75 -10.95
CA GLN A 18 9.20 17.70 -11.13
C GLN A 18 9.86 17.11 -9.89
N SER A 19 9.25 17.23 -8.74
CA SER A 19 9.88 16.70 -7.50
C SER A 19 9.58 15.20 -7.32
N TRP A 20 8.39 14.75 -7.65
CA TRP A 20 8.06 13.30 -7.47
C TRP A 20 8.96 12.45 -8.35
N ALA A 21 9.36 12.95 -9.49
CA ALA A 21 10.21 12.12 -10.39
C ALA A 21 11.65 12.11 -9.86
N GLN A 22 11.90 12.81 -8.78
CA GLN A 22 13.27 12.85 -8.18
C GLN A 22 13.31 11.95 -6.96
N SER A 23 12.20 11.74 -6.31
CA SER A 23 12.22 10.85 -5.11
C SER A 23 10.83 10.21 -4.93
N PHE A 24 10.78 9.04 -4.35
CA PHE A 24 9.47 8.34 -4.16
C PHE A 24 8.76 8.80 -2.88
N ASP A 25 9.50 9.16 -1.85
CA ASP A 25 8.82 9.59 -0.60
C ASP A 25 7.78 10.68 -0.90
N LYS A 26 8.19 11.75 -1.53
CA LYS A 26 7.23 12.86 -1.83
C LYS A 26 5.93 12.29 -2.41
N LEU A 27 5.98 11.14 -3.03
CA LEU A 27 4.74 10.55 -3.60
C LEU A 27 3.83 10.02 -2.50
N MET A 28 4.40 9.42 -1.46
CA MET A 28 3.56 8.86 -0.36
C MET A 28 3.44 9.88 0.78
N HIS A 29 4.41 10.72 0.95
CA HIS A 29 4.36 11.72 2.07
C HIS A 29 3.52 12.93 1.67
N SER A 30 2.57 12.78 0.77
CA SER A 30 1.72 13.95 0.38
C SER A 30 0.31 13.42 -0.01
N PRO A 31 -0.74 14.18 0.28
CA PRO A 31 -2.12 13.75 -0.04
C PRO A 31 -2.37 13.67 -1.55
N ALA A 32 -1.99 14.66 -2.31
CA ALA A 32 -2.26 14.62 -3.77
C ALA A 32 -1.47 13.49 -4.44
N GLY A 33 -0.31 13.16 -3.94
CA GLY A 33 0.45 12.05 -4.58
C GLY A 33 -0.35 10.75 -4.41
N ARG A 34 -0.60 10.37 -3.20
CA ARG A 34 -1.38 9.13 -2.95
C ARG A 34 -2.64 9.14 -3.83
N SER A 35 -3.06 10.30 -4.27
CA SER A 35 -4.28 10.37 -5.12
C SER A 35 -3.97 10.00 -6.57
N VAL A 36 -3.04 10.67 -7.18
CA VAL A 36 -2.71 10.35 -8.60
C VAL A 36 -2.26 8.89 -8.71
N PHE A 37 -1.50 8.41 -7.76
CA PHE A 37 -1.05 6.99 -7.84
C PHE A 37 -2.29 6.11 -7.72
N ARG A 38 -3.23 6.51 -6.91
CA ARG A 38 -4.47 5.71 -6.73
C ARG A 38 -5.24 5.63 -8.06
N ALA A 39 -5.14 6.64 -8.90
CA ALA A 39 -5.91 6.61 -10.18
C ALA A 39 -5.17 5.75 -11.22
N PHE A 40 -3.97 6.12 -11.58
CA PHE A 40 -3.21 5.33 -12.60
C PHE A 40 -3.34 3.83 -12.29
N LEU A 41 -3.12 3.44 -11.08
CA LEU A 41 -3.23 1.99 -10.73
C LEU A 41 -4.65 1.49 -11.02
N ARG A 42 -5.66 2.24 -10.65
CA ARG A 42 -7.07 1.79 -10.88
C ARG A 42 -7.32 1.44 -12.35
N THR A 43 -6.92 2.25 -13.28
CA THR A 43 -7.19 1.92 -14.71
C THR A 43 -6.48 0.61 -15.07
N GLU A 44 -5.64 0.13 -14.20
CA GLU A 44 -4.92 -1.16 -14.46
C GLU A 44 -5.64 -2.28 -13.70
N TYR A 45 -6.74 -1.96 -13.08
CA TYR A 45 -7.50 -2.99 -12.30
C TYR A 45 -6.67 -3.46 -11.10
N SER A 46 -5.74 -2.65 -10.67
CA SER A 46 -4.88 -3.02 -9.50
C SER A 46 -4.99 -1.95 -8.42
N GLU A 47 -6.19 -1.63 -8.00
CA GLU A 47 -6.36 -0.59 -6.94
C GLU A 47 -6.27 -1.24 -5.55
N GLU A 48 -6.80 -2.43 -5.41
CA GLU A 48 -6.76 -3.12 -4.09
C GLU A 48 -5.39 -2.94 -3.42
N ASN A 49 -4.36 -2.76 -4.20
CA ASN A 49 -3.00 -2.59 -3.59
C ASN A 49 -2.90 -1.19 -2.96
N MET A 50 -3.46 -0.21 -3.60
CA MET A 50 -3.40 1.18 -3.04
C MET A 50 -4.06 1.21 -1.67
N LEU A 51 -5.33 0.89 -1.61
CA LEU A 51 -6.05 0.91 -0.31
C LEU A 51 -5.30 0.03 0.69
N PHE A 52 -4.94 -1.16 0.29
CA PHE A 52 -4.21 -2.07 1.21
C PHE A 52 -3.07 -1.31 1.89
N TRP A 53 -2.56 -0.30 1.24
CA TRP A 53 -1.44 0.49 1.85
C TRP A 53 -2.01 1.47 2.89
N LEU A 54 -3.07 2.16 2.56
CA LEU A 54 -3.65 3.12 3.54
C LEU A 54 -4.28 2.36 4.71
N ALA A 55 -5.02 1.33 4.44
CA ALA A 55 -5.65 0.56 5.55
C ALA A 55 -4.55 0.11 6.52
N CYS A 56 -3.41 -0.28 6.00
CA CYS A 56 -2.30 -0.73 6.88
C CYS A 56 -1.63 0.50 7.52
N GLU A 57 -1.46 1.56 6.78
CA GLU A 57 -0.80 2.77 7.36
C GLU A 57 -1.81 3.52 8.23
N GLU A 58 -3.07 3.19 8.13
CA GLU A 58 -4.08 3.85 9.00
C GLU A 58 -3.97 3.20 10.37
N LEU A 59 -3.76 1.91 10.38
CA LEU A 59 -3.62 1.17 11.66
C LEU A 59 -2.44 1.71 12.46
N LYS A 60 -1.62 2.55 11.87
CA LYS A 60 -0.47 3.10 12.63
C LYS A 60 -0.92 4.27 13.52
N ALA A 61 -1.98 4.93 13.16
CA ALA A 61 -2.47 6.05 13.99
C ALA A 61 -3.20 5.49 15.20
N GLU A 62 -2.80 4.34 15.66
CA GLU A 62 -3.47 3.72 16.84
C GLU A 62 -2.41 3.04 17.71
N ALA A 63 -1.82 2.00 17.22
CA ALA A 63 -0.79 1.27 18.01
C ALA A 63 -1.30 1.04 19.43
N ASN A 64 -2.59 1.20 19.63
CA ASN A 64 -3.15 0.98 20.99
C ASN A 64 -2.99 -0.50 21.36
N GLN A 65 -3.93 -1.06 22.06
CA GLN A 65 -3.83 -2.50 22.45
C GLN A 65 -5.22 -3.14 22.44
N HIS A 66 -6.25 -2.32 22.45
CA HIS A 66 -7.66 -2.87 22.45
C HIS A 66 -8.31 -2.67 21.08
N VAL A 67 -8.12 -1.54 20.43
CA VAL A 67 -8.76 -1.33 19.10
C VAL A 67 -7.85 -1.90 18.01
N VAL A 68 -6.62 -2.17 18.34
CA VAL A 68 -5.68 -2.74 17.33
C VAL A 68 -6.11 -4.18 17.02
N ASP A 69 -6.75 -4.81 17.96
CA ASP A 69 -7.18 -6.22 17.75
C ASP A 69 -8.40 -6.23 16.82
N GLU A 70 -9.37 -5.39 17.07
CA GLU A 70 -10.57 -5.37 16.18
C GLU A 70 -10.13 -5.01 14.76
N LYS A 71 -9.48 -3.89 14.62
CA LYS A 71 -8.99 -3.45 13.29
C LYS A 71 -8.02 -4.48 12.70
N ALA A 72 -7.11 -5.00 13.47
CA ALA A 72 -6.15 -6.01 12.89
C ALA A 72 -6.93 -7.05 12.10
N ARG A 73 -8.11 -7.39 12.54
CA ARG A 73 -8.91 -8.41 11.80
C ARG A 73 -9.34 -7.83 10.45
N LEU A 74 -9.81 -6.60 10.43
CA LEU A 74 -10.23 -6.00 9.12
C LEU A 74 -9.14 -6.25 8.06
N ILE A 75 -7.92 -5.86 8.33
CA ILE A 75 -6.84 -6.08 7.33
C ILE A 75 -6.70 -7.58 7.04
N TYR A 76 -6.51 -8.38 8.06
CA TYR A 76 -6.34 -9.84 7.85
C TYR A 76 -7.63 -10.46 7.29
N GLU A 77 -8.75 -9.84 7.53
CA GLU A 77 -10.05 -10.40 7.04
C GLU A 77 -10.32 -10.01 5.58
N ASP A 78 -10.28 -8.74 5.28
CA ASP A 78 -10.59 -8.28 3.89
C ASP A 78 -9.53 -8.70 2.87
N TYR A 79 -8.34 -9.08 3.28
CA TYR A 79 -7.28 -9.46 2.27
C TYR A 79 -6.79 -10.89 2.47
N VAL A 80 -5.92 -11.12 3.41
CA VAL A 80 -5.36 -12.50 3.62
C VAL A 80 -6.47 -13.56 3.46
N SER A 81 -7.68 -13.25 3.80
CA SER A 81 -8.78 -14.25 3.64
C SER A 81 -9.18 -14.31 2.17
N ILE A 82 -10.15 -15.12 1.83
CA ILE A 82 -10.58 -15.20 0.40
C ILE A 82 -11.55 -14.06 0.12
N LEU A 83 -11.76 -13.70 -1.13
CA LEU A 83 -12.69 -12.59 -1.43
C LEU A 83 -12.94 -12.45 -2.94
N SER A 84 -11.95 -12.67 -3.77
CA SER A 84 -12.15 -12.54 -5.24
C SER A 84 -10.83 -12.91 -5.94
N PRO A 85 -10.85 -13.08 -7.25
CA PRO A 85 -9.62 -13.44 -7.99
C PRO A 85 -8.55 -12.35 -7.77
N LYS A 86 -8.86 -11.33 -7.01
CA LYS A 86 -7.86 -10.26 -6.76
C LYS A 86 -6.92 -10.69 -5.62
N GLU A 87 -7.12 -10.17 -4.44
CA GLU A 87 -6.24 -10.54 -3.28
C GLU A 87 -4.80 -10.11 -3.56
N VAL A 88 -4.22 -9.34 -2.68
CA VAL A 88 -2.82 -8.88 -2.89
C VAL A 88 -1.94 -10.07 -3.31
N SER A 89 -1.09 -9.87 -4.29
CA SER A 89 -0.21 -10.98 -4.74
C SER A 89 0.84 -11.27 -3.65
N LEU A 90 0.50 -12.07 -2.68
CA LEU A 90 1.48 -12.39 -1.60
C LEU A 90 1.14 -13.75 -0.98
N ASP A 91 2.13 -14.45 -0.49
CA ASP A 91 1.91 -15.78 0.14
C ASP A 91 3.24 -16.54 0.18
N SER A 92 3.87 -16.59 1.32
CA SER A 92 5.17 -17.32 1.41
C SER A 92 5.52 -17.48 2.89
N ARG A 93 6.78 -17.66 3.20
CA ARG A 93 7.19 -17.81 4.62
C ARG A 93 6.51 -16.73 5.46
N VAL A 94 6.08 -15.67 4.83
CA VAL A 94 5.41 -14.57 5.58
C VAL A 94 4.06 -15.08 6.10
N ARG A 95 3.42 -15.95 5.35
CA ARG A 95 2.10 -16.48 5.80
C ARG A 95 2.24 -17.07 7.21
N GLU A 96 3.39 -17.59 7.53
CA GLU A 96 3.59 -18.18 8.89
C GLU A 96 3.93 -17.08 9.89
N GLY A 97 4.65 -16.07 9.46
CA GLY A 97 5.01 -14.97 10.40
C GLY A 97 3.76 -14.21 10.83
N ILE A 98 2.89 -13.90 9.91
CA ILE A 98 1.66 -13.15 10.27
C ILE A 98 0.76 -14.01 11.15
N ASN A 99 0.63 -15.27 10.84
CA ASN A 99 -0.24 -16.16 11.66
C ASN A 99 0.34 -16.26 13.07
N LYS A 100 1.62 -16.03 13.23
CA LYS A 100 2.25 -16.13 14.58
C LYS A 100 2.22 -14.76 15.27
N LYS A 101 2.46 -13.70 14.52
CA LYS A 101 2.46 -12.35 15.14
C LYS A 101 1.02 -11.88 15.36
N MET A 102 0.09 -12.45 14.64
CA MET A 102 -1.35 -12.05 14.81
C MET A 102 -1.69 -11.91 16.29
N GLN A 103 -1.13 -12.72 17.15
CA GLN A 103 -1.44 -12.56 18.60
C GLN A 103 -0.70 -11.32 19.11
N GLU A 104 -1.25 -10.65 20.11
CA GLU A 104 -0.62 -9.40 20.66
C GLU A 104 0.07 -8.60 19.54
N PRO A 105 -0.73 -8.09 18.62
CA PRO A 105 -0.19 -7.31 17.48
C PRO A 105 0.44 -6.01 17.99
N SER A 106 0.76 -5.11 17.08
CA SER A 106 1.37 -3.81 17.51
C SER A 106 1.53 -2.91 16.28
N ALA A 107 0.55 -2.89 15.43
CA ALA A 107 0.63 -2.03 14.20
C ALA A 107 1.74 -2.55 13.28
N HIS A 108 2.89 -2.87 13.83
CA HIS A 108 3.99 -3.38 12.97
C HIS A 108 3.71 -4.86 12.67
N THR A 109 2.48 -5.20 12.46
CA THR A 109 2.11 -6.62 12.18
C THR A 109 2.29 -6.93 10.70
N PHE A 110 1.87 -6.05 9.83
CA PHE A 110 1.97 -6.31 8.36
C PHE A 110 3.21 -5.62 7.77
N ASP A 111 3.96 -4.89 8.57
CA ASP A 111 5.17 -4.18 8.04
C ASP A 111 5.88 -5.03 6.99
N ASP A 112 6.24 -6.24 7.31
CA ASP A 112 6.94 -7.10 6.32
C ASP A 112 6.05 -7.30 5.09
N ALA A 113 4.78 -7.55 5.31
CA ALA A 113 3.85 -7.76 4.16
C ALA A 113 3.59 -6.43 3.47
N GLN A 114 3.25 -5.42 4.23
CA GLN A 114 2.95 -4.10 3.63
C GLN A 114 4.21 -3.53 2.99
N LEU A 115 5.37 -3.95 3.43
CA LEU A 115 6.63 -3.43 2.83
C LEU A 115 6.87 -4.16 1.51
N GLN A 116 6.93 -5.47 1.56
CA GLN A 116 7.18 -6.26 0.33
C GLN A 116 6.30 -5.73 -0.81
N ILE A 117 5.08 -5.38 -0.51
CA ILE A 117 4.18 -4.89 -1.60
C ILE A 117 4.63 -3.49 -2.05
N TYR A 118 4.89 -2.62 -1.12
CA TYR A 118 5.34 -1.25 -1.48
C TYR A 118 6.51 -1.38 -2.47
N THR A 119 7.19 -2.50 -2.43
CA THR A 119 8.33 -2.71 -3.35
C THR A 119 7.80 -3.21 -4.70
N LEU A 120 6.74 -3.97 -4.70
CA LEU A 120 6.19 -4.49 -5.99
C LEU A 120 5.76 -3.29 -6.85
N MET A 121 5.12 -2.32 -6.27
CA MET A 121 4.68 -1.13 -7.06
C MET A 121 5.91 -0.35 -7.54
N HIS A 122 6.74 0.07 -6.63
CA HIS A 122 7.95 0.85 -7.03
C HIS A 122 8.72 0.08 -8.13
N ARG A 123 8.74 -1.21 -8.05
CA ARG A 123 9.52 -1.99 -9.07
C ARG A 123 8.69 -2.22 -10.34
N ASP A 124 7.44 -2.58 -10.21
CA ASP A 124 6.60 -2.86 -11.43
C ASP A 124 5.79 -1.63 -11.87
N SER A 125 5.48 -0.74 -10.97
CA SER A 125 4.65 0.46 -11.35
C SER A 125 5.51 1.69 -11.69
N TYR A 126 6.64 1.84 -11.08
CA TYR A 126 7.47 3.06 -11.37
C TYR A 126 8.02 3.06 -12.80
N PRO A 127 8.48 1.93 -13.31
CA PRO A 127 9.03 1.91 -14.69
C PRO A 127 7.96 2.37 -15.69
N ARG A 128 6.72 2.03 -15.46
CA ARG A 128 5.63 2.43 -16.41
C ARG A 128 4.95 3.72 -15.93
N PHE A 129 4.77 3.88 -14.64
CA PHE A 129 4.12 5.13 -14.13
C PHE A 129 4.97 6.34 -14.51
N LEU A 130 6.27 6.20 -14.48
CA LEU A 130 7.15 7.36 -14.84
C LEU A 130 6.96 7.67 -16.33
N SER A 131 6.26 6.80 -17.02
CA SER A 131 6.00 7.01 -18.48
C SER A 131 4.50 6.95 -18.75
N SER A 132 3.69 6.90 -17.73
CA SER A 132 2.22 6.82 -17.94
C SER A 132 1.68 8.25 -18.22
N PRO A 133 0.63 8.37 -19.01
CA PRO A 133 0.05 9.69 -19.32
C PRO A 133 -0.46 10.36 -18.03
N THR A 134 -0.89 9.58 -17.08
CA THR A 134 -1.43 10.15 -15.81
C THR A 134 -0.43 11.16 -15.23
N TYR A 135 0.85 10.96 -15.46
CA TYR A 135 1.87 11.91 -14.92
C TYR A 135 2.27 12.90 -16.01
N ARG A 136 2.20 12.53 -17.27
CA ARG A 136 2.55 13.50 -18.35
C ARG A 136 1.26 14.19 -18.77
N ALA A 137 0.19 13.88 -18.08
CA ALA A 137 -1.13 14.51 -18.39
C ALA A 137 -1.14 15.93 -17.84
N LEU A 138 -0.35 16.16 -16.82
CA LEU A 138 -0.24 17.52 -16.22
C LEU A 138 1.12 18.06 -16.61
N LEU A 139 1.77 17.36 -17.50
CA LEU A 139 3.13 17.76 -17.98
C LEU A 139 3.35 17.17 -19.37
N PRO A 12 0.29 20.16 -6.78
CA PRO A 12 -0.59 20.70 -7.83
C PRO A 12 0.22 21.57 -8.80
N SER A 13 1.48 21.26 -8.98
CA SER A 13 2.32 22.08 -9.90
C SER A 13 3.57 21.27 -10.30
N PRO A 14 4.25 21.69 -11.35
CA PRO A 14 5.47 20.99 -11.81
C PRO A 14 6.46 20.79 -10.65
N GLU A 15 6.16 21.29 -9.49
CA GLU A 15 7.08 21.09 -8.33
C GLU A 15 6.77 19.71 -7.74
N GLU A 16 5.57 19.26 -7.89
CA GLU A 16 5.18 17.93 -7.37
C GLU A 16 5.53 16.89 -8.44
N VAL A 17 5.35 17.26 -9.67
CA VAL A 17 5.69 16.36 -10.81
C VAL A 17 7.20 16.32 -11.02
N GLN A 18 7.86 17.43 -11.13
CA GLN A 18 9.33 17.39 -11.35
C GLN A 18 10.03 16.80 -10.11
N SER A 19 9.48 17.00 -8.94
CA SER A 19 10.13 16.48 -7.70
C SER A 19 9.76 15.01 -7.42
N TRP A 20 8.53 14.62 -7.67
CA TRP A 20 8.14 13.20 -7.39
C TRP A 20 8.98 12.25 -8.24
N ALA A 21 9.35 12.67 -9.41
CA ALA A 21 10.16 11.78 -10.29
C ALA A 21 11.60 11.74 -9.78
N GLN A 22 11.87 12.43 -8.70
CA GLN A 22 13.25 12.44 -8.13
C GLN A 22 13.27 11.63 -6.84
N SER A 23 12.15 11.50 -6.18
CA SER A 23 12.11 10.70 -4.91
C SER A 23 10.74 10.06 -4.73
N PHE A 24 10.68 8.91 -4.09
CA PHE A 24 9.37 8.22 -3.91
C PHE A 24 8.68 8.71 -2.63
N ASP A 25 9.41 9.01 -1.59
CA ASP A 25 8.74 9.48 -0.34
C ASP A 25 7.73 10.59 -0.67
N LYS A 26 8.20 11.65 -1.29
CA LYS A 26 7.29 12.78 -1.64
C LYS A 26 5.99 12.24 -2.24
N LEU A 27 6.02 11.09 -2.85
CA LEU A 27 4.78 10.53 -3.48
C LEU A 27 3.79 10.08 -2.40
N MET A 28 4.27 9.50 -1.33
CA MET A 28 3.34 9.01 -0.26
C MET A 28 3.27 10.03 0.89
N HIS A 29 4.28 10.82 1.07
CA HIS A 29 4.26 11.80 2.19
C HIS A 29 3.54 13.09 1.79
N SER A 30 2.58 13.01 0.89
CA SER A 30 1.83 14.25 0.48
C SER A 30 0.38 13.86 0.14
N PRO A 31 -0.59 14.73 0.42
CA PRO A 31 -2.02 14.42 0.15
C PRO A 31 -2.30 14.23 -1.35
N ALA A 32 -1.73 15.05 -2.19
CA ALA A 32 -2.03 14.92 -3.66
C ALA A 32 -1.29 13.72 -4.26
N GLY A 33 -0.18 13.33 -3.72
CA GLY A 33 0.55 12.16 -4.30
C GLY A 33 -0.35 10.92 -4.24
N ARG A 34 -0.61 10.44 -3.06
CA ARG A 34 -1.47 9.22 -2.92
C ARG A 34 -2.70 9.32 -3.83
N SER A 35 -3.00 10.50 -4.33
CA SER A 35 -4.19 10.66 -5.22
C SER A 35 -3.86 10.21 -6.65
N VAL A 36 -2.92 10.85 -7.29
CA VAL A 36 -2.58 10.47 -8.69
C VAL A 36 -2.25 8.99 -8.77
N PHE A 37 -1.54 8.46 -7.81
CA PHE A 37 -1.20 7.02 -7.85
C PHE A 37 -2.50 6.22 -7.72
N ARG A 38 -3.40 6.69 -6.90
CA ARG A 38 -4.69 5.96 -6.71
C ARG A 38 -5.45 5.92 -8.04
N ALA A 39 -5.28 6.90 -8.89
CA ALA A 39 -6.04 6.91 -10.18
C ALA A 39 -5.33 6.05 -11.23
N PHE A 40 -4.14 6.41 -11.63
CA PHE A 40 -3.40 5.61 -12.66
C PHE A 40 -3.52 4.12 -12.34
N LEU A 41 -3.21 3.73 -11.13
CA LEU A 41 -3.32 2.29 -10.75
C LEU A 41 -4.74 1.79 -10.99
N ARG A 42 -5.74 2.53 -10.57
CA ARG A 42 -7.15 2.09 -10.77
C ARG A 42 -7.33 1.57 -12.21
N THR A 43 -6.74 2.23 -13.16
CA THR A 43 -6.86 1.76 -14.56
C THR A 43 -6.35 0.32 -14.62
N GLU A 44 -5.08 0.13 -14.39
CA GLU A 44 -4.50 -1.25 -14.43
C GLU A 44 -5.32 -2.20 -13.55
N TYR A 45 -6.33 -1.72 -12.88
CA TYR A 45 -7.16 -2.62 -12.00
C TYR A 45 -6.35 -3.03 -10.76
N SER A 46 -5.43 -2.21 -10.34
CA SER A 46 -4.59 -2.53 -9.14
C SER A 46 -4.83 -1.48 -8.04
N GLU A 47 -6.06 -1.24 -7.69
CA GLU A 47 -6.36 -0.22 -6.63
C GLU A 47 -6.34 -0.90 -5.25
N GLU A 48 -7.01 -2.01 -5.12
CA GLU A 48 -7.06 -2.70 -3.81
C GLU A 48 -5.65 -2.82 -3.22
N ASN A 49 -4.67 -3.11 -4.05
CA ASN A 49 -3.28 -3.23 -3.53
C ASN A 49 -2.87 -1.94 -2.82
N MET A 50 -3.23 -0.81 -3.37
CA MET A 50 -2.86 0.47 -2.70
C MET A 50 -3.70 0.61 -1.45
N LEU A 51 -4.94 0.23 -1.51
CA LEU A 51 -5.81 0.33 -0.31
C LEU A 51 -5.11 -0.42 0.82
N PHE A 52 -4.65 -1.60 0.54
CA PHE A 52 -3.92 -2.40 1.57
C PHE A 52 -2.84 -1.51 2.20
N TRP A 53 -2.21 -0.68 1.41
CA TRP A 53 -1.15 0.21 1.97
C TRP A 53 -1.79 1.26 2.88
N LEU A 54 -2.84 1.91 2.43
CA LEU A 54 -3.50 2.94 3.29
C LEU A 54 -4.08 2.29 4.54
N ALA A 55 -4.78 1.19 4.39
CA ALA A 55 -5.37 0.53 5.59
C ALA A 55 -4.31 0.40 6.69
N CYS A 56 -3.09 0.08 6.32
CA CYS A 56 -2.01 -0.04 7.34
C CYS A 56 -1.69 1.35 7.90
N GLU A 57 -1.66 2.35 7.06
CA GLU A 57 -1.35 3.73 7.52
C GLU A 57 -2.28 4.14 8.67
N GLU A 58 -3.51 3.72 8.64
CA GLU A 58 -4.46 4.10 9.72
C GLU A 58 -4.14 3.32 11.00
N LEU A 59 -3.98 2.03 10.89
CA LEU A 59 -3.70 1.20 12.10
C LEU A 59 -2.57 1.83 12.92
N LYS A 60 -1.77 2.69 12.36
CA LYS A 60 -0.67 3.32 13.15
C LYS A 60 -1.23 4.48 13.98
N ALA A 61 -2.33 5.06 13.55
CA ALA A 61 -2.91 6.19 14.32
C ALA A 61 -3.65 5.65 15.54
N GLU A 62 -4.14 4.44 15.46
CA GLU A 62 -4.86 3.85 16.62
C GLU A 62 -4.00 4.07 17.87
N ALA A 63 -2.83 3.50 17.89
CA ALA A 63 -1.93 3.67 19.08
C ALA A 63 -2.48 2.87 20.26
N ASN A 64 -3.77 2.66 20.29
CA ASN A 64 -4.38 1.89 21.41
C ASN A 64 -3.74 0.50 21.50
N GLN A 65 -4.43 -0.42 22.10
CA GLN A 65 -3.91 -1.82 22.24
C GLN A 65 -5.11 -2.77 22.24
N HIS A 66 -6.29 -2.22 22.32
CA HIS A 66 -7.52 -3.06 22.31
C HIS A 66 -8.18 -2.96 20.94
N VAL A 67 -8.06 -1.81 20.29
CA VAL A 67 -8.67 -1.65 18.95
C VAL A 67 -7.73 -2.24 17.91
N VAL A 68 -6.51 -2.47 18.28
CA VAL A 68 -5.52 -3.05 17.33
C VAL A 68 -5.99 -4.46 16.99
N ASP A 69 -6.75 -5.05 17.86
CA ASP A 69 -7.24 -6.44 17.62
C ASP A 69 -8.43 -6.42 16.64
N GLU A 70 -9.45 -5.68 16.93
CA GLU A 70 -10.61 -5.63 16.01
C GLU A 70 -10.13 -5.33 14.59
N LYS A 71 -9.36 -4.29 14.46
CA LYS A 71 -8.82 -3.87 13.13
C LYS A 71 -7.84 -4.92 12.58
N ALA A 72 -6.93 -5.41 13.39
CA ALA A 72 -5.96 -6.40 12.85
C ALA A 72 -6.71 -7.51 12.10
N ARG A 73 -7.97 -7.70 12.41
CA ARG A 73 -8.76 -8.75 11.71
C ARG A 73 -9.24 -8.20 10.36
N LEU A 74 -9.80 -7.01 10.36
CA LEU A 74 -10.28 -6.40 9.08
C LEU A 74 -9.23 -6.61 7.98
N ILE A 75 -7.99 -6.34 8.25
CA ILE A 75 -6.93 -6.53 7.21
C ILE A 75 -6.71 -8.03 6.98
N TYR A 76 -6.50 -8.77 8.03
CA TYR A 76 -6.27 -10.24 7.87
C TYR A 76 -7.49 -10.85 7.17
N GLU A 77 -8.66 -10.55 7.67
CA GLU A 77 -9.91 -11.08 7.07
C GLU A 77 -10.05 -10.67 5.60
N ASP A 78 -9.76 -9.43 5.31
CA ASP A 78 -9.92 -8.92 3.91
C ASP A 78 -8.89 -9.47 2.93
N TYR A 79 -7.77 -9.98 3.35
CA TYR A 79 -6.76 -10.48 2.34
C TYR A 79 -5.96 -11.68 2.86
N VAL A 80 -6.53 -12.51 3.70
CA VAL A 80 -5.76 -13.70 4.18
C VAL A 80 -6.73 -14.86 4.50
N SER A 81 -7.79 -14.58 5.19
CA SER A 81 -8.76 -15.67 5.54
C SER A 81 -9.30 -16.33 4.25
N ILE A 82 -10.46 -16.90 4.32
CA ILE A 82 -11.04 -17.57 3.12
C ILE A 82 -10.93 -16.66 1.89
N LEU A 83 -10.59 -15.41 2.09
CA LEU A 83 -10.48 -14.49 0.92
C LEU A 83 -9.52 -15.11 -0.11
N SER A 84 -9.91 -15.15 -1.37
CA SER A 84 -9.03 -15.75 -2.42
C SER A 84 -9.00 -14.89 -3.70
N PRO A 85 -10.15 -14.43 -4.16
CA PRO A 85 -10.21 -13.61 -5.40
C PRO A 85 -9.65 -12.20 -5.10
N LYS A 86 -9.24 -11.47 -6.11
CA LYS A 86 -8.70 -10.10 -5.87
C LYS A 86 -7.73 -10.10 -4.68
N GLU A 87 -7.26 -11.26 -4.29
CA GLU A 87 -6.31 -11.31 -3.14
C GLU A 87 -4.96 -10.74 -3.55
N VAL A 88 -4.52 -9.69 -2.91
CA VAL A 88 -3.21 -9.07 -3.26
C VAL A 88 -2.16 -10.17 -3.43
N SER A 89 -1.29 -10.02 -4.40
CA SER A 89 -0.23 -11.05 -4.62
C SER A 89 0.65 -11.17 -3.38
N LEU A 90 0.35 -12.07 -2.50
CA LEU A 90 1.17 -12.25 -1.27
C LEU A 90 1.15 -13.72 -0.84
N ASP A 91 2.24 -14.21 -0.32
CA ASP A 91 2.30 -15.63 0.13
C ASP A 91 3.70 -15.91 0.68
N SER A 92 4.41 -16.83 0.09
CA SER A 92 5.79 -17.15 0.57
C SER A 92 5.78 -17.43 2.07
N ARG A 93 6.90 -17.83 2.61
CA ARG A 93 6.96 -18.12 4.07
C ARG A 93 6.38 -16.94 4.84
N VAL A 94 6.35 -15.79 4.23
CA VAL A 94 5.78 -14.60 4.93
C VAL A 94 4.37 -14.94 5.41
N ARG A 95 3.64 -15.68 4.63
CA ARG A 95 2.25 -16.04 5.04
C ARG A 95 2.28 -16.64 6.45
N GLU A 96 3.29 -17.39 6.76
CA GLU A 96 3.39 -18.01 8.12
C GLU A 96 3.82 -16.94 9.13
N GLY A 97 4.66 -16.03 8.73
CA GLY A 97 5.10 -14.97 9.68
C GLY A 97 3.90 -14.15 10.13
N ILE A 98 3.04 -13.80 9.22
CA ILE A 98 1.84 -12.98 9.61
C ILE A 98 0.98 -13.79 10.58
N ASN A 99 0.85 -15.07 10.35
CA ASN A 99 0.03 -15.91 11.27
C ASN A 99 0.77 -16.06 12.60
N LYS A 100 2.01 -15.64 12.66
CA LYS A 100 2.79 -15.76 13.93
C LYS A 100 2.73 -14.44 14.71
N LYS A 101 2.76 -13.32 14.03
CA LYS A 101 2.72 -12.02 14.73
C LYS A 101 1.25 -11.60 14.94
N MET A 102 0.35 -12.27 14.28
CA MET A 102 -1.10 -11.93 14.43
C MET A 102 -1.45 -11.82 15.92
N GLN A 103 -1.14 -12.83 16.69
CA GLN A 103 -1.48 -12.76 18.14
C GLN A 103 -0.67 -11.64 18.80
N GLU A 104 -1.20 -11.04 19.82
CA GLU A 104 -0.48 -9.93 20.51
C GLU A 104 0.12 -8.97 19.46
N PRO A 105 -0.73 -8.36 18.66
CA PRO A 105 -0.26 -7.42 17.62
C PRO A 105 0.49 -6.25 18.26
N SER A 106 0.70 -5.19 17.51
CA SER A 106 1.42 -4.01 18.07
C SER A 106 1.46 -2.90 17.01
N ALA A 107 0.45 -2.85 16.18
CA ALA A 107 0.40 -1.80 15.12
C ALA A 107 1.62 -1.92 14.19
N HIS A 108 1.38 -1.83 12.91
CA HIS A 108 2.51 -1.91 11.93
C HIS A 108 3.21 -3.28 12.04
N THR A 109 2.50 -4.30 12.43
CA THR A 109 3.15 -5.65 12.53
C THR A 109 3.26 -6.27 11.13
N PHE A 110 2.66 -5.65 10.15
CA PHE A 110 2.70 -6.18 8.76
C PHE A 110 3.91 -5.62 8.03
N ASP A 111 4.90 -5.13 8.73
CA ASP A 111 6.10 -4.55 8.06
C ASP A 111 6.53 -5.42 6.87
N ASP A 112 7.05 -6.59 7.13
CA ASP A 112 7.50 -7.48 6.02
C ASP A 112 6.43 -7.52 4.92
N ALA A 113 5.20 -7.71 5.27
CA ALA A 113 4.11 -7.77 4.25
C ALA A 113 3.88 -6.38 3.65
N GLN A 114 3.61 -5.41 4.48
CA GLN A 114 3.36 -4.03 3.96
C GLN A 114 4.58 -3.55 3.18
N LEU A 115 5.73 -4.09 3.48
CA LEU A 115 6.95 -3.67 2.75
C LEU A 115 6.99 -4.40 1.41
N GLN A 116 6.73 -5.68 1.43
CA GLN A 116 6.75 -6.45 0.16
C GLN A 116 5.87 -5.76 -0.88
N ILE A 117 4.71 -5.27 -0.49
CA ILE A 117 3.81 -4.65 -1.48
C ILE A 117 4.37 -3.29 -1.93
N TYR A 118 4.68 -2.43 -0.99
CA TYR A 118 5.25 -1.10 -1.35
C TYR A 118 6.45 -1.32 -2.26
N THR A 119 7.09 -2.45 -2.13
CA THR A 119 8.27 -2.75 -2.99
C THR A 119 7.79 -3.27 -4.34
N LEU A 120 6.72 -4.02 -4.35
CA LEU A 120 6.21 -4.56 -5.64
C LEU A 120 5.53 -3.43 -6.41
N MET A 121 4.80 -2.60 -5.73
CA MET A 121 4.12 -1.47 -6.41
C MET A 121 5.17 -0.47 -6.89
N HIS A 122 6.31 -0.46 -6.27
CA HIS A 122 7.39 0.49 -6.68
C HIS A 122 8.16 -0.06 -7.88
N ARG A 123 8.28 -1.36 -7.98
CA ARG A 123 9.06 -1.95 -9.13
C ARG A 123 8.16 -2.18 -10.35
N ASP A 124 6.92 -2.54 -10.14
CA ASP A 124 6.02 -2.78 -11.31
C ASP A 124 5.40 -1.47 -11.80
N SER A 125 5.25 -0.52 -10.92
CA SER A 125 4.65 0.79 -11.34
C SER A 125 5.72 1.73 -11.91
N TYR A 126 6.95 1.55 -11.52
CA TYR A 126 8.03 2.46 -12.03
C TYR A 126 8.17 2.42 -13.58
N PRO A 127 8.32 1.24 -14.14
CA PRO A 127 8.53 1.13 -15.60
C PRO A 127 7.47 1.90 -16.39
N ARG A 128 6.22 1.83 -15.99
CA ARG A 128 5.14 2.52 -16.75
C ARG A 128 4.75 3.85 -16.09
N PHE A 129 4.72 3.92 -14.79
CA PHE A 129 4.32 5.19 -14.13
C PHE A 129 5.13 6.36 -14.71
N LEU A 130 6.43 6.31 -14.64
CA LEU A 130 7.25 7.44 -15.17
C LEU A 130 6.94 7.65 -16.66
N SER A 131 6.20 6.75 -17.26
CA SER A 131 5.87 6.89 -18.71
C SER A 131 4.35 6.79 -18.89
N SER A 132 3.60 6.82 -17.82
CA SER A 132 2.12 6.72 -17.93
C SER A 132 1.56 8.12 -18.29
N PRO A 133 0.47 8.18 -19.04
CA PRO A 133 -0.12 9.49 -19.40
C PRO A 133 -0.56 10.24 -18.14
N THR A 134 -1.00 9.54 -17.13
CA THR A 134 -1.46 10.21 -15.88
C THR A 134 -0.35 11.14 -15.37
N TYR A 135 0.88 10.84 -15.66
CA TYR A 135 2.01 11.71 -15.19
C TYR A 135 2.43 12.64 -16.33
N ARG A 136 2.32 12.25 -17.57
CA ARG A 136 2.68 13.19 -18.68
C ARG A 136 1.42 13.98 -19.05
N ALA A 137 0.40 13.83 -18.25
CA ALA A 137 -0.89 14.54 -18.48
C ALA A 137 -0.89 15.87 -17.73
N LEU A 138 -0.23 15.93 -16.61
CA LEU A 138 -0.18 17.19 -15.82
C LEU A 138 1.18 17.85 -16.05
N LEU A 139 1.99 17.23 -16.86
CA LEU A 139 3.34 17.81 -17.16
C LEU A 139 3.29 18.57 -18.49
N PRO A 12 0.03 20.06 -6.34
CA PRO A 12 -0.84 20.57 -7.43
C PRO A 12 -0.01 21.49 -8.35
N SER A 13 1.25 21.18 -8.54
CA SER A 13 2.09 22.04 -9.42
C SER A 13 3.31 21.23 -9.90
N PRO A 14 3.99 21.72 -10.93
CA PRO A 14 5.18 21.03 -11.47
C PRO A 14 6.19 20.72 -10.36
N GLU A 15 5.91 21.12 -9.14
CA GLU A 15 6.85 20.79 -8.02
C GLU A 15 6.56 19.37 -7.57
N GLU A 16 5.32 18.97 -7.62
CA GLU A 16 4.95 17.59 -7.22
C GLU A 16 5.32 16.65 -8.36
N VAL A 17 5.18 17.13 -9.56
CA VAL A 17 5.53 16.34 -10.77
C VAL A 17 7.05 16.35 -10.99
N GLN A 18 7.71 17.45 -10.80
CA GLN A 18 9.18 17.47 -11.03
C GLN A 18 9.91 16.88 -9.81
N SER A 19 9.36 17.01 -8.63
CA SER A 19 10.05 16.47 -7.42
C SER A 19 9.72 14.98 -7.20
N TRP A 20 8.50 14.56 -7.47
CA TRP A 20 8.16 13.12 -7.26
C TRP A 20 9.02 12.25 -8.16
N ALA A 21 9.46 12.78 -9.27
CA ALA A 21 10.29 11.96 -10.20
C ALA A 21 11.74 11.92 -9.68
N GLN A 22 11.98 12.50 -8.54
CA GLN A 22 13.37 12.51 -7.97
C GLN A 22 13.41 11.61 -6.74
N SER A 23 12.28 11.33 -6.15
CA SER A 23 12.28 10.44 -4.95
C SER A 23 10.90 9.77 -4.79
N PHE A 24 10.87 8.59 -4.22
CA PHE A 24 9.57 7.88 -4.04
C PHE A 24 8.88 8.31 -2.74
N ASP A 25 9.62 8.61 -1.71
CA ASP A 25 8.98 9.02 -0.43
C ASP A 25 7.98 10.16 -0.70
N LYS A 26 8.44 11.22 -1.32
CA LYS A 26 7.53 12.37 -1.60
C LYS A 26 6.20 11.87 -2.19
N LEU A 27 6.21 10.74 -2.84
CA LEU A 27 4.95 10.21 -3.45
C LEU A 27 3.93 9.90 -2.35
N MET A 28 4.38 9.53 -1.18
CA MET A 28 3.43 9.17 -0.07
C MET A 28 3.41 10.26 1.03
N HIS A 29 4.37 11.14 1.05
CA HIS A 29 4.37 12.18 2.13
C HIS A 29 3.39 13.31 1.80
N SER A 30 2.40 13.07 0.98
CA SER A 30 1.41 14.16 0.66
C SER A 30 0.06 13.51 0.30
N PRO A 31 -1.05 14.19 0.60
CA PRO A 31 -2.39 13.64 0.30
C PRO A 31 -2.61 13.51 -1.21
N ALA A 32 -2.23 14.50 -1.99
CA ALA A 32 -2.46 14.42 -3.45
C ALA A 32 -1.62 13.32 -4.09
N GLY A 33 -0.47 13.04 -3.55
CA GLY A 33 0.36 11.94 -4.14
C GLY A 33 -0.42 10.64 -4.09
N ARG A 34 -0.61 10.10 -2.90
CA ARG A 34 -1.36 8.83 -2.76
C ARG A 34 -2.61 8.86 -3.64
N SER A 35 -3.02 10.01 -4.08
CA SER A 35 -4.25 10.10 -4.93
C SER A 35 -3.92 9.77 -6.38
N VAL A 36 -3.07 10.54 -7.01
CA VAL A 36 -2.72 10.26 -8.43
C VAL A 36 -2.35 8.79 -8.59
N PHE A 37 -1.60 8.26 -7.65
CA PHE A 37 -1.22 6.82 -7.76
C PHE A 37 -2.48 5.98 -7.64
N ARG A 38 -3.41 6.41 -6.84
CA ARG A 38 -4.67 5.65 -6.65
C ARG A 38 -5.50 5.67 -7.94
N ALA A 39 -5.38 6.70 -8.75
CA ALA A 39 -6.22 6.77 -9.98
C ALA A 39 -5.61 5.92 -11.11
N PHE A 40 -4.44 6.28 -11.58
CA PHE A 40 -3.79 5.50 -12.69
C PHE A 40 -3.94 4.00 -12.42
N LEU A 41 -3.63 3.58 -11.22
CA LEU A 41 -3.75 2.14 -10.86
C LEU A 41 -5.21 1.67 -11.06
N ARG A 42 -6.17 2.41 -10.55
CA ARG A 42 -7.60 2.00 -10.70
C ARG A 42 -7.87 1.54 -12.13
N THR A 43 -7.30 2.21 -13.10
CA THR A 43 -7.51 1.80 -14.51
C THR A 43 -7.04 0.35 -14.66
N GLU A 44 -5.76 0.13 -14.50
CA GLU A 44 -5.23 -1.26 -14.63
C GLU A 44 -5.78 -2.14 -13.51
N TYR A 45 -6.83 -1.74 -12.86
CA TYR A 45 -7.40 -2.59 -11.77
C TYR A 45 -6.33 -2.94 -10.74
N SER A 46 -5.35 -2.08 -10.57
CA SER A 46 -4.25 -2.34 -9.58
C SER A 46 -4.40 -1.39 -8.38
N GLU A 47 -5.61 -1.19 -7.92
CA GLU A 47 -5.81 -0.28 -6.75
C GLU A 47 -5.67 -1.08 -5.44
N GLU A 48 -6.18 -2.28 -5.40
CA GLU A 48 -6.08 -3.10 -4.15
C GLU A 48 -4.66 -3.02 -3.58
N ASN A 49 -3.70 -2.69 -4.38
CA ASN A 49 -2.30 -2.59 -3.88
C ASN A 49 -2.17 -1.37 -2.97
N MET A 50 -2.79 -0.27 -3.32
CA MET A 50 -2.68 0.95 -2.47
C MET A 50 -3.61 0.80 -1.27
N LEU A 51 -4.85 0.50 -1.50
CA LEU A 51 -5.78 0.36 -0.36
C LEU A 51 -5.16 -0.57 0.69
N PHE A 52 -4.85 -1.78 0.30
CA PHE A 52 -4.21 -2.74 1.26
C PHE A 52 -3.06 -2.02 1.98
N TRP A 53 -2.33 -1.21 1.26
CA TRP A 53 -1.21 -0.45 1.88
C TRP A 53 -1.81 0.69 2.72
N LEU A 54 -2.81 1.34 2.18
CA LEU A 54 -3.46 2.49 2.91
C LEU A 54 -4.03 1.99 4.24
N ALA A 55 -4.71 0.86 4.23
CA ALA A 55 -5.29 0.34 5.51
C ALA A 55 -4.17 -0.19 6.40
N CYS A 56 -3.16 -0.78 5.81
CA CYS A 56 -2.03 -1.32 6.62
C CYS A 56 -1.24 -0.17 7.25
N GLU A 57 -0.98 0.88 6.52
CA GLU A 57 -0.21 2.01 7.10
C GLU A 57 -1.13 2.88 7.95
N GLU A 58 -2.41 2.68 7.85
CA GLU A 58 -3.35 3.47 8.70
C GLU A 58 -3.31 2.89 10.11
N LEU A 59 -3.02 1.62 10.19
CA LEU A 59 -2.96 0.95 11.51
C LEU A 59 -1.79 1.50 12.32
N LYS A 60 -0.95 2.32 11.73
CA LYS A 60 0.20 2.90 12.49
C LYS A 60 -0.28 4.11 13.29
N ALA A 61 -1.31 4.77 12.82
CA ALA A 61 -1.83 5.95 13.56
C ALA A 61 -2.72 5.48 14.71
N GLU A 62 -2.47 4.29 15.19
CA GLU A 62 -3.29 3.74 16.31
C GLU A 62 -2.39 3.23 17.42
N ALA A 63 -1.77 2.10 17.19
CA ALA A 63 -0.88 1.50 18.22
C ALA A 63 -1.57 1.55 19.59
N ASN A 64 -2.87 1.68 19.60
CA ASN A 64 -3.61 1.72 20.90
C ASN A 64 -3.57 0.32 21.52
N GLN A 65 -4.68 -0.37 21.54
CA GLN A 65 -4.67 -1.74 22.12
C GLN A 65 -6.03 -2.42 21.85
N HIS A 66 -7.11 -1.75 22.16
CA HIS A 66 -8.45 -2.37 21.93
C HIS A 66 -8.87 -2.21 20.46
N VAL A 67 -8.68 -1.05 19.89
CA VAL A 67 -9.09 -0.86 18.47
C VAL A 67 -8.06 -1.54 17.55
N VAL A 68 -6.89 -1.78 18.06
CA VAL A 68 -5.84 -2.44 17.23
C VAL A 68 -6.25 -3.88 16.91
N ASP A 69 -6.97 -4.53 17.78
CA ASP A 69 -7.37 -5.94 17.53
C ASP A 69 -8.59 -6.00 16.58
N GLU A 70 -9.58 -5.16 16.78
CA GLU A 70 -10.76 -5.20 15.86
C GLU A 70 -10.32 -4.89 14.43
N LYS A 71 -9.69 -3.75 14.26
CA LYS A 71 -9.20 -3.36 12.91
C LYS A 71 -8.28 -4.45 12.36
N ALA A 72 -7.43 -5.02 13.16
CA ALA A 72 -6.53 -6.08 12.65
C ALA A 72 -7.36 -7.16 11.93
N ARG A 73 -8.54 -7.43 12.40
CA ARG A 73 -9.39 -8.46 11.75
C ARG A 73 -9.81 -8.00 10.35
N LEU A 74 -10.28 -6.78 10.25
CA LEU A 74 -10.69 -6.25 8.91
C LEU A 74 -9.60 -6.58 7.87
N ILE A 75 -8.37 -6.29 8.20
CA ILE A 75 -7.25 -6.57 7.25
C ILE A 75 -7.06 -8.08 7.10
N TYR A 76 -6.97 -8.80 8.18
CA TYR A 76 -6.77 -10.28 8.08
C TYR A 76 -7.95 -10.91 7.33
N GLU A 77 -9.13 -10.72 7.82
CA GLU A 77 -10.33 -11.31 7.17
C GLU A 77 -10.37 -10.91 5.69
N ASP A 78 -10.07 -9.69 5.39
CA ASP A 78 -10.13 -9.20 3.99
C ASP A 78 -9.07 -9.86 3.09
N TYR A 79 -7.99 -10.38 3.63
CA TYR A 79 -6.94 -10.99 2.74
C TYR A 79 -6.35 -12.29 3.34
N VAL A 80 -5.32 -12.17 4.14
CA VAL A 80 -4.63 -13.37 4.72
C VAL A 80 -5.61 -14.53 4.95
N SER A 81 -6.77 -14.26 5.47
CA SER A 81 -7.76 -15.36 5.74
C SER A 81 -7.81 -16.34 4.56
N ILE A 82 -8.49 -17.44 4.74
CA ILE A 82 -8.59 -18.47 3.65
C ILE A 82 -8.87 -17.79 2.31
N LEU A 83 -9.27 -16.54 2.33
CA LEU A 83 -9.56 -15.83 1.05
C LEU A 83 -8.42 -16.11 0.04
N SER A 84 -8.66 -15.88 -1.22
CA SER A 84 -7.59 -16.13 -2.24
C SER A 84 -7.71 -15.20 -3.46
N PRO A 85 -8.91 -14.96 -3.95
CA PRO A 85 -9.09 -14.09 -5.13
C PRO A 85 -8.84 -12.63 -4.71
N LYS A 86 -8.58 -11.74 -5.64
CA LYS A 86 -8.35 -10.32 -5.25
C LYS A 86 -7.35 -10.26 -4.09
N GLU A 87 -6.66 -11.34 -3.83
CA GLU A 87 -5.67 -11.35 -2.71
C GLU A 87 -4.33 -10.80 -3.19
N VAL A 88 -3.84 -9.77 -2.56
CA VAL A 88 -2.53 -9.17 -2.98
C VAL A 88 -1.50 -10.28 -3.24
N SER A 89 -0.58 -10.03 -4.12
CA SER A 89 0.45 -11.05 -4.43
C SER A 89 1.37 -11.25 -3.21
N LEU A 90 0.99 -12.11 -2.30
CA LEU A 90 1.83 -12.36 -1.09
C LEU A 90 1.82 -13.86 -0.78
N ASP A 91 2.94 -14.41 -0.40
CA ASP A 91 3.00 -15.87 -0.07
C ASP A 91 4.42 -16.23 0.35
N SER A 92 4.61 -16.64 1.58
CA SER A 92 5.97 -17.01 2.04
C SER A 92 5.96 -17.15 3.57
N ARG A 93 7.09 -17.44 4.15
CA ARG A 93 7.15 -17.59 5.64
C ARG A 93 6.39 -16.43 6.30
N VAL A 94 6.24 -15.35 5.58
CA VAL A 94 5.51 -14.18 6.12
C VAL A 94 4.11 -14.62 6.55
N ARG A 95 3.45 -15.40 5.74
CA ARG A 95 2.08 -15.85 6.09
C ARG A 95 2.09 -16.53 7.46
N GLU A 96 3.19 -17.13 7.83
CA GLU A 96 3.27 -17.82 9.16
C GLU A 96 3.60 -16.80 10.25
N GLY A 97 4.46 -15.86 9.97
CA GLY A 97 4.82 -14.85 11.00
C GLY A 97 3.59 -14.04 11.40
N ILE A 98 2.76 -13.68 10.46
CA ILE A 98 1.54 -12.89 10.79
C ILE A 98 0.54 -13.76 11.55
N ASN A 99 0.40 -15.00 11.15
CA ASN A 99 -0.58 -15.90 11.85
C ASN A 99 -0.13 -16.14 13.29
N LYS A 100 1.12 -15.93 13.58
CA LYS A 100 1.61 -16.16 14.98
C LYS A 100 1.45 -14.87 15.79
N LYS A 101 1.96 -13.78 15.29
CA LYS A 101 1.85 -12.49 16.04
C LYS A 101 0.38 -12.11 16.22
N MET A 102 -0.47 -12.57 15.33
CA MET A 102 -1.92 -12.24 15.42
C MET A 102 -2.42 -12.33 16.87
N GLN A 103 -1.83 -13.17 17.68
CA GLN A 103 -2.32 -13.28 19.09
C GLN A 103 -1.79 -12.09 19.90
N GLU A 104 -1.20 -11.14 19.23
CA GLU A 104 -0.67 -9.94 19.93
C GLU A 104 -0.06 -8.99 18.88
N PRO A 105 -0.92 -8.39 18.08
CA PRO A 105 -0.47 -7.47 17.02
C PRO A 105 -0.05 -6.13 17.64
N SER A 106 0.08 -5.10 16.84
CA SER A 106 0.47 -3.78 17.40
C SER A 106 0.33 -2.70 16.32
N ALA A 107 1.12 -2.80 15.29
CA ALA A 107 1.04 -1.80 14.19
C ALA A 107 2.09 -2.15 13.14
N HIS A 108 3.29 -2.42 13.55
CA HIS A 108 4.35 -2.80 12.57
C HIS A 108 4.19 -4.28 12.23
N THR A 109 3.06 -4.84 12.57
CA THR A 109 2.80 -6.28 12.28
C THR A 109 2.91 -6.54 10.78
N PHE A 110 2.39 -5.66 9.96
CA PHE A 110 2.44 -5.87 8.49
C PHE A 110 3.71 -5.25 7.91
N ASP A 111 4.51 -4.61 8.74
CA ASP A 111 5.77 -3.96 8.24
C ASP A 111 6.44 -4.83 7.18
N ASP A 112 6.92 -5.99 7.55
CA ASP A 112 7.58 -6.87 6.55
C ASP A 112 6.69 -6.98 5.30
N ALA A 113 5.42 -7.24 5.50
CA ALA A 113 4.49 -7.36 4.34
C ALA A 113 4.41 -6.00 3.62
N GLN A 114 4.16 -4.96 4.36
CA GLN A 114 4.05 -3.61 3.75
C GLN A 114 5.32 -3.29 2.95
N LEU A 115 6.41 -3.94 3.26
CA LEU A 115 7.67 -3.65 2.51
C LEU A 115 7.64 -4.37 1.17
N GLN A 116 7.50 -5.67 1.18
CA GLN A 116 7.49 -6.44 -0.10
C GLN A 116 6.55 -5.77 -1.11
N ILE A 117 5.39 -5.35 -0.69
CA ILE A 117 4.43 -4.74 -1.66
C ILE A 117 4.94 -3.36 -2.10
N TYR A 118 5.31 -2.53 -1.18
CA TYR A 118 5.81 -1.18 -1.54
C TYR A 118 6.92 -1.33 -2.59
N THR A 119 7.57 -2.47 -2.58
CA THR A 119 8.64 -2.71 -3.58
C THR A 119 8.02 -3.11 -4.92
N LEU A 120 6.93 -3.83 -4.87
CA LEU A 120 6.26 -4.28 -6.13
C LEU A 120 5.75 -3.05 -6.90
N MET A 121 5.07 -2.13 -6.25
CA MET A 121 4.56 -0.94 -6.98
C MET A 121 5.74 -0.11 -7.51
N HIS A 122 6.80 -0.06 -6.76
CA HIS A 122 7.99 0.74 -7.21
C HIS A 122 8.62 0.13 -8.46
N ARG A 123 8.58 -1.17 -8.59
CA ARG A 123 9.23 -1.82 -9.78
C ARG A 123 8.27 -1.94 -10.97
N ASP A 124 7.03 -2.27 -10.75
CA ASP A 124 6.08 -2.42 -11.89
C ASP A 124 5.49 -1.07 -12.30
N SER A 125 5.39 -0.14 -11.39
CA SER A 125 4.81 1.19 -11.75
C SER A 125 5.89 2.15 -12.29
N TYR A 126 7.13 1.89 -11.98
CA TYR A 126 8.23 2.81 -12.45
C TYR A 126 8.31 2.89 -13.99
N PRO A 127 8.33 1.78 -14.68
CA PRO A 127 8.48 1.80 -16.16
C PRO A 127 7.39 2.64 -16.83
N ARG A 128 6.16 2.56 -16.38
CA ARG A 128 5.06 3.33 -17.04
C ARG A 128 4.74 4.62 -16.27
N PHE A 129 4.75 4.58 -14.97
CA PHE A 129 4.41 5.82 -14.19
C PHE A 129 5.19 7.02 -14.75
N LEU A 130 6.49 6.95 -14.77
CA LEU A 130 7.30 8.11 -15.28
C LEU A 130 6.91 8.42 -16.73
N SER A 131 6.10 7.60 -17.34
CA SER A 131 5.70 7.87 -18.76
C SER A 131 4.20 7.57 -18.92
N SER A 132 3.46 7.57 -17.85
CA SER A 132 1.99 7.28 -17.95
C SER A 132 1.26 8.60 -18.26
N PRO A 133 0.14 8.54 -18.96
CA PRO A 133 -0.62 9.76 -19.29
C PRO A 133 -1.07 10.46 -17.98
N THR A 134 -1.44 9.69 -16.98
CA THR A 134 -1.89 10.31 -15.70
C THR A 134 -0.82 11.25 -15.17
N TYR A 135 0.43 10.95 -15.45
CA TYR A 135 1.54 11.83 -14.96
C TYR A 135 1.94 12.81 -16.07
N ARG A 136 1.80 12.43 -17.32
CA ARG A 136 2.16 13.40 -18.41
C ARG A 136 0.90 14.22 -18.74
N ALA A 137 -0.10 14.06 -17.93
CA ALA A 137 -1.40 14.77 -18.11
C ALA A 137 -1.39 16.08 -17.31
N LEU A 138 -0.69 16.10 -16.22
CA LEU A 138 -0.63 17.33 -15.38
C LEU A 138 0.70 18.03 -15.63
N LEU A 139 1.51 17.47 -16.48
CA LEU A 139 2.85 18.08 -16.79
C LEU A 139 2.78 18.82 -18.13
N PRO A 12 -0.25 20.25 -6.75
CA PRO A 12 -1.08 20.58 -7.92
C PRO A 12 -0.29 21.51 -8.87
N SER A 13 0.99 21.31 -8.98
CA SER A 13 1.81 22.18 -9.87
C SER A 13 3.08 21.42 -10.30
N PRO A 14 3.75 21.90 -11.33
CA PRO A 14 4.99 21.25 -11.82
C PRO A 14 5.98 21.02 -10.67
N GLU A 15 5.66 21.49 -9.49
CA GLU A 15 6.59 21.26 -8.34
C GLU A 15 6.31 19.85 -7.80
N GLU A 16 5.13 19.37 -8.02
CA GLU A 16 4.78 17.99 -7.56
C GLU A 16 5.18 17.01 -8.67
N VAL A 17 5.08 17.45 -9.88
CA VAL A 17 5.45 16.61 -11.05
C VAL A 17 6.97 16.64 -11.28
N GLN A 18 7.61 17.75 -11.09
CA GLN A 18 9.09 17.78 -11.30
C GLN A 18 9.80 17.17 -10.08
N SER A 19 9.24 17.33 -8.92
CA SER A 19 9.90 16.80 -7.68
C SER A 19 9.57 15.31 -7.45
N TRP A 20 8.37 14.89 -7.74
CA TRP A 20 8.03 13.44 -7.51
C TRP A 20 8.88 12.56 -8.40
N ALA A 21 9.34 13.07 -9.52
CA ALA A 21 10.14 12.23 -10.44
C ALA A 21 11.60 12.19 -9.97
N GLN A 22 11.89 12.76 -8.83
CA GLN A 22 13.28 12.77 -8.30
C GLN A 22 13.34 11.91 -7.04
N SER A 23 12.23 11.69 -6.39
CA SER A 23 12.26 10.84 -5.16
C SER A 23 10.89 10.17 -4.96
N PHE A 24 10.86 9.07 -4.25
CA PHE A 24 9.57 8.33 -4.03
C PHE A 24 8.85 8.85 -2.78
N ASP A 25 9.56 9.19 -1.74
CA ASP A 25 8.89 9.69 -0.50
C ASP A 25 7.94 10.84 -0.84
N LYS A 26 8.44 11.88 -1.46
CA LYS A 26 7.57 13.04 -1.81
C LYS A 26 6.31 12.55 -2.52
N LEU A 27 6.38 11.44 -3.20
CA LEU A 27 5.19 10.93 -3.94
C LEU A 27 4.25 10.16 -2.99
N MET A 28 4.78 9.37 -2.10
CA MET A 28 3.91 8.59 -1.18
C MET A 28 3.75 9.34 0.15
N HIS A 29 4.67 10.20 0.49
CA HIS A 29 4.56 10.95 1.77
C HIS A 29 3.73 12.22 1.58
N SER A 30 3.05 12.35 0.46
CA SER A 30 2.21 13.57 0.21
C SER A 30 0.75 13.13 -0.04
N PRO A 31 -0.23 13.91 0.38
CA PRO A 31 -1.65 13.55 0.17
C PRO A 31 -2.01 13.54 -1.31
N ALA A 32 -1.62 14.55 -2.06
CA ALA A 32 -1.98 14.59 -3.51
C ALA A 32 -1.29 13.47 -4.27
N GLY A 33 -0.13 13.03 -3.82
CA GLY A 33 0.56 11.93 -4.53
C GLY A 33 -0.28 10.66 -4.42
N ARG A 34 -0.52 10.21 -3.22
CA ARG A 34 -1.34 8.98 -3.00
C ARG A 34 -2.59 9.03 -3.90
N SER A 35 -2.96 10.21 -4.35
CA SER A 35 -4.17 10.33 -5.21
C SER A 35 -3.86 9.92 -6.66
N VAL A 36 -2.94 10.58 -7.29
CA VAL A 36 -2.62 10.23 -8.71
C VAL A 36 -2.24 8.75 -8.82
N PHE A 37 -1.53 8.23 -7.86
CA PHE A 37 -1.15 6.78 -7.93
C PHE A 37 -2.44 5.96 -7.83
N ARG A 38 -3.35 6.37 -6.99
CA ARG A 38 -4.61 5.62 -6.82
C ARG A 38 -5.38 5.58 -8.14
N ALA A 39 -5.28 6.60 -8.95
CA ALA A 39 -6.05 6.62 -10.23
C ALA A 39 -5.37 5.74 -11.29
N PHE A 40 -4.18 6.09 -11.70
CA PHE A 40 -3.48 5.27 -12.74
C PHE A 40 -3.59 3.78 -12.40
N LEU A 41 -3.26 3.41 -11.20
CA LEU A 41 -3.36 2.00 -10.78
C LEU A 41 -4.79 1.48 -11.02
N ARG A 42 -5.79 2.19 -10.56
CA ARG A 42 -7.20 1.74 -10.75
C ARG A 42 -7.39 1.23 -12.18
N THR A 43 -6.75 1.86 -13.13
CA THR A 43 -6.90 1.39 -14.54
C THR A 43 -6.35 -0.04 -14.65
N GLU A 44 -5.07 -0.21 -14.45
CA GLU A 44 -4.47 -1.57 -14.54
C GLU A 44 -5.25 -2.56 -13.66
N TYR A 45 -6.24 -2.11 -12.94
CA TYR A 45 -7.01 -3.04 -12.06
C TYR A 45 -6.11 -3.59 -10.96
N SER A 46 -5.08 -2.85 -10.60
CA SER A 46 -4.14 -3.30 -9.52
C SER A 46 -4.05 -2.21 -8.45
N GLU A 47 -5.19 -1.75 -7.96
CA GLU A 47 -5.18 -0.69 -6.89
C GLU A 47 -5.38 -1.32 -5.51
N GLU A 48 -6.19 -2.33 -5.39
CA GLU A 48 -6.44 -2.96 -4.07
C GLU A 48 -5.09 -3.18 -3.33
N ASN A 49 -4.05 -3.45 -4.05
CA ASN A 49 -2.73 -3.67 -3.38
C ASN A 49 -2.33 -2.39 -2.65
N MET A 50 -2.69 -1.25 -3.18
CA MET A 50 -2.34 0.03 -2.52
C MET A 50 -3.34 0.30 -1.40
N LEU A 51 -4.60 0.03 -1.63
CA LEU A 51 -5.61 0.25 -0.57
C LEU A 51 -5.12 -0.43 0.71
N PHE A 52 -4.67 -1.65 0.58
CA PHE A 52 -4.16 -2.39 1.76
C PHE A 52 -2.95 -1.63 2.34
N TRP A 53 -2.12 -1.07 1.50
CA TRP A 53 -0.93 -0.32 2.01
C TRP A 53 -1.39 0.81 2.94
N LEU A 54 -2.31 1.63 2.51
CA LEU A 54 -2.77 2.75 3.39
C LEU A 54 -3.34 2.17 4.69
N ALA A 55 -4.12 1.13 4.60
CA ALA A 55 -4.70 0.53 5.83
C ALA A 55 -3.57 0.21 6.81
N CYS A 56 -2.45 -0.24 6.32
CA CYS A 56 -1.31 -0.56 7.23
C CYS A 56 -0.79 0.73 7.87
N GLU A 57 -0.68 1.79 7.11
CA GLU A 57 -0.18 3.07 7.69
C GLU A 57 -1.28 3.67 8.57
N GLU A 58 -2.47 3.19 8.45
CA GLU A 58 -3.56 3.72 9.33
C GLU A 58 -3.43 3.06 10.70
N LEU A 59 -3.13 1.78 10.71
CA LEU A 59 -2.99 1.03 11.99
C LEU A 59 -1.89 1.68 12.87
N LYS A 60 -1.12 2.59 12.33
CA LYS A 60 -0.04 3.21 13.15
C LYS A 60 -0.61 4.37 13.98
N ALA A 61 -1.70 4.95 13.54
CA ALA A 61 -2.31 6.06 14.34
C ALA A 61 -3.14 5.47 15.46
N GLU A 62 -2.75 4.31 15.94
CA GLU A 62 -3.53 3.67 17.04
C GLU A 62 -2.55 3.01 18.02
N ALA A 63 -1.99 1.89 17.62
CA ALA A 63 -1.06 1.16 18.52
C ALA A 63 -1.67 1.07 19.92
N ASN A 64 -2.97 1.24 20.01
CA ASN A 64 -3.64 1.15 21.34
C ASN A 64 -3.62 -0.30 21.82
N GLN A 65 -4.76 -0.93 21.93
CA GLN A 65 -4.80 -2.35 22.37
C GLN A 65 -6.20 -2.92 22.11
N HIS A 66 -7.23 -2.19 22.44
CA HIS A 66 -8.61 -2.70 22.21
C HIS A 66 -9.00 -2.51 20.74
N VAL A 67 -8.74 -1.36 20.17
CA VAL A 67 -9.10 -1.15 18.75
C VAL A 67 -8.04 -1.82 17.86
N VAL A 68 -6.88 -2.03 18.40
CA VAL A 68 -5.78 -2.67 17.62
C VAL A 68 -6.22 -4.08 17.20
N ASP A 69 -7.04 -4.72 18.00
CA ASP A 69 -7.49 -6.11 17.67
C ASP A 69 -8.66 -6.08 16.68
N GLU A 70 -9.76 -5.47 17.03
CA GLU A 70 -10.92 -5.44 16.10
C GLU A 70 -10.47 -5.08 14.69
N LYS A 71 -9.82 -3.95 14.56
CA LYS A 71 -9.32 -3.47 13.24
C LYS A 71 -8.32 -4.48 12.66
N ALA A 72 -7.39 -4.97 13.43
CA ALA A 72 -6.41 -5.93 12.86
C ALA A 72 -7.16 -7.02 12.10
N ARG A 73 -8.39 -7.25 12.47
CA ARG A 73 -9.20 -8.29 11.78
C ARG A 73 -9.63 -7.77 10.41
N LEU A 74 -10.08 -6.54 10.35
CA LEU A 74 -10.49 -5.95 9.04
C LEU A 74 -9.42 -6.25 7.98
N ILE A 75 -8.17 -6.04 8.31
CA ILE A 75 -7.08 -6.30 7.33
C ILE A 75 -6.98 -7.80 7.05
N TYR A 76 -6.87 -8.60 8.08
CA TYR A 76 -6.76 -10.07 7.87
C TYR A 76 -8.01 -10.56 7.14
N GLU A 77 -9.17 -10.27 7.67
CA GLU A 77 -10.43 -10.71 7.02
C GLU A 77 -10.49 -10.24 5.57
N ASP A 78 -10.07 -9.03 5.32
CA ASP A 78 -10.14 -8.46 3.95
C ASP A 78 -9.18 -9.14 2.97
N TYR A 79 -8.11 -9.78 3.42
CA TYR A 79 -7.15 -10.41 2.45
C TYR A 79 -6.61 -11.75 2.94
N VAL A 80 -5.49 -11.72 3.62
CA VAL A 80 -4.84 -12.99 4.10
C VAL A 80 -5.86 -14.07 4.45
N SER A 81 -6.95 -13.72 5.07
CA SER A 81 -7.97 -14.74 5.46
C SER A 81 -8.27 -15.69 4.29
N ILE A 82 -9.15 -16.64 4.55
CA ILE A 82 -9.54 -17.66 3.51
C ILE A 82 -9.59 -17.03 2.12
N LEU A 83 -9.98 -15.79 2.03
CA LEU A 83 -10.07 -15.09 0.70
C LEU A 83 -8.98 -15.60 -0.26
N SER A 84 -9.27 -15.63 -1.55
CA SER A 84 -8.28 -16.13 -2.55
C SER A 84 -8.13 -15.15 -3.72
N PRO A 85 -9.22 -14.62 -4.25
CA PRO A 85 -9.15 -13.68 -5.38
C PRO A 85 -8.70 -12.31 -4.86
N LYS A 86 -8.12 -11.48 -5.70
CA LYS A 86 -7.67 -10.13 -5.24
C LYS A 86 -7.00 -10.22 -3.87
N GLU A 87 -6.52 -11.39 -3.49
CA GLU A 87 -5.87 -11.52 -2.16
C GLU A 87 -4.46 -10.92 -2.22
N VAL A 88 -4.26 -9.97 -3.11
CA VAL A 88 -2.93 -9.28 -3.27
C VAL A 88 -1.77 -10.29 -3.36
N SER A 89 -0.86 -10.06 -4.26
CA SER A 89 0.30 -10.99 -4.42
C SER A 89 1.11 -11.02 -3.12
N LEU A 90 0.86 -11.96 -2.26
CA LEU A 90 1.62 -12.05 -0.98
C LEU A 90 1.59 -13.48 -0.45
N ASP A 91 2.65 -13.90 0.19
CA ASP A 91 2.69 -15.29 0.74
C ASP A 91 4.02 -15.50 1.46
N SER A 92 4.85 -16.38 0.97
CA SER A 92 6.18 -16.63 1.62
C SER A 92 5.98 -16.96 3.10
N ARG A 93 7.03 -17.40 3.75
CA ARG A 93 6.92 -17.74 5.20
C ARG A 93 6.16 -16.63 5.93
N VAL A 94 6.23 -15.43 5.42
CA VAL A 94 5.52 -14.31 6.08
C VAL A 94 4.07 -14.73 6.34
N ARG A 95 3.48 -15.48 5.45
CA ARG A 95 2.07 -15.92 5.66
C ARG A 95 1.96 -16.62 7.01
N GLU A 96 2.98 -17.33 7.42
CA GLU A 96 2.93 -18.04 8.72
C GLU A 96 3.25 -17.07 9.86
N GLY A 97 4.19 -16.19 9.64
CA GLY A 97 4.56 -15.22 10.71
C GLY A 97 3.33 -14.41 11.12
N ILE A 98 2.50 -14.06 10.18
CA ILE A 98 1.27 -13.26 10.52
C ILE A 98 0.25 -14.16 11.19
N ASN A 99 0.16 -15.39 10.80
CA ASN A 99 -0.84 -16.31 11.42
C ASN A 99 -0.53 -16.51 12.90
N LYS A 100 0.73 -16.65 13.25
CA LYS A 100 1.09 -16.86 14.69
C LYS A 100 1.14 -15.52 15.42
N LYS A 101 1.40 -14.45 14.73
CA LYS A 101 1.46 -13.11 15.40
C LYS A 101 0.04 -12.57 15.58
N MET A 102 -0.84 -12.91 14.69
CA MET A 102 -2.25 -12.43 14.77
C MET A 102 -2.77 -12.51 16.21
N GLN A 103 -2.24 -13.37 17.03
CA GLN A 103 -2.75 -13.45 18.43
C GLN A 103 -2.14 -12.31 19.26
N GLU A 104 -1.10 -11.71 18.79
CA GLU A 104 -0.46 -10.58 19.53
C GLU A 104 0.16 -9.61 18.52
N PRO A 105 -0.68 -8.87 17.82
CA PRO A 105 -0.20 -7.91 16.80
C PRO A 105 0.55 -6.75 17.48
N SER A 106 0.81 -5.70 16.74
CA SER A 106 1.54 -4.53 17.32
C SER A 106 1.72 -3.44 16.26
N ALA A 107 0.84 -3.36 15.30
CA ALA A 107 0.97 -2.32 14.24
C ALA A 107 2.21 -2.61 13.39
N HIS A 108 3.32 -2.92 14.02
CA HIS A 108 4.56 -3.23 13.23
C HIS A 108 4.51 -4.71 12.86
N THR A 109 3.33 -5.28 12.89
CA THR A 109 3.18 -6.72 12.55
C THR A 109 3.20 -6.90 11.03
N PHE A 110 2.69 -5.96 10.29
CA PHE A 110 2.66 -6.09 8.80
C PHE A 110 3.76 -5.25 8.16
N ASP A 111 4.82 -4.93 8.86
CA ASP A 111 5.90 -4.11 8.24
C ASP A 111 6.50 -4.87 7.05
N ASP A 112 7.13 -5.99 7.32
CA ASP A 112 7.74 -6.77 6.20
C ASP A 112 6.74 -6.88 5.06
N ALA A 113 5.50 -7.15 5.36
CA ALA A 113 4.47 -7.24 4.30
C ALA A 113 4.24 -5.86 3.69
N GLN A 114 3.97 -4.89 4.53
CA GLN A 114 3.73 -3.52 4.02
C GLN A 114 4.93 -3.06 3.19
N LEU A 115 6.08 -3.62 3.46
CA LEU A 115 7.30 -3.22 2.68
C LEU A 115 7.32 -3.98 1.37
N GLN A 116 7.19 -5.29 1.41
CA GLN A 116 7.23 -6.08 0.15
C GLN A 116 6.31 -5.42 -0.88
N ILE A 117 5.15 -4.99 -0.47
CA ILE A 117 4.22 -4.34 -1.44
C ILE A 117 4.84 -3.03 -1.91
N TYR A 118 5.47 -2.32 -1.02
CA TYR A 118 6.10 -1.03 -1.42
C TYR A 118 7.10 -1.31 -2.54
N THR A 119 7.68 -2.49 -2.53
CA THR A 119 8.66 -2.83 -3.58
C THR A 119 7.93 -3.19 -4.88
N LEU A 120 6.79 -3.84 -4.75
CA LEU A 120 6.02 -4.26 -5.94
C LEU A 120 5.61 -3.03 -6.77
N MET A 121 5.01 -2.03 -6.17
CA MET A 121 4.61 -0.84 -6.97
C MET A 121 5.87 -0.17 -7.53
N HIS A 122 6.93 -0.14 -6.76
CA HIS A 122 8.18 0.50 -7.25
C HIS A 122 8.66 -0.17 -8.54
N ARG A 123 8.43 -1.45 -8.69
CA ARG A 123 8.91 -2.15 -9.91
C ARG A 123 7.85 -2.17 -11.01
N ASP A 124 6.61 -2.36 -10.68
CA ASP A 124 5.54 -2.44 -11.74
C ASP A 124 4.94 -1.07 -12.07
N SER A 125 4.82 -0.19 -11.11
CA SER A 125 4.17 1.14 -11.37
C SER A 125 5.20 2.24 -11.68
N TYR A 126 6.37 2.16 -11.12
CA TYR A 126 7.37 3.25 -11.36
C TYR A 126 7.84 3.30 -12.84
N PRO A 127 8.09 2.16 -13.47
CA PRO A 127 8.56 2.18 -14.88
C PRO A 127 7.50 2.81 -15.81
N ARG A 128 6.24 2.57 -15.59
CA ARG A 128 5.19 3.16 -16.47
C ARG A 128 4.75 4.52 -15.94
N PHE A 129 4.72 4.68 -14.64
CA PHE A 129 4.28 5.98 -14.07
C PHE A 129 5.05 7.13 -14.75
N LEU A 130 6.35 7.04 -14.81
CA LEU A 130 7.14 8.13 -15.44
C LEU A 130 6.73 8.31 -16.90
N SER A 131 5.99 7.37 -17.46
CA SER A 131 5.57 7.47 -18.89
C SER A 131 4.05 7.30 -18.99
N SER A 132 3.35 7.23 -17.89
CA SER A 132 1.87 7.06 -17.97
C SER A 132 1.23 8.42 -18.32
N PRO A 133 0.15 8.43 -19.07
CA PRO A 133 -0.52 9.69 -19.43
C PRO A 133 -0.98 10.43 -18.17
N THR A 134 -1.39 9.70 -17.17
CA THR A 134 -1.88 10.36 -15.91
C THR A 134 -0.80 11.32 -15.38
N TYR A 135 0.45 11.05 -15.70
CA TYR A 135 1.55 11.94 -15.21
C TYR A 135 1.95 12.92 -16.33
N ARG A 136 1.84 12.56 -17.58
CA ARG A 136 2.18 13.54 -18.66
C ARG A 136 0.90 14.30 -19.01
N ALA A 137 -0.11 14.14 -18.20
CA ALA A 137 -1.42 14.82 -18.43
C ALA A 137 -1.46 16.14 -17.65
N LEU A 138 -0.80 16.19 -16.52
CA LEU A 138 -0.78 17.45 -15.71
C LEU A 138 0.54 18.15 -15.96
N LEU A 139 1.36 17.60 -16.80
CA LEU A 139 2.69 18.20 -17.10
C LEU A 139 2.63 18.95 -18.44
N PRO A 12 -0.15 19.53 -7.12
CA PRO A 12 -0.84 19.78 -8.41
C PRO A 12 -0.05 20.82 -9.23
N SER A 13 1.25 20.79 -9.13
CA SER A 13 2.08 21.76 -9.90
C SER A 13 3.37 21.05 -10.38
N PRO A 14 4.08 21.66 -11.31
CA PRO A 14 5.32 21.07 -11.83
C PRO A 14 6.28 20.72 -10.68
N GLU A 15 5.93 21.05 -9.46
CA GLU A 15 6.81 20.73 -8.31
C GLU A 15 6.53 19.31 -7.84
N GLU A 16 5.37 18.78 -8.14
CA GLU A 16 5.05 17.39 -7.69
C GLU A 16 5.61 16.38 -8.70
N VAL A 17 5.54 16.69 -9.96
CA VAL A 17 6.08 15.78 -11.01
C VAL A 17 7.59 16.00 -11.17
N GLN A 18 8.11 17.13 -10.79
CA GLN A 18 9.59 17.32 -10.91
C GLN A 18 10.27 16.72 -9.67
N SER A 19 9.65 16.85 -8.53
CA SER A 19 10.27 16.32 -7.27
C SER A 19 9.94 14.83 -7.08
N TRP A 20 8.74 14.40 -7.38
CA TRP A 20 8.38 12.97 -7.19
C TRP A 20 9.24 12.09 -8.09
N ALA A 21 9.58 12.57 -9.25
CA ALA A 21 10.40 11.74 -10.18
C ALA A 21 11.85 11.69 -9.68
N GLN A 22 12.12 12.30 -8.56
CA GLN A 22 13.50 12.30 -8.00
C GLN A 22 13.54 11.43 -6.74
N SER A 23 12.41 11.21 -6.13
CA SER A 23 12.39 10.35 -4.90
C SER A 23 11.00 9.69 -4.75
N PHE A 24 10.95 8.55 -4.12
CA PHE A 24 9.64 7.83 -3.96
C PHE A 24 8.94 8.26 -2.66
N ASP A 25 9.66 8.53 -1.61
CA ASP A 25 8.98 8.94 -0.35
C ASP A 25 8.00 10.07 -0.63
N LYS A 26 8.46 11.13 -1.23
CA LYS A 26 7.57 12.29 -1.54
C LYS A 26 6.26 11.80 -2.20
N LEU A 27 6.30 10.70 -2.87
CA LEU A 27 5.07 10.18 -3.55
C LEU A 27 3.96 9.90 -2.53
N MET A 28 4.30 9.48 -1.34
CA MET A 28 3.27 9.16 -0.30
C MET A 28 3.24 10.22 0.82
N HIS A 29 4.26 11.02 0.94
CA HIS A 29 4.27 12.02 2.04
C HIS A 29 3.41 13.23 1.68
N SER A 30 2.41 13.06 0.84
CA SER A 30 1.54 14.23 0.49
C SER A 30 0.13 13.70 0.12
N PRO A 31 -0.91 14.47 0.40
CA PRO A 31 -2.30 14.03 0.09
C PRO A 31 -2.51 13.86 -1.43
N ALA A 32 -2.00 14.75 -2.24
CA ALA A 32 -2.22 14.62 -3.71
C ALA A 32 -1.41 13.46 -4.28
N GLY A 33 -0.29 13.14 -3.71
CA GLY A 33 0.51 12.01 -4.25
C GLY A 33 -0.32 10.73 -4.20
N ARG A 34 -0.56 10.22 -3.02
CA ARG A 34 -1.36 8.96 -2.88
C ARG A 34 -2.61 9.05 -3.76
N SER A 35 -2.95 10.23 -4.22
CA SER A 35 -4.18 10.37 -5.07
C SER A 35 -3.86 10.00 -6.52
N VAL A 36 -2.91 10.66 -7.14
CA VAL A 36 -2.58 10.33 -8.55
C VAL A 36 -2.26 8.84 -8.68
N PHE A 37 -1.56 8.28 -7.73
CA PHE A 37 -1.24 6.83 -7.81
C PHE A 37 -2.54 6.06 -7.65
N ARG A 38 -3.41 6.53 -6.80
CA ARG A 38 -4.70 5.84 -6.57
C ARG A 38 -5.53 5.84 -7.87
N ALA A 39 -5.39 6.87 -8.68
CA ALA A 39 -6.20 6.92 -9.93
C ALA A 39 -5.58 6.04 -11.03
N PHE A 40 -4.39 6.36 -11.48
CA PHE A 40 -3.73 5.54 -12.54
C PHE A 40 -3.93 4.04 -12.26
N LEU A 41 -3.72 3.64 -11.04
CA LEU A 41 -3.91 2.21 -10.67
C LEU A 41 -5.36 1.78 -10.92
N ARG A 42 -6.33 2.56 -10.49
CA ARG A 42 -7.76 2.17 -10.69
C ARG A 42 -7.95 1.68 -12.13
N THR A 43 -7.26 2.28 -13.06
CA THR A 43 -7.40 1.81 -14.48
C THR A 43 -6.85 0.40 -14.57
N GLU A 44 -5.58 0.24 -14.32
CA GLU A 44 -4.96 -1.11 -14.39
C GLU A 44 -5.53 -2.01 -13.29
N TYR A 45 -6.74 -1.74 -12.83
CA TYR A 45 -7.36 -2.59 -11.77
C TYR A 45 -6.34 -2.93 -10.69
N SER A 46 -5.38 -2.08 -10.46
CA SER A 46 -4.35 -2.34 -9.42
C SER A 46 -4.57 -1.38 -8.24
N GLU A 47 -5.80 -1.19 -7.83
CA GLU A 47 -6.08 -0.27 -6.69
C GLU A 47 -6.03 -1.01 -5.36
N GLU A 48 -6.56 -2.21 -5.31
CA GLU A 48 -6.55 -2.99 -4.02
C GLU A 48 -5.18 -2.82 -3.32
N ASN A 49 -4.11 -2.82 -4.07
CA ASN A 49 -2.78 -2.65 -3.43
C ASN A 49 -2.72 -1.27 -2.79
N MET A 50 -3.30 -0.28 -3.44
CA MET A 50 -3.27 1.10 -2.86
C MET A 50 -3.84 1.07 -1.45
N LEU A 51 -5.06 0.66 -1.30
CA LEU A 51 -5.69 0.62 0.05
C LEU A 51 -4.84 -0.28 0.97
N PHE A 52 -4.45 -1.41 0.48
CA PHE A 52 -3.62 -2.34 1.29
C PHE A 52 -2.51 -1.57 1.99
N TRP A 53 -2.03 -0.52 1.37
CA TRP A 53 -0.94 0.29 1.99
C TRP A 53 -1.51 1.21 3.07
N LEU A 54 -2.58 1.91 2.77
CA LEU A 54 -3.16 2.84 3.79
C LEU A 54 -3.74 2.03 4.95
N ALA A 55 -4.47 0.98 4.67
CA ALA A 55 -5.05 0.17 5.78
C ALA A 55 -3.91 -0.31 6.69
N CYS A 56 -2.79 -0.64 6.12
CA CYS A 56 -1.64 -1.10 6.96
C CYS A 56 -0.99 0.10 7.66
N GLU A 57 -0.85 1.20 6.96
CA GLU A 57 -0.22 2.40 7.60
C GLU A 57 -1.25 3.12 8.47
N GLU A 58 -2.50 2.87 8.25
CA GLU A 58 -3.54 3.53 9.12
C GLU A 58 -3.47 2.88 10.50
N LEU A 59 -3.23 1.60 10.53
CA LEU A 59 -3.15 0.87 11.83
C LEU A 59 -1.99 1.39 12.67
N LYS A 60 -1.18 2.28 12.15
CA LYS A 60 -0.04 2.81 12.96
C LYS A 60 -0.46 4.04 13.74
N ALA A 61 -1.45 4.76 13.28
CA ALA A 61 -1.88 5.98 14.01
C ALA A 61 -2.69 5.58 15.24
N GLU A 62 -3.37 4.47 15.17
CA GLU A 62 -4.17 4.04 16.36
C GLU A 62 -3.25 3.40 17.39
N ALA A 63 -2.65 2.28 17.06
CA ALA A 63 -1.73 1.59 18.01
C ALA A 63 -2.32 1.61 19.43
N ASN A 64 -3.61 1.84 19.54
CA ASN A 64 -4.23 1.86 20.90
C ASN A 64 -3.93 0.55 21.62
N GLN A 65 -4.85 -0.37 21.64
CA GLN A 65 -4.60 -1.67 22.32
C GLN A 65 -5.84 -2.58 22.17
N HIS A 66 -7.02 -2.01 22.22
CA HIS A 66 -8.27 -2.82 22.10
C HIS A 66 -8.80 -2.75 20.67
N VAL A 67 -8.82 -1.58 20.09
CA VAL A 67 -9.34 -1.46 18.70
C VAL A 67 -8.28 -1.98 17.72
N VAL A 68 -7.07 -2.12 18.17
CA VAL A 68 -5.99 -2.63 17.28
C VAL A 68 -6.28 -4.09 16.93
N ASP A 69 -6.96 -4.78 17.79
CA ASP A 69 -7.29 -6.22 17.54
C ASP A 69 -8.45 -6.34 16.55
N GLU A 70 -9.59 -5.81 16.89
CA GLU A 70 -10.77 -5.91 15.99
C GLU A 70 -10.38 -5.56 14.55
N LYS A 71 -9.80 -4.39 14.37
CA LYS A 71 -9.40 -3.96 13.01
C LYS A 71 -8.32 -4.89 12.45
N ALA A 72 -7.38 -5.30 13.25
CA ALA A 72 -6.33 -6.22 12.71
C ALA A 72 -7.01 -7.38 11.99
N ARG A 73 -8.26 -7.64 12.32
CA ARG A 73 -9.01 -8.73 11.66
C ARG A 73 -9.50 -8.25 10.29
N LEU A 74 -10.04 -7.06 10.22
CA LEU A 74 -10.51 -6.52 8.91
C LEU A 74 -9.44 -6.76 7.84
N ILE A 75 -8.21 -6.47 8.14
CA ILE A 75 -7.13 -6.68 7.14
C ILE A 75 -6.98 -8.19 6.85
N TYR A 76 -6.79 -8.98 7.88
CA TYR A 76 -6.63 -10.44 7.64
C TYR A 76 -7.93 -11.04 7.09
N GLU A 77 -9.04 -10.41 7.34
CA GLU A 77 -10.35 -10.94 6.85
C GLU A 77 -10.56 -10.56 5.38
N ASP A 78 -10.35 -9.33 5.05
CA ASP A 78 -10.59 -8.86 3.64
C ASP A 78 -9.58 -9.46 2.65
N TYR A 79 -8.48 -10.03 3.09
CA TYR A 79 -7.48 -10.57 2.10
C TYR A 79 -6.97 -11.96 2.49
N VAL A 80 -5.87 -12.01 3.21
CA VAL A 80 -5.24 -13.33 3.60
C VAL A 80 -6.27 -14.45 3.76
N SER A 81 -7.45 -14.14 4.25
CA SER A 81 -8.51 -15.19 4.47
C SER A 81 -8.39 -16.36 3.48
N ILE A 82 -9.17 -16.37 2.44
CA ILE A 82 -9.11 -17.49 1.46
C ILE A 82 -9.54 -17.00 0.08
N LEU A 83 -9.79 -15.72 -0.05
CA LEU A 83 -10.21 -15.16 -1.37
C LEU A 83 -9.30 -15.73 -2.47
N SER A 84 -9.79 -15.85 -3.68
CA SER A 84 -8.96 -16.39 -4.80
C SER A 84 -8.72 -15.32 -5.87
N PRO A 85 -9.74 -14.57 -6.24
CA PRO A 85 -9.59 -13.53 -7.28
C PRO A 85 -8.78 -12.36 -6.71
N LYS A 86 -8.27 -11.48 -7.54
CA LYS A 86 -7.49 -10.33 -7.00
C LYS A 86 -6.45 -10.85 -6.00
N GLU A 87 -6.61 -10.54 -4.74
CA GLU A 87 -5.64 -11.03 -3.72
C GLU A 87 -4.25 -10.45 -4.04
N VAL A 88 -3.67 -9.74 -3.11
CA VAL A 88 -2.33 -9.14 -3.37
C VAL A 88 -1.28 -10.25 -3.51
N SER A 89 -0.36 -10.08 -4.41
CA SER A 89 0.70 -11.12 -4.60
C SER A 89 1.49 -11.28 -3.30
N LEU A 90 0.98 -12.09 -2.39
CA LEU A 90 1.70 -12.30 -1.09
C LEU A 90 1.42 -13.72 -0.58
N ASP A 91 2.42 -14.42 -0.14
CA ASP A 91 2.23 -15.82 0.37
C ASP A 91 3.60 -16.49 0.49
N SER A 92 4.22 -16.43 1.63
CA SER A 92 5.56 -17.07 1.79
C SER A 92 5.96 -17.04 3.27
N ARG A 93 7.24 -17.00 3.53
CA ARG A 93 7.72 -16.97 4.94
C ARG A 93 6.92 -15.92 5.73
N VAL A 94 6.46 -14.89 5.07
CA VAL A 94 5.69 -13.84 5.78
C VAL A 94 4.35 -14.39 6.25
N ARG A 95 3.76 -15.28 5.50
CA ARG A 95 2.45 -15.85 5.90
C ARG A 95 2.58 -16.53 7.27
N GLU A 96 3.75 -17.00 7.59
CA GLU A 96 3.94 -17.69 8.91
C GLU A 96 4.20 -16.64 10.00
N GLY A 97 5.04 -15.69 9.74
CA GLY A 97 5.33 -14.65 10.78
C GLY A 97 4.04 -13.95 11.20
N ILE A 98 3.16 -13.70 10.26
CA ILE A 98 1.89 -13.01 10.60
C ILE A 98 0.93 -13.98 11.33
N ASN A 99 0.99 -15.23 10.99
CA ASN A 99 0.09 -16.22 11.64
C ASN A 99 0.45 -16.37 13.13
N LYS A 100 1.65 -16.04 13.50
CA LYS A 100 2.06 -16.18 14.94
C LYS A 100 1.94 -14.83 15.65
N LYS A 101 2.11 -13.75 14.95
CA LYS A 101 2.01 -12.41 15.60
C LYS A 101 0.54 -12.02 15.76
N MET A 102 -0.31 -12.54 14.91
CA MET A 102 -1.76 -12.22 14.96
C MET A 102 -2.26 -12.26 16.42
N GLN A 103 -1.76 -13.15 17.22
CA GLN A 103 -2.25 -13.22 18.63
C GLN A 103 -1.67 -12.06 19.43
N GLU A 104 -0.75 -11.33 18.85
CA GLU A 104 -0.14 -10.17 19.58
C GLU A 104 0.42 -9.19 18.55
N PRO A 105 -0.45 -8.49 17.86
CA PRO A 105 -0.04 -7.53 16.83
C PRO A 105 0.67 -6.33 17.49
N SER A 106 0.87 -5.27 16.75
CA SER A 106 1.55 -4.07 17.34
C SER A 106 1.68 -2.97 16.27
N ALA A 107 0.67 -2.77 15.48
CA ALA A 107 0.72 -1.72 14.41
C ALA A 107 1.85 -2.04 13.41
N HIS A 108 3.07 -2.16 13.86
CA HIS A 108 4.18 -2.47 12.92
C HIS A 108 4.17 -3.98 12.63
N THR A 109 3.03 -4.59 12.69
CA THR A 109 2.93 -6.05 12.43
C THR A 109 2.96 -6.30 10.91
N PHE A 110 2.26 -5.49 10.15
CA PHE A 110 2.22 -5.69 8.68
C PHE A 110 3.32 -4.88 7.99
N ASP A 111 4.34 -4.45 8.70
CA ASP A 111 5.41 -3.66 8.03
C ASP A 111 6.03 -4.49 6.91
N ASP A 112 6.63 -5.61 7.24
CA ASP A 112 7.25 -6.46 6.19
C ASP A 112 6.26 -6.64 5.04
N ALA A 113 5.03 -6.94 5.35
CA ALA A 113 4.00 -7.12 4.30
C ALA A 113 3.77 -5.77 3.60
N GLN A 114 3.44 -4.76 4.36
CA GLN A 114 3.18 -3.42 3.76
C GLN A 114 4.40 -2.98 2.94
N LEU A 115 5.56 -3.49 3.25
CA LEU A 115 6.78 -3.09 2.49
C LEU A 115 6.88 -3.92 1.21
N GLN A 116 6.84 -5.22 1.33
CA GLN A 116 6.96 -6.09 0.12
C GLN A 116 6.07 -5.55 -1.00
N ILE A 117 4.85 -5.19 -0.70
CA ILE A 117 3.98 -4.66 -1.78
C ILE A 117 4.50 -3.29 -2.19
N TYR A 118 5.01 -2.53 -1.24
CA TYR A 118 5.55 -1.19 -1.58
C TYR A 118 6.67 -1.38 -2.61
N THR A 119 7.29 -2.54 -2.60
CA THR A 119 8.37 -2.82 -3.57
C THR A 119 7.75 -3.25 -4.90
N LEU A 120 6.66 -3.96 -4.84
CA LEU A 120 5.99 -4.42 -6.09
C LEU A 120 5.55 -3.21 -6.92
N MET A 121 4.94 -2.23 -6.30
CA MET A 121 4.48 -1.03 -7.07
C MET A 121 5.69 -0.27 -7.61
N HIS A 122 6.56 0.17 -6.74
CA HIS A 122 7.76 0.92 -7.21
C HIS A 122 8.43 0.17 -8.36
N ARG A 123 8.38 -1.13 -8.33
CA ARG A 123 9.04 -1.94 -9.40
C ARG A 123 8.19 -2.00 -10.67
N ASP A 124 6.92 -2.27 -10.54
CA ASP A 124 6.05 -2.37 -11.75
C ASP A 124 5.49 -0.99 -12.13
N SER A 125 5.43 -0.08 -11.20
CA SER A 125 4.87 1.27 -11.51
C SER A 125 5.95 2.17 -12.13
N TYR A 126 7.20 1.93 -11.82
CA TYR A 126 8.29 2.79 -12.37
C TYR A 126 8.32 2.80 -13.92
N PRO A 127 8.38 1.64 -14.55
CA PRO A 127 8.47 1.57 -16.02
C PRO A 127 7.40 2.43 -16.72
N ARG A 128 6.17 2.38 -16.26
CA ARG A 128 5.09 3.16 -16.93
C ARG A 128 4.78 4.46 -16.19
N PHE A 129 4.78 4.45 -14.88
CA PHE A 129 4.45 5.71 -14.14
C PHE A 129 5.26 6.88 -14.71
N LEU A 130 6.55 6.77 -14.75
CA LEU A 130 7.38 7.89 -15.28
C LEU A 130 6.99 8.18 -16.73
N SER A 131 6.17 7.35 -17.33
CA SER A 131 5.75 7.59 -18.74
C SER A 131 4.25 7.28 -18.90
N SER A 132 3.50 7.39 -17.83
CA SER A 132 2.03 7.10 -17.92
C SER A 132 1.29 8.41 -18.28
N PRO A 133 0.16 8.31 -18.97
CA PRO A 133 -0.61 9.51 -19.35
C PRO A 133 -1.06 10.26 -18.08
N THR A 134 -1.42 9.55 -17.04
CA THR A 134 -1.87 10.22 -15.79
C THR A 134 -0.75 11.13 -15.26
N TYR A 135 0.47 10.80 -15.55
CA TYR A 135 1.62 11.62 -15.07
C TYR A 135 2.04 12.59 -16.18
N ARG A 136 1.89 12.23 -17.43
CA ARG A 136 2.27 13.18 -18.52
C ARG A 136 1.05 14.06 -18.83
N ALA A 137 -0.03 13.81 -18.15
CA ALA A 137 -1.27 14.61 -18.35
C ALA A 137 -1.11 15.98 -17.69
N LEU A 138 -0.28 16.07 -16.69
CA LEU A 138 -0.04 17.37 -16.00
C LEU A 138 1.36 17.83 -16.41
N LEU A 139 1.96 17.10 -17.30
CA LEU A 139 3.34 17.43 -17.77
C LEU A 139 3.50 16.89 -19.20
N PRO A 12 -0.20 20.63 -6.48
CA PRO A 12 -0.93 20.84 -7.74
C PRO A 12 -0.11 21.72 -8.68
N SER A 13 1.18 21.53 -8.69
CA SER A 13 2.05 22.36 -9.59
C SER A 13 3.31 21.55 -9.95
N PRO A 14 4.03 21.98 -10.97
CA PRO A 14 5.26 21.28 -11.40
C PRO A 14 6.18 21.02 -10.20
N GLU A 15 6.04 21.78 -9.15
CA GLU A 15 6.89 21.55 -7.95
C GLU A 15 6.60 20.16 -7.40
N GLU A 16 5.40 19.70 -7.52
CA GLU A 16 5.06 18.34 -7.02
C GLU A 16 5.45 17.32 -8.09
N VAL A 17 5.30 17.68 -9.33
CA VAL A 17 5.68 16.78 -10.47
C VAL A 17 7.20 16.78 -10.64
N GLN A 18 7.82 17.91 -10.74
CA GLN A 18 9.30 17.91 -10.92
C GLN A 18 9.98 17.20 -9.75
N SER A 19 9.43 17.30 -8.57
CA SER A 19 10.05 16.67 -7.37
C SER A 19 9.64 15.19 -7.21
N TRP A 20 8.43 14.84 -7.55
CA TRP A 20 8.00 13.41 -7.39
C TRP A 20 8.87 12.49 -8.24
N ALA A 21 9.31 12.96 -9.38
CA ALA A 21 10.12 12.10 -10.28
C ALA A 21 11.56 12.05 -9.77
N GLN A 22 11.84 12.70 -8.66
CA GLN A 22 13.23 12.69 -8.10
C GLN A 22 13.25 11.89 -6.80
N SER A 23 12.12 11.75 -6.15
CA SER A 23 12.08 10.97 -4.87
C SER A 23 10.76 10.22 -4.76
N PHE A 24 10.75 9.09 -4.08
CA PHE A 24 9.50 8.30 -3.94
C PHE A 24 8.66 8.77 -2.74
N ASP A 25 9.30 9.13 -1.65
CA ASP A 25 8.53 9.58 -0.46
C ASP A 25 7.46 10.61 -0.87
N LYS A 26 7.86 11.68 -1.48
CA LYS A 26 6.87 12.72 -1.90
C LYS A 26 5.67 12.09 -2.60
N LEU A 27 5.86 10.95 -3.22
CA LEU A 27 4.72 10.30 -3.93
C LEU A 27 3.71 9.75 -2.92
N MET A 28 4.16 9.07 -1.90
CA MET A 28 3.21 8.50 -0.89
C MET A 28 3.20 9.35 0.37
N HIS A 29 4.27 10.05 0.66
CA HIS A 29 4.30 10.90 1.88
C HIS A 29 3.57 12.22 1.61
N SER A 30 2.59 12.20 0.75
CA SER A 30 1.84 13.45 0.45
C SER A 30 0.36 13.09 0.13
N PRO A 31 -0.58 13.95 0.48
CA PRO A 31 -2.02 13.68 0.22
C PRO A 31 -2.32 13.65 -1.29
N ALA A 32 -1.79 14.57 -2.05
CA ALA A 32 -2.11 14.60 -3.51
C ALA A 32 -1.37 13.48 -4.25
N GLY A 33 -0.21 13.08 -3.80
CA GLY A 33 0.51 11.98 -4.49
C GLY A 33 -0.35 10.72 -4.49
N ARG A 34 -0.51 10.12 -3.33
CA ARG A 34 -1.32 8.87 -3.23
C ARG A 34 -2.61 9.00 -4.07
N SER A 35 -2.97 10.20 -4.46
CA SER A 35 -4.22 10.37 -5.26
C SER A 35 -3.94 10.01 -6.73
N VAL A 36 -2.96 10.63 -7.34
CA VAL A 36 -2.67 10.32 -8.77
C VAL A 36 -2.31 8.83 -8.92
N PHE A 37 -1.56 8.29 -8.01
CA PHE A 37 -1.21 6.84 -8.13
C PHE A 37 -2.51 6.03 -8.01
N ARG A 38 -3.41 6.48 -7.19
CA ARG A 38 -4.70 5.77 -7.00
C ARG A 38 -5.52 5.79 -8.31
N ALA A 39 -5.37 6.81 -9.12
CA ALA A 39 -6.19 6.87 -10.37
C ALA A 39 -5.62 5.92 -11.43
N PHE A 40 -4.41 6.16 -11.90
CA PHE A 40 -3.83 5.27 -12.94
C PHE A 40 -4.05 3.80 -12.54
N LEU A 41 -3.73 3.46 -11.33
CA LEU A 41 -3.93 2.05 -10.87
C LEU A 41 -5.41 1.66 -11.02
N ARG A 42 -6.31 2.47 -10.51
CA ARG A 42 -7.76 2.12 -10.61
C ARG A 42 -8.10 1.58 -12.00
N THR A 43 -7.54 2.15 -13.02
CA THR A 43 -7.83 1.65 -14.39
C THR A 43 -7.45 0.18 -14.47
N GLU A 44 -6.19 -0.12 -14.27
CA GLU A 44 -5.74 -1.53 -14.34
C GLU A 44 -6.32 -2.32 -13.16
N TYR A 45 -7.44 -1.89 -12.60
CA TYR A 45 -8.06 -2.62 -11.46
C TYR A 45 -6.99 -3.11 -10.48
N SER A 46 -5.91 -2.39 -10.36
CA SER A 46 -4.82 -2.79 -9.42
C SER A 46 -4.86 -1.91 -8.16
N GLU A 47 -5.89 -1.10 -8.02
CA GLU A 47 -5.96 -0.21 -6.83
C GLU A 47 -5.81 -1.03 -5.54
N GLU A 48 -6.19 -2.27 -5.54
CA GLU A 48 -6.09 -3.08 -4.29
C GLU A 48 -4.68 -2.98 -3.70
N ASN A 49 -3.67 -3.19 -4.49
CA ASN A 49 -2.27 -3.12 -3.94
C ASN A 49 -2.11 -1.87 -3.06
N MET A 50 -2.66 -0.76 -3.47
CA MET A 50 -2.52 0.48 -2.64
C MET A 50 -3.56 0.45 -1.51
N LEU A 51 -4.78 0.08 -1.80
CA LEU A 51 -5.80 0.04 -0.72
C LEU A 51 -5.21 -0.71 0.48
N PHE A 52 -4.79 -1.92 0.27
CA PHE A 52 -4.19 -2.72 1.36
C PHE A 52 -3.04 -1.92 2.00
N TRP A 53 -2.29 -1.21 1.21
CA TRP A 53 -1.16 -0.41 1.78
C TRP A 53 -1.70 0.71 2.67
N LEU A 54 -2.66 1.47 2.20
CA LEU A 54 -3.20 2.58 3.03
C LEU A 54 -3.74 2.01 4.34
N ALA A 55 -4.46 0.93 4.29
CA ALA A 55 -5.01 0.34 5.54
C ALA A 55 -3.88 0.19 6.56
N CYS A 56 -2.73 -0.25 6.12
CA CYS A 56 -1.59 -0.41 7.06
C CYS A 56 -1.21 0.97 7.62
N GLU A 57 -1.11 1.95 6.77
CA GLU A 57 -0.75 3.33 7.23
C GLU A 57 -1.70 3.78 8.34
N GLU A 58 -2.94 3.38 8.28
CA GLU A 58 -3.91 3.79 9.33
C GLU A 58 -3.62 3.05 10.64
N LEU A 59 -3.42 1.76 10.56
CA LEU A 59 -3.15 0.98 11.81
C LEU A 59 -2.05 1.63 12.64
N LYS A 60 -1.26 2.51 12.07
CA LYS A 60 -0.18 3.15 12.85
C LYS A 60 -0.75 4.31 13.67
N ALA A 61 -1.84 4.90 13.23
CA ALA A 61 -2.44 6.02 14.00
C ALA A 61 -3.31 5.43 15.11
N GLU A 62 -3.03 4.22 15.50
CA GLU A 62 -3.82 3.57 16.58
C GLU A 62 -2.86 2.84 17.52
N ALA A 63 -2.00 3.56 18.19
CA ALA A 63 -1.04 2.88 19.10
C ALA A 63 -1.78 2.44 20.36
N ASN A 64 -3.05 2.18 20.26
CA ASN A 64 -3.84 1.76 21.45
C ASN A 64 -3.66 0.26 21.67
N GLN A 65 -4.74 -0.46 21.88
CA GLN A 65 -4.63 -1.92 22.12
C GLN A 65 -6.00 -2.57 21.95
N HIS A 66 -7.04 -1.89 22.35
CA HIS A 66 -8.41 -2.47 22.21
C HIS A 66 -8.90 -2.30 20.77
N VAL A 67 -8.65 -1.17 20.16
CA VAL A 67 -9.11 -0.96 18.75
C VAL A 67 -8.07 -1.55 17.79
N VAL A 68 -6.86 -1.72 18.26
CA VAL A 68 -5.80 -2.29 17.39
C VAL A 68 -6.16 -3.74 17.04
N ASP A 69 -6.93 -4.37 17.88
CA ASP A 69 -7.30 -5.80 17.64
C ASP A 69 -8.49 -5.89 16.67
N GLU A 70 -9.48 -5.04 16.81
CA GLU A 70 -10.66 -5.09 15.90
C GLU A 70 -10.23 -4.82 14.45
N LYS A 71 -9.59 -3.71 14.25
CA LYS A 71 -9.14 -3.34 12.88
C LYS A 71 -8.12 -4.37 12.38
N ALA A 72 -7.26 -4.85 13.23
CA ALA A 72 -6.26 -5.87 12.76
C ALA A 72 -7.01 -6.99 12.03
N ARG A 73 -8.17 -7.34 12.49
CA ARG A 73 -8.95 -8.43 11.83
C ARG A 73 -9.36 -7.98 10.42
N LEU A 74 -9.89 -6.80 10.29
CA LEU A 74 -10.30 -6.28 8.94
C LEU A 74 -9.22 -6.62 7.90
N ILE A 75 -7.98 -6.40 8.23
CA ILE A 75 -6.88 -6.70 7.26
C ILE A 75 -6.72 -8.22 7.11
N TYR A 76 -6.63 -8.92 8.19
CA TYR A 76 -6.45 -10.41 8.10
C TYR A 76 -7.72 -11.04 7.50
N GLU A 77 -8.87 -10.67 8.01
CA GLU A 77 -10.15 -11.23 7.50
C GLU A 77 -10.33 -10.89 6.02
N ASP A 78 -10.07 -9.66 5.66
CA ASP A 78 -10.28 -9.22 4.24
C ASP A 78 -9.26 -9.86 3.27
N TYR A 79 -8.17 -10.43 3.76
CA TYR A 79 -7.17 -11.01 2.79
C TYR A 79 -6.63 -12.37 3.26
N VAL A 80 -5.54 -12.37 3.99
CA VAL A 80 -4.90 -13.65 4.45
C VAL A 80 -5.92 -14.77 4.65
N SER A 81 -7.07 -14.46 5.17
CA SER A 81 -8.09 -15.53 5.41
C SER A 81 -8.26 -16.39 4.15
N ILE A 82 -9.12 -17.39 4.23
CA ILE A 82 -9.35 -18.30 3.07
C ILE A 82 -9.40 -17.50 1.76
N LEU A 83 -9.75 -16.24 1.83
CA LEU A 83 -9.83 -15.40 0.60
C LEU A 83 -8.62 -15.70 -0.31
N SER A 84 -8.77 -15.52 -1.60
CA SER A 84 -7.65 -15.79 -2.55
C SER A 84 -7.76 -14.90 -3.80
N PRO A 85 -8.80 -15.04 -4.59
CA PRO A 85 -8.97 -14.21 -5.79
C PRO A 85 -8.77 -12.73 -5.43
N LYS A 86 -9.26 -12.33 -4.28
CA LYS A 86 -9.10 -10.91 -3.84
C LYS A 86 -7.95 -10.83 -2.84
N GLU A 87 -6.81 -11.36 -3.20
CA GLU A 87 -5.62 -11.35 -2.27
C GLU A 87 -4.40 -10.81 -3.03
N VAL A 88 -3.88 -9.69 -2.60
CA VAL A 88 -2.69 -9.11 -3.29
C VAL A 88 -1.64 -10.20 -3.52
N SER A 89 -0.79 -10.03 -4.50
CA SER A 89 0.24 -11.06 -4.78
C SER A 89 1.10 -11.28 -3.51
N LEU A 90 0.64 -12.08 -2.60
CA LEU A 90 1.43 -12.33 -1.37
C LEU A 90 0.94 -13.62 -0.71
N ASP A 91 1.85 -14.43 -0.21
CA ASP A 91 1.45 -15.70 0.45
C ASP A 91 2.70 -16.54 0.72
N SER A 92 3.85 -15.93 0.71
CA SER A 92 5.10 -16.71 0.96
C SER A 92 5.21 -17.02 2.44
N ARG A 93 6.34 -17.52 2.88
CA ARG A 93 6.51 -17.85 4.33
C ARG A 93 5.98 -16.71 5.19
N VAL A 94 5.87 -15.53 4.63
CA VAL A 94 5.35 -14.38 5.41
C VAL A 94 3.97 -14.73 5.97
N ARG A 95 3.19 -15.50 5.24
CA ARG A 95 1.85 -15.86 5.74
C ARG A 95 1.96 -16.56 7.10
N GLU A 96 3.13 -17.10 7.39
CA GLU A 96 3.31 -17.80 8.70
C GLU A 96 3.70 -16.77 9.76
N GLY A 97 4.60 -15.88 9.45
CA GLY A 97 5.02 -14.86 10.45
C GLY A 97 3.82 -14.02 10.89
N ILE A 98 2.96 -13.67 9.97
CA ILE A 98 1.77 -12.85 10.36
C ILE A 98 0.80 -13.70 11.17
N ASN A 99 0.66 -14.95 10.85
CA ASN A 99 -0.29 -15.82 11.61
C ASN A 99 0.26 -16.07 13.01
N LYS A 100 1.55 -16.11 13.16
CA LYS A 100 2.14 -16.36 14.51
C LYS A 100 2.20 -15.06 15.29
N LYS A 101 2.40 -13.95 14.63
CA LYS A 101 2.47 -12.65 15.35
C LYS A 101 1.06 -12.09 15.56
N MET A 102 0.12 -12.53 14.78
CA MET A 102 -1.29 -12.05 14.91
C MET A 102 -1.69 -11.97 16.39
N GLN A 103 -1.23 -12.88 17.22
CA GLN A 103 -1.62 -12.79 18.66
C GLN A 103 -0.90 -11.61 19.30
N GLU A 104 -1.62 -10.75 19.94
CA GLU A 104 -0.99 -9.54 20.57
C GLU A 104 -0.23 -8.75 19.50
N PRO A 105 -0.97 -8.15 18.59
CA PRO A 105 -0.37 -7.36 17.49
C PRO A 105 0.18 -6.04 18.05
N SER A 106 0.49 -5.09 17.20
CA SER A 106 1.02 -3.78 17.68
C SER A 106 0.63 -2.67 16.72
N ALA A 107 1.22 -2.64 15.55
CA ALA A 107 0.89 -1.59 14.57
C ALA A 107 1.69 -1.84 13.28
N HIS A 108 2.97 -2.08 13.40
CA HIS A 108 3.80 -2.35 12.19
C HIS A 108 3.86 -3.85 11.96
N THR A 109 2.97 -4.57 12.59
CA THR A 109 2.94 -6.05 12.44
C THR A 109 3.06 -6.43 10.96
N PHE A 110 2.55 -5.62 10.08
CA PHE A 110 2.62 -5.95 8.62
C PHE A 110 3.95 -5.45 8.03
N ASP A 111 4.82 -4.91 8.85
CA ASP A 111 6.14 -4.39 8.35
C ASP A 111 6.66 -5.23 7.17
N ASP A 112 7.06 -6.44 7.41
CA ASP A 112 7.58 -7.28 6.29
C ASP A 112 6.59 -7.24 5.12
N ALA A 113 5.34 -7.45 5.37
CA ALA A 113 4.32 -7.42 4.28
C ALA A 113 4.23 -6.01 3.69
N GLN A 114 4.05 -5.03 4.52
CA GLN A 114 3.95 -3.63 4.02
C GLN A 114 5.18 -3.31 3.17
N LEU A 115 6.26 -4.02 3.39
CA LEU A 115 7.49 -3.76 2.61
C LEU A 115 7.41 -4.51 1.28
N GLN A 116 7.20 -5.80 1.33
CA GLN A 116 7.12 -6.60 0.07
C GLN A 116 6.23 -5.88 -0.94
N ILE A 117 5.10 -5.37 -0.52
CA ILE A 117 4.19 -4.72 -1.51
C ILE A 117 4.83 -3.40 -1.99
N TYR A 118 5.26 -2.57 -1.08
CA TYR A 118 5.89 -1.28 -1.49
C TYR A 118 6.94 -1.58 -2.58
N THR A 119 7.52 -2.75 -2.54
CA THR A 119 8.54 -3.11 -3.55
C THR A 119 7.83 -3.41 -4.88
N LEU A 120 6.66 -3.99 -4.83
CA LEU A 120 5.93 -4.34 -6.08
C LEU A 120 5.66 -3.06 -6.90
N MET A 121 5.15 -2.03 -6.28
CA MET A 121 4.86 -0.78 -7.05
C MET A 121 6.17 -0.19 -7.55
N HIS A 122 7.19 -0.24 -6.75
CA HIS A 122 8.50 0.36 -7.16
C HIS A 122 9.00 -0.26 -8.48
N ARG A 123 8.78 -1.54 -8.67
CA ARG A 123 9.31 -2.20 -9.92
C ARG A 123 8.24 -2.35 -11.01
N ASP A 124 7.02 -2.67 -10.65
CA ASP A 124 5.98 -2.89 -11.71
C ASP A 124 5.29 -1.58 -12.13
N SER A 125 5.06 -0.68 -11.21
CA SER A 125 4.34 0.60 -11.57
C SER A 125 5.33 1.76 -11.79
N TYR A 126 6.45 1.77 -11.14
CA TYR A 126 7.40 2.91 -11.32
C TYR A 126 7.93 3.03 -12.76
N PRO A 127 8.29 1.93 -13.42
CA PRO A 127 8.83 2.01 -14.79
C PRO A 127 7.78 2.55 -15.77
N ARG A 128 6.51 2.25 -15.57
CA ARG A 128 5.47 2.75 -16.53
C ARG A 128 4.90 4.08 -16.02
N PHE A 129 4.71 4.20 -14.73
CA PHE A 129 4.14 5.47 -14.19
C PHE A 129 5.04 6.64 -14.58
N LEU A 130 6.33 6.46 -14.53
CA LEU A 130 7.27 7.57 -14.90
C LEU A 130 7.09 7.87 -16.40
N SER A 131 6.34 7.05 -17.09
CA SER A 131 6.11 7.27 -18.55
C SER A 131 4.61 7.18 -18.85
N SER A 132 3.79 7.15 -17.83
CA SER A 132 2.32 7.07 -18.07
C SER A 132 1.77 8.49 -18.34
N PRO A 133 0.73 8.61 -19.15
CA PRO A 133 0.15 9.94 -19.45
C PRO A 133 -0.32 10.60 -18.14
N THR A 134 -0.82 9.84 -17.22
CA THR A 134 -1.32 10.42 -15.94
C THR A 134 -0.27 11.38 -15.36
N TYR A 135 1.00 11.12 -15.60
CA TYR A 135 2.07 12.01 -15.07
C TYR A 135 2.53 12.97 -16.17
N ARG A 136 2.44 12.59 -17.43
CA ARG A 136 2.85 13.55 -18.51
C ARG A 136 1.61 14.33 -18.92
N ALA A 137 0.55 14.15 -18.16
CA ALA A 137 -0.73 14.85 -18.44
C ALA A 137 -0.72 16.22 -17.76
N LEU A 138 -0.03 16.34 -16.67
CA LEU A 138 0.06 17.64 -15.95
C LEU A 138 1.44 18.23 -16.22
N LEU A 139 2.19 17.57 -17.04
CA LEU A 139 3.56 18.03 -17.39
C LEU A 139 3.48 18.91 -18.65
N PRO A 12 0.03 20.79 -6.79
CA PRO A 12 -0.32 20.31 -8.14
C PRO A 12 0.56 21.02 -9.18
N SER A 13 1.65 21.60 -8.75
CA SER A 13 2.56 22.31 -9.69
C SER A 13 3.65 21.34 -10.17
N PRO A 14 4.35 21.69 -11.24
CA PRO A 14 5.43 20.84 -11.79
C PRO A 14 6.46 20.50 -10.70
N GLU A 15 6.26 20.96 -9.51
CA GLU A 15 7.22 20.63 -8.41
C GLU A 15 6.89 19.22 -7.91
N GLU A 16 5.64 18.92 -7.74
CA GLU A 16 5.26 17.56 -7.27
C GLU A 16 5.52 16.58 -8.41
N VAL A 17 5.34 17.04 -9.61
CA VAL A 17 5.57 16.20 -10.83
C VAL A 17 7.08 16.08 -11.09
N GLN A 18 7.80 17.16 -11.15
CA GLN A 18 9.26 17.04 -11.43
C GLN A 18 10.00 16.43 -10.23
N SER A 19 9.48 16.61 -9.04
CA SER A 19 10.17 16.06 -7.83
C SER A 19 9.79 14.59 -7.59
N TRP A 20 8.56 14.21 -7.83
CA TRP A 20 8.16 12.78 -7.59
C TRP A 20 8.98 11.87 -8.50
N ALA A 21 9.59 12.40 -9.52
CA ALA A 21 10.37 11.53 -10.44
C ALA A 21 11.82 11.42 -9.93
N GLN A 22 12.16 12.20 -8.94
CA GLN A 22 13.56 12.14 -8.39
C GLN A 22 13.58 11.25 -7.16
N SER A 23 12.46 11.09 -6.48
CA SER A 23 12.44 10.20 -5.28
C SER A 23 11.05 9.58 -5.13
N PHE A 24 10.97 8.42 -4.54
CA PHE A 24 9.64 7.74 -4.39
C PHE A 24 8.94 8.19 -3.10
N ASP A 25 9.67 8.48 -2.05
CA ASP A 25 9.03 8.91 -0.78
C ASP A 25 8.18 10.17 -1.03
N LYS A 26 8.75 11.18 -1.62
CA LYS A 26 7.99 12.44 -1.87
C LYS A 26 6.63 12.13 -2.51
N LEU A 27 6.54 11.04 -3.22
CA LEU A 27 5.24 10.71 -3.89
C LEU A 27 4.24 10.12 -2.90
N MET A 28 4.69 9.44 -1.88
CA MET A 28 3.74 8.84 -0.89
C MET A 28 3.71 9.66 0.40
N HIS A 29 4.42 10.76 0.44
CA HIS A 29 4.43 11.62 1.68
C HIS A 29 3.58 12.88 1.45
N SER A 30 2.55 12.78 0.66
CA SER A 30 1.68 13.98 0.43
C SER A 30 0.23 13.52 0.17
N PRO A 31 -0.74 14.36 0.48
CA PRO A 31 -2.17 14.00 0.28
C PRO A 31 -2.49 13.83 -1.21
N ALA A 32 -1.96 14.67 -2.06
CA ALA A 32 -2.28 14.56 -3.51
C ALA A 32 -1.55 13.38 -4.15
N GLY A 33 -0.42 12.98 -3.62
CA GLY A 33 0.30 11.84 -4.22
C GLY A 33 -0.58 10.59 -4.15
N ARG A 34 -0.81 10.10 -2.96
CA ARG A 34 -1.65 8.88 -2.81
C ARG A 34 -2.91 9.00 -3.68
N SER A 35 -3.23 10.18 -4.14
CA SER A 35 -4.45 10.37 -4.98
C SER A 35 -4.13 10.04 -6.44
N VAL A 36 -3.09 10.61 -6.99
CA VAL A 36 -2.76 10.33 -8.41
C VAL A 36 -2.38 8.85 -8.57
N PHE A 37 -1.62 8.32 -7.65
CA PHE A 37 -1.25 6.88 -7.77
C PHE A 37 -2.54 6.06 -7.62
N ARG A 38 -3.40 6.49 -6.74
CA ARG A 38 -4.67 5.74 -6.54
C ARG A 38 -5.43 5.68 -7.87
N ALA A 39 -5.31 6.68 -8.70
CA ALA A 39 -6.05 6.68 -9.99
C ALA A 39 -5.32 5.82 -11.03
N PHE A 40 -4.11 6.17 -11.38
CA PHE A 40 -3.37 5.38 -12.40
C PHE A 40 -3.48 3.88 -12.07
N LEU A 41 -3.13 3.49 -10.86
CA LEU A 41 -3.24 2.05 -10.48
C LEU A 41 -4.66 1.54 -10.74
N ARG A 42 -5.65 2.27 -10.30
CA ARG A 42 -7.06 1.81 -10.51
C ARG A 42 -7.25 1.31 -11.95
N THR A 43 -6.69 2.01 -12.89
CA THR A 43 -6.83 1.56 -14.30
C THR A 43 -6.30 0.13 -14.41
N GLU A 44 -5.03 -0.06 -14.20
CA GLU A 44 -4.46 -1.43 -14.28
C GLU A 44 -5.18 -2.38 -13.32
N TYR A 45 -6.21 -1.92 -12.63
CA TYR A 45 -6.94 -2.82 -11.69
C TYR A 45 -6.09 -3.12 -10.46
N SER A 46 -5.21 -2.20 -10.10
CA SER A 46 -4.34 -2.41 -8.90
C SER A 46 -4.87 -1.57 -7.73
N GLU A 47 -6.14 -1.64 -7.47
CA GLU A 47 -6.72 -0.85 -6.34
C GLU A 47 -6.34 -1.50 -5.01
N GLU A 48 -6.55 -2.78 -4.91
CA GLU A 48 -6.23 -3.50 -3.63
C GLU A 48 -4.85 -3.06 -3.10
N ASN A 49 -3.86 -3.05 -3.94
CA ASN A 49 -2.49 -2.65 -3.47
C ASN A 49 -2.52 -1.23 -2.88
N MET A 50 -3.15 -0.30 -3.55
CA MET A 50 -3.18 1.09 -3.02
C MET A 50 -3.85 1.12 -1.64
N LEU A 51 -5.09 0.71 -1.57
CA LEU A 51 -5.81 0.72 -0.27
C LEU A 51 -5.04 -0.11 0.75
N PHE A 52 -4.63 -1.30 0.36
CA PHE A 52 -3.88 -2.17 1.30
C PHE A 52 -2.75 -1.38 1.97
N TRP A 53 -2.25 -0.37 1.32
CA TRP A 53 -1.15 0.43 1.92
C TRP A 53 -1.72 1.38 2.99
N LEU A 54 -2.79 2.06 2.69
CA LEU A 54 -3.36 3.01 3.68
C LEU A 54 -3.93 2.23 4.86
N ALA A 55 -4.62 1.14 4.60
CA ALA A 55 -5.19 0.36 5.72
C ALA A 55 -4.07 -0.07 6.68
N CYS A 56 -2.92 -0.42 6.16
CA CYS A 56 -1.81 -0.84 7.04
C CYS A 56 -1.16 0.39 7.68
N GLU A 57 -1.01 1.46 6.93
CA GLU A 57 -0.41 2.70 7.53
C GLU A 57 -1.44 3.37 8.42
N GLU A 58 -2.65 2.88 8.43
CA GLU A 58 -3.69 3.47 9.31
C GLU A 58 -3.53 2.83 10.69
N LEU A 59 -3.26 1.55 10.72
CA LEU A 59 -3.08 0.85 12.01
C LEU A 59 -2.00 1.56 12.85
N LYS A 60 -1.21 2.41 12.24
CA LYS A 60 -0.17 3.14 13.03
C LYS A 60 -0.85 4.16 13.95
N ALA A 61 -2.03 4.59 13.60
CA ALA A 61 -2.75 5.58 14.45
C ALA A 61 -3.41 4.83 15.61
N GLU A 62 -3.77 3.58 15.38
CA GLU A 62 -4.40 2.79 16.46
C GLU A 62 -3.33 2.41 17.48
N ALA A 63 -2.59 3.37 17.96
CA ALA A 63 -1.51 3.08 18.94
C ALA A 63 -2.06 2.29 20.12
N ASN A 64 -3.35 2.15 20.21
CA ASN A 64 -3.94 1.39 21.35
C ASN A 64 -3.56 -0.09 21.23
N GLN A 65 -4.27 -0.96 21.89
CA GLN A 65 -3.96 -2.42 21.83
C GLN A 65 -5.26 -3.23 21.89
N HIS A 66 -6.36 -2.58 22.15
CA HIS A 66 -7.67 -3.31 22.24
C HIS A 66 -8.45 -3.13 20.93
N VAL A 67 -8.38 -1.97 20.32
CA VAL A 67 -9.12 -1.76 19.05
C VAL A 67 -8.25 -2.23 17.88
N VAL A 68 -7.00 -2.51 18.13
CA VAL A 68 -6.12 -3.00 17.04
C VAL A 68 -6.56 -4.41 16.68
N ASP A 69 -7.04 -5.13 17.66
CA ASP A 69 -7.51 -6.51 17.43
C ASP A 69 -8.74 -6.49 16.52
N GLU A 70 -9.60 -5.53 16.69
CA GLU A 70 -10.82 -5.44 15.83
C GLU A 70 -10.40 -5.10 14.39
N LYS A 71 -9.69 -4.02 14.24
CA LYS A 71 -9.23 -3.59 12.89
C LYS A 71 -8.24 -4.61 12.33
N ALA A 72 -7.33 -5.10 13.12
CA ALA A 72 -6.35 -6.09 12.59
C ALA A 72 -7.12 -7.21 11.86
N ARG A 73 -8.30 -7.52 12.30
CA ARG A 73 -9.10 -8.60 11.64
C ARG A 73 -9.56 -8.12 10.26
N LEU A 74 -10.16 -6.95 10.18
CA LEU A 74 -10.61 -6.42 8.86
C LEU A 74 -9.52 -6.64 7.81
N ILE A 75 -8.30 -6.30 8.13
CA ILE A 75 -7.19 -6.49 7.15
C ILE A 75 -7.03 -8.00 6.87
N TYR A 76 -6.81 -8.79 7.89
CA TYR A 76 -6.64 -10.25 7.66
C TYR A 76 -7.90 -10.82 7.01
N GLU A 77 -9.04 -10.32 7.37
CA GLU A 77 -10.32 -10.82 6.80
C GLU A 77 -10.47 -10.39 5.34
N ASP A 78 -10.20 -9.14 5.06
CA ASP A 78 -10.39 -8.61 3.68
C ASP A 78 -9.39 -9.21 2.67
N TYR A 79 -8.29 -9.77 3.10
CA TYR A 79 -7.29 -10.31 2.10
C TYR A 79 -6.80 -11.72 2.47
N VAL A 80 -5.81 -11.82 3.31
CA VAL A 80 -5.23 -13.15 3.70
C VAL A 80 -6.30 -14.24 3.77
N SER A 81 -7.51 -13.89 4.15
CA SER A 81 -8.62 -14.91 4.26
C SER A 81 -8.48 -16.00 3.19
N ILE A 82 -9.14 -15.84 2.08
CA ILE A 82 -9.06 -16.88 1.00
C ILE A 82 -9.21 -16.23 -0.37
N LEU A 83 -9.34 -14.93 -0.40
CA LEU A 83 -9.50 -14.23 -1.71
C LEU A 83 -8.41 -14.71 -2.67
N SER A 84 -8.67 -14.66 -3.96
CA SER A 84 -7.64 -15.12 -4.95
C SER A 84 -7.69 -14.26 -6.23
N PRO A 85 -8.85 -14.07 -6.82
CA PRO A 85 -8.95 -13.26 -8.05
C PRO A 85 -8.62 -11.80 -7.73
N LYS A 86 -8.18 -11.52 -6.54
CA LYS A 86 -7.84 -10.12 -6.16
C LYS A 86 -7.16 -10.11 -4.79
N GLU A 87 -5.84 -10.09 -4.78
CA GLU A 87 -5.12 -10.08 -3.47
C GLU A 87 -3.67 -9.64 -3.71
N VAL A 88 -3.05 -9.05 -2.72
CA VAL A 88 -1.64 -8.60 -2.88
C VAL A 88 -0.72 -9.81 -3.00
N SER A 89 0.37 -9.67 -3.72
CA SER A 89 1.32 -10.81 -3.90
C SER A 89 2.33 -10.87 -2.75
N LEU A 90 2.28 -11.92 -1.96
CA LEU A 90 3.25 -12.10 -0.83
C LEU A 90 3.87 -13.49 -0.96
N ASP A 91 5.16 -13.61 -0.75
CA ASP A 91 5.81 -14.95 -0.88
C ASP A 91 5.09 -15.97 0.00
N SER A 92 5.67 -16.31 1.11
CA SER A 92 5.02 -17.31 2.02
C SER A 92 5.60 -17.16 3.44
N ARG A 93 6.90 -17.05 3.55
CA ARG A 93 7.51 -16.90 4.90
C ARG A 93 6.78 -15.79 5.66
N VAL A 94 6.36 -14.76 4.98
CA VAL A 94 5.67 -13.64 5.67
C VAL A 94 4.25 -14.10 6.06
N ARG A 95 3.63 -14.91 5.25
CA ARG A 95 2.25 -15.40 5.57
C ARG A 95 2.27 -16.16 6.90
N GLU A 96 3.38 -16.76 7.23
CA GLU A 96 3.45 -17.54 8.51
C GLU A 96 3.74 -16.60 9.68
N GLY A 97 4.70 -15.72 9.52
CA GLY A 97 5.04 -14.79 10.64
C GLY A 97 3.79 -14.00 11.06
N ILE A 98 2.93 -13.69 10.12
CA ILE A 98 1.71 -12.91 10.47
C ILE A 98 0.67 -13.84 11.11
N ASN A 99 0.61 -15.06 10.69
CA ASN A 99 -0.39 -16.00 11.28
C ASN A 99 -0.07 -16.24 12.76
N LYS A 100 1.16 -16.09 13.15
CA LYS A 100 1.54 -16.32 14.58
C LYS A 100 1.36 -15.03 15.37
N LYS A 101 1.88 -13.93 14.87
CA LYS A 101 1.75 -12.64 15.60
C LYS A 101 0.28 -12.28 15.74
N MET A 102 -0.54 -12.77 14.86
CA MET A 102 -2.00 -12.44 14.89
C MET A 102 -2.55 -12.51 16.33
N GLN A 103 -2.03 -13.38 17.16
CA GLN A 103 -2.56 -13.46 18.55
C GLN A 103 -2.02 -12.28 19.37
N GLU A 104 -1.08 -11.56 18.83
CA GLU A 104 -0.51 -10.38 19.55
C GLU A 104 -0.01 -9.38 18.51
N PRO A 105 -0.92 -8.74 17.81
CA PRO A 105 -0.56 -7.77 16.76
C PRO A 105 0.05 -6.51 17.38
N SER A 106 0.22 -5.48 16.60
CA SER A 106 0.80 -4.22 17.13
C SER A 106 0.59 -3.10 16.11
N ALA A 107 0.90 -1.88 16.45
CA ALA A 107 0.72 -0.77 15.49
C ALA A 107 1.84 -0.81 14.46
N HIS A 108 2.34 -1.97 14.15
CA HIS A 108 3.44 -2.08 13.15
C HIS A 108 3.70 -3.56 12.84
N THR A 109 2.67 -4.37 12.87
CA THR A 109 2.86 -5.83 12.59
C THR A 109 3.02 -6.04 11.08
N PHE A 110 2.31 -5.28 10.28
CA PHE A 110 2.40 -5.47 8.81
C PHE A 110 3.51 -4.59 8.22
N ASP A 111 4.59 -4.35 8.91
CA ASP A 111 5.66 -3.50 8.33
C ASP A 111 6.37 -4.25 7.20
N ASP A 112 6.70 -5.50 7.41
CA ASP A 112 7.41 -6.26 6.34
C ASP A 112 6.44 -6.50 5.18
N ALA A 113 5.18 -6.71 5.49
CA ALA A 113 4.17 -6.95 4.43
C ALA A 113 3.92 -5.66 3.64
N GLN A 114 3.48 -4.63 4.30
CA GLN A 114 3.21 -3.35 3.58
C GLN A 114 4.46 -2.92 2.82
N LEU A 115 5.61 -2.98 3.45
CA LEU A 115 6.85 -2.56 2.76
C LEU A 115 7.04 -3.39 1.50
N GLN A 116 7.02 -4.69 1.61
CA GLN A 116 7.20 -5.56 0.42
C GLN A 116 6.35 -5.03 -0.74
N ILE A 117 5.12 -4.68 -0.49
CA ILE A 117 4.27 -4.17 -1.60
C ILE A 117 4.77 -2.77 -1.99
N TYR A 118 5.25 -2.02 -1.03
CA TYR A 118 5.78 -0.67 -1.34
C TYR A 118 6.93 -0.85 -2.33
N THR A 119 7.58 -1.98 -2.27
CA THR A 119 8.72 -2.25 -3.20
C THR A 119 8.16 -2.80 -4.51
N LEU A 120 7.15 -3.62 -4.42
CA LEU A 120 6.54 -4.22 -5.65
C LEU A 120 6.00 -3.09 -6.55
N MET A 121 5.26 -2.15 -6.00
CA MET A 121 4.72 -1.06 -6.86
C MET A 121 5.89 -0.20 -7.36
N HIS A 122 6.85 0.04 -6.51
CA HIS A 122 8.03 0.88 -6.91
C HIS A 122 8.67 0.32 -8.18
N ARG A 123 8.65 -0.98 -8.35
CA ARG A 123 9.31 -1.58 -9.56
C ARG A 123 8.30 -1.76 -10.71
N ASP A 124 7.08 -2.12 -10.42
CA ASP A 124 6.08 -2.33 -11.52
C ASP A 124 5.43 -1.00 -11.93
N SER A 125 5.27 -0.09 -11.00
CA SER A 125 4.62 1.22 -11.36
C SER A 125 5.64 2.16 -12.02
N TYR A 126 6.89 2.05 -11.69
CA TYR A 126 7.91 2.97 -12.27
C TYR A 126 8.00 2.82 -13.82
N PRO A 127 8.22 1.63 -14.34
CA PRO A 127 8.36 1.45 -15.80
C PRO A 127 7.29 2.23 -16.58
N ARG A 128 6.05 2.16 -16.17
CA ARG A 128 4.96 2.87 -16.92
C ARG A 128 4.59 4.20 -16.27
N PHE A 129 4.58 4.28 -14.97
CA PHE A 129 4.18 5.57 -14.32
C PHE A 129 4.99 6.73 -14.92
N LEU A 130 6.29 6.64 -14.93
CA LEU A 130 7.10 7.75 -15.48
C LEU A 130 6.68 8.03 -16.93
N SER A 131 5.86 7.18 -17.49
CA SER A 131 5.39 7.39 -18.91
C SER A 131 3.87 7.23 -18.97
N SER A 132 3.22 7.20 -17.84
CA SER A 132 1.72 7.05 -17.85
C SER A 132 1.10 8.43 -18.14
N PRO A 133 0.02 8.49 -18.90
CA PRO A 133 -0.62 9.78 -19.21
C PRO A 133 -1.06 10.47 -17.90
N THR A 134 -1.52 9.72 -16.94
CA THR A 134 -1.98 10.34 -15.65
C THR A 134 -0.88 11.26 -15.10
N TYR A 135 0.36 10.96 -15.38
CA TYR A 135 1.49 11.80 -14.87
C TYR A 135 1.94 12.75 -15.97
N ARG A 136 1.84 12.38 -17.22
CA ARG A 136 2.25 13.31 -18.31
C ARG A 136 1.03 14.15 -18.70
N ALA A 137 0.01 14.00 -17.93
CA ALA A 137 -1.27 14.75 -18.17
C ALA A 137 -1.24 16.10 -17.43
N LEU A 138 -0.52 16.17 -16.33
CA LEU A 138 -0.43 17.44 -15.56
C LEU A 138 0.93 18.08 -15.80
N LEU A 139 1.73 17.45 -16.62
CA LEU A 139 3.10 18.00 -16.91
C LEU A 139 3.09 18.72 -18.27
N PRO A 12 -0.67 19.52 -7.58
CA PRO A 12 -0.96 19.42 -9.03
C PRO A 12 -0.10 20.44 -9.80
N SER A 13 0.96 20.90 -9.20
CA SER A 13 1.85 21.90 -9.88
C SER A 13 3.12 21.18 -10.39
N PRO A 14 3.86 21.83 -11.28
CA PRO A 14 5.09 21.23 -11.84
C PRO A 14 6.04 20.80 -10.71
N GLU A 15 5.76 21.17 -9.49
CA GLU A 15 6.66 20.77 -8.36
C GLU A 15 6.28 19.36 -7.90
N GLU A 16 5.09 18.93 -8.19
CA GLU A 16 4.67 17.56 -7.76
C GLU A 16 5.21 16.53 -8.77
N VAL A 17 5.16 16.86 -10.03
CA VAL A 17 5.67 15.94 -11.09
C VAL A 17 7.18 16.09 -11.25
N GLN A 18 7.75 17.21 -10.91
CA GLN A 18 9.24 17.34 -11.06
C GLN A 18 9.92 16.75 -9.82
N SER A 19 9.34 16.94 -8.67
CA SER A 19 9.96 16.40 -7.41
C SER A 19 9.57 14.94 -7.16
N TRP A 20 8.35 14.56 -7.43
CA TRP A 20 7.95 13.13 -7.17
C TRP A 20 8.83 12.21 -8.00
N ALA A 21 9.28 12.65 -9.13
CA ALA A 21 10.12 11.78 -10.00
C ALA A 21 11.55 11.73 -9.45
N GLN A 22 11.82 12.50 -8.43
CA GLN A 22 13.21 12.51 -7.84
C GLN A 22 13.22 11.68 -6.56
N SER A 23 12.10 11.56 -5.89
CA SER A 23 12.06 10.75 -4.64
C SER A 23 10.68 10.08 -4.50
N PHE A 24 10.63 8.93 -3.88
CA PHE A 24 9.33 8.21 -3.72
C PHE A 24 8.58 8.72 -2.48
N ASP A 25 9.28 9.02 -1.42
CA ASP A 25 8.59 9.50 -0.19
C ASP A 25 7.59 10.60 -0.55
N LYS A 26 8.06 11.65 -1.17
CA LYS A 26 7.14 12.77 -1.53
C LYS A 26 5.88 12.24 -2.21
N LEU A 27 5.96 11.10 -2.86
CA LEU A 27 4.76 10.54 -3.55
C LEU A 27 3.77 9.96 -2.53
N MET A 28 4.25 9.21 -1.58
CA MET A 28 3.32 8.58 -0.58
C MET A 28 3.22 9.46 0.66
N HIS A 29 4.14 10.37 0.86
CA HIS A 29 4.09 11.23 2.07
C HIS A 29 3.36 12.54 1.75
N SER A 30 2.36 12.50 0.88
CA SER A 30 1.61 13.75 0.57
C SER A 30 0.15 13.38 0.20
N PRO A 31 -0.81 14.24 0.49
CA PRO A 31 -2.23 13.96 0.19
C PRO A 31 -2.50 13.85 -1.32
N ALA A 32 -1.92 14.71 -2.11
CA ALA A 32 -2.20 14.67 -3.58
C ALA A 32 -1.49 13.49 -4.24
N GLY A 33 -0.38 13.05 -3.72
CA GLY A 33 0.33 11.91 -4.35
C GLY A 33 -0.57 10.68 -4.31
N ARG A 34 -0.81 10.14 -3.14
CA ARG A 34 -1.68 8.93 -3.01
C ARG A 34 -2.92 9.07 -3.90
N SER A 35 -3.23 10.26 -4.32
CA SER A 35 -4.44 10.47 -5.19
C SER A 35 -4.13 10.08 -6.63
N VAL A 36 -3.14 10.67 -7.24
CA VAL A 36 -2.82 10.34 -8.66
C VAL A 36 -2.48 8.86 -8.79
N PHE A 37 -1.77 8.29 -7.85
CA PHE A 37 -1.44 6.84 -7.96
C PHE A 37 -2.76 6.05 -7.89
N ARG A 38 -3.65 6.49 -7.05
CA ARG A 38 -4.95 5.78 -6.91
C ARG A 38 -5.70 5.78 -8.26
N ALA A 39 -5.52 6.80 -9.06
CA ALA A 39 -6.26 6.85 -10.35
C ALA A 39 -5.58 5.95 -11.40
N PHE A 40 -4.36 6.24 -11.77
CA PHE A 40 -3.67 5.40 -12.80
C PHE A 40 -3.85 3.91 -12.45
N LEU A 41 -3.53 3.52 -11.25
CA LEU A 41 -3.70 2.09 -10.86
C LEU A 41 -5.16 1.66 -11.08
N ARG A 42 -6.11 2.44 -10.63
CA ARG A 42 -7.55 2.07 -10.81
C ARG A 42 -7.76 1.52 -12.23
N THR A 43 -7.12 2.11 -13.19
CA THR A 43 -7.26 1.61 -14.58
C THR A 43 -6.67 0.20 -14.62
N GLU A 44 -5.41 0.07 -14.30
CA GLU A 44 -4.77 -1.27 -14.31
C GLU A 44 -5.52 -2.22 -13.37
N TYR A 45 -6.58 -1.77 -12.73
CA TYR A 45 -7.34 -2.66 -11.81
C TYR A 45 -6.46 -3.09 -10.64
N SER A 46 -5.51 -2.27 -10.26
CA SER A 46 -4.61 -2.61 -9.11
C SER A 46 -4.98 -1.75 -7.91
N GLU A 47 -6.25 -1.68 -7.57
CA GLU A 47 -6.67 -0.87 -6.39
C GLU A 47 -6.37 -1.65 -5.10
N GLU A 48 -6.74 -2.90 -5.07
CA GLU A 48 -6.51 -3.72 -3.84
C GLU A 48 -5.12 -3.44 -3.25
N ASN A 49 -4.12 -3.25 -4.08
CA ASN A 49 -2.76 -3.00 -3.54
C ASN A 49 -2.68 -1.58 -2.97
N MET A 50 -3.19 -0.60 -3.68
CA MET A 50 -3.13 0.81 -3.18
C MET A 50 -3.76 0.89 -1.78
N LEU A 51 -5.01 0.50 -1.69
CA LEU A 51 -5.72 0.56 -0.38
C LEU A 51 -4.95 -0.27 0.66
N PHE A 52 -4.49 -1.42 0.28
CA PHE A 52 -3.74 -2.28 1.24
C PHE A 52 -2.64 -1.46 1.92
N TRP A 53 -2.06 -0.52 1.23
CA TRP A 53 -0.98 0.29 1.85
C TRP A 53 -1.57 1.34 2.80
N LEU A 54 -2.57 2.05 2.38
CA LEU A 54 -3.18 3.08 3.28
C LEU A 54 -3.78 2.39 4.51
N ALA A 55 -4.48 1.30 4.31
CA ALA A 55 -5.06 0.59 5.47
C ALA A 55 -3.95 0.32 6.49
N CYS A 56 -2.79 -0.07 6.03
CA CYS A 56 -1.66 -0.34 6.97
C CYS A 56 -1.21 1.00 7.57
N GLU A 57 -1.05 1.99 6.74
CA GLU A 57 -0.62 3.34 7.22
C GLU A 57 -1.45 3.74 8.45
N GLU A 58 -2.70 3.37 8.48
CA GLU A 58 -3.58 3.76 9.62
C GLU A 58 -3.24 2.93 10.87
N LEU A 59 -3.08 1.64 10.71
CA LEU A 59 -2.78 0.78 11.90
C LEU A 59 -1.62 1.38 12.71
N LYS A 60 -0.78 2.19 12.12
CA LYS A 60 0.34 2.78 12.90
C LYS A 60 -0.18 3.86 13.83
N ALA A 61 -1.26 4.50 13.46
CA ALA A 61 -1.82 5.56 14.34
C ALA A 61 -2.61 4.89 15.46
N GLU A 62 -2.50 3.60 15.55
CA GLU A 62 -3.22 2.83 16.61
C GLU A 62 -2.19 2.14 17.51
N ALA A 63 -1.39 2.90 18.19
CA ALA A 63 -0.36 2.28 19.06
C ALA A 63 -1.05 1.70 20.29
N ASN A 64 -2.34 1.48 20.22
CA ASN A 64 -3.08 0.94 21.39
C ASN A 64 -2.95 -0.59 21.42
N GLN A 65 -4.03 -1.27 21.63
CA GLN A 65 -3.97 -2.76 21.67
C GLN A 65 -5.40 -3.31 21.66
N HIS A 66 -6.37 -2.49 21.95
CA HIS A 66 -7.79 -2.96 21.96
C HIS A 66 -8.46 -2.60 20.63
N VAL A 67 -8.10 -1.50 20.02
CA VAL A 67 -8.73 -1.11 18.74
C VAL A 67 -7.93 -1.70 17.56
N VAL A 68 -6.75 -2.17 17.81
CA VAL A 68 -5.94 -2.77 16.71
C VAL A 68 -6.54 -4.13 16.36
N ASP A 69 -7.11 -4.79 17.32
CA ASP A 69 -7.72 -6.12 17.05
C ASP A 69 -8.92 -5.98 16.12
N GLU A 70 -9.67 -4.92 16.24
CA GLU A 70 -10.84 -4.74 15.34
C GLU A 70 -10.34 -4.43 13.92
N LYS A 71 -9.51 -3.43 13.81
CA LYS A 71 -8.95 -3.03 12.48
C LYS A 71 -8.00 -4.12 11.97
N ALA A 72 -7.17 -4.66 12.80
CA ALA A 72 -6.23 -5.72 12.32
C ALA A 72 -7.03 -6.80 11.58
N ARG A 73 -8.23 -7.06 12.01
CA ARG A 73 -9.07 -8.10 11.33
C ARG A 73 -9.46 -7.62 9.93
N LEU A 74 -9.98 -6.42 9.82
CA LEU A 74 -10.36 -5.87 8.48
C LEU A 74 -9.27 -6.20 7.46
N ILE A 75 -8.03 -6.08 7.84
CA ILE A 75 -6.93 -6.37 6.88
C ILE A 75 -6.78 -7.87 6.69
N TYR A 76 -6.70 -8.62 7.76
CA TYR A 76 -6.55 -10.10 7.62
C TYR A 76 -7.78 -10.69 6.93
N GLU A 77 -8.92 -10.05 7.08
CA GLU A 77 -10.17 -10.56 6.46
C GLU A 77 -10.25 -10.15 4.99
N ASP A 78 -9.91 -8.93 4.71
CA ASP A 78 -10.00 -8.41 3.31
C ASP A 78 -9.07 -9.16 2.34
N TYR A 79 -8.06 -9.87 2.79
CA TYR A 79 -7.15 -10.57 1.83
C TYR A 79 -6.69 -11.93 2.34
N VAL A 80 -5.74 -11.97 3.25
CA VAL A 80 -5.20 -13.27 3.76
C VAL A 80 -6.29 -14.35 3.83
N SER A 81 -7.46 -14.01 4.26
CA SER A 81 -8.56 -15.02 4.36
C SER A 81 -8.63 -15.85 3.07
N ILE A 82 -9.49 -16.84 3.05
CA ILE A 82 -9.62 -17.71 1.84
C ILE A 82 -9.71 -16.86 0.57
N LEU A 83 -9.89 -15.58 0.72
CA LEU A 83 -9.99 -14.69 -0.48
C LEU A 83 -8.87 -15.05 -1.47
N SER A 84 -9.08 -14.83 -2.74
CA SER A 84 -8.02 -15.17 -3.75
C SER A 84 -8.18 -14.33 -5.04
N PRO A 85 -9.35 -14.31 -5.64
CA PRO A 85 -9.55 -13.53 -6.88
C PRO A 85 -9.25 -12.04 -6.61
N LYS A 86 -8.88 -11.70 -5.41
CA LYS A 86 -8.57 -10.28 -5.08
C LYS A 86 -7.46 -10.20 -4.04
N GLU A 87 -6.59 -11.18 -4.02
CA GLU A 87 -5.47 -11.16 -3.02
C GLU A 87 -4.24 -10.49 -3.64
N VAL A 88 -3.41 -9.88 -2.82
CA VAL A 88 -2.19 -9.20 -3.36
C VAL A 88 -1.07 -10.23 -3.52
N SER A 89 -0.20 -10.02 -4.48
CA SER A 89 0.92 -10.98 -4.67
C SER A 89 1.71 -11.13 -3.36
N LEU A 90 1.28 -11.99 -2.49
CA LEU A 90 2.01 -12.16 -1.20
C LEU A 90 1.53 -13.42 -0.48
N ASP A 91 2.45 -14.14 0.14
CA ASP A 91 2.07 -15.38 0.88
C ASP A 91 3.33 -16.15 1.26
N SER A 92 4.47 -15.51 1.19
CA SER A 92 5.73 -16.22 1.53
C SER A 92 5.71 -16.63 3.00
N ARG A 93 6.82 -17.09 3.52
CA ARG A 93 6.87 -17.51 4.95
C ARG A 93 6.19 -16.44 5.82
N VAL A 94 6.09 -15.24 5.33
CA VAL A 94 5.44 -14.16 6.13
C VAL A 94 4.05 -14.61 6.54
N ARG A 95 3.42 -15.43 5.74
CA ARG A 95 2.05 -15.91 6.09
C ARG A 95 2.07 -16.59 7.45
N GLU A 96 3.17 -17.19 7.81
CA GLU A 96 3.26 -17.88 9.13
C GLU A 96 3.57 -16.86 10.23
N GLY A 97 4.46 -15.94 9.98
CA GLY A 97 4.80 -14.94 11.01
C GLY A 97 3.55 -14.15 11.40
N ILE A 98 2.72 -13.81 10.46
CA ILE A 98 1.49 -13.04 10.78
C ILE A 98 0.51 -13.92 11.56
N ASN A 99 0.42 -15.18 11.21
CA ASN A 99 -0.52 -16.07 11.94
C ASN A 99 -0.04 -16.30 13.36
N LYS A 100 1.18 -15.95 13.66
CA LYS A 100 1.72 -16.15 15.03
C LYS A 100 1.57 -14.86 15.86
N LYS A 101 1.58 -13.72 15.21
CA LYS A 101 1.45 -12.43 15.95
C LYS A 101 -0.03 -12.05 16.06
N MET A 102 -0.80 -12.46 15.08
CA MET A 102 -2.25 -12.11 15.06
C MET A 102 -2.88 -12.24 16.44
N GLN A 103 -2.32 -13.02 17.33
CA GLN A 103 -2.94 -13.16 18.68
C GLN A 103 -2.49 -12.00 19.57
N GLU A 104 -1.57 -11.20 19.10
CA GLU A 104 -1.12 -10.02 19.90
C GLU A 104 -0.55 -8.95 18.97
N PRO A 105 -1.39 -8.40 18.12
CA PRO A 105 -0.96 -7.36 17.16
C PRO A 105 -0.57 -6.07 17.90
N SER A 106 -0.47 -4.96 17.20
CA SER A 106 -0.13 -3.67 17.85
C SER A 106 0.06 -2.58 16.79
N ALA A 107 1.00 -2.77 15.91
CA ALA A 107 1.27 -1.76 14.85
C ALA A 107 2.53 -2.18 14.09
N HIS A 108 2.73 -1.69 12.91
CA HIS A 108 3.94 -2.10 12.13
C HIS A 108 3.95 -3.63 12.02
N THR A 109 2.89 -4.26 12.44
CA THR A 109 2.83 -5.75 12.38
C THR A 109 2.98 -6.20 10.93
N PHE A 110 2.48 -5.44 10.00
CA PHE A 110 2.59 -5.82 8.56
C PHE A 110 3.87 -5.23 7.96
N ASP A 111 4.70 -4.62 8.79
CA ASP A 111 5.97 -4.00 8.27
C ASP A 111 6.59 -4.89 7.18
N ASP A 112 7.00 -6.08 7.52
CA ASP A 112 7.61 -6.97 6.51
C ASP A 112 6.70 -7.05 5.28
N ALA A 113 5.42 -7.14 5.49
CA ALA A 113 4.46 -7.22 4.35
C ALA A 113 4.39 -5.86 3.66
N GLN A 114 4.13 -4.83 4.42
CA GLN A 114 4.04 -3.47 3.82
C GLN A 114 5.30 -3.17 3.00
N LEU A 115 6.37 -3.87 3.29
CA LEU A 115 7.64 -3.62 2.52
C LEU A 115 7.54 -4.31 1.15
N GLN A 116 7.37 -5.61 1.14
CA GLN A 116 7.28 -6.35 -0.14
C GLN A 116 6.38 -5.60 -1.13
N ILE A 117 5.26 -5.10 -0.68
CA ILE A 117 4.34 -4.41 -1.62
C ILE A 117 4.94 -3.07 -2.06
N TYR A 118 5.41 -2.29 -1.13
CA TYR A 118 6.02 -0.97 -1.50
C TYR A 118 7.00 -1.23 -2.66
N THR A 119 7.48 -2.43 -2.76
CA THR A 119 8.44 -2.78 -3.83
C THR A 119 7.67 -3.00 -5.14
N LEU A 120 6.56 -3.72 -5.05
CA LEU A 120 5.75 -4.00 -6.27
C LEU A 120 5.51 -2.66 -7.01
N MET A 121 5.07 -1.66 -6.32
CA MET A 121 4.81 -0.36 -7.01
C MET A 121 6.14 0.21 -7.51
N HIS A 122 7.13 0.24 -6.67
CA HIS A 122 8.45 0.79 -7.12
C HIS A 122 8.95 0.01 -8.34
N ARG A 123 8.67 -1.26 -8.41
CA ARG A 123 9.18 -2.11 -9.53
C ARG A 123 8.19 -2.22 -10.71
N ASP A 124 6.95 -2.55 -10.46
CA ASP A 124 5.98 -2.75 -11.60
C ASP A 124 5.29 -1.44 -12.04
N SER A 125 5.02 -0.55 -11.13
CA SER A 125 4.30 0.72 -11.52
C SER A 125 5.27 1.87 -11.82
N TYR A 126 6.42 1.88 -11.20
CA TYR A 126 7.37 3.01 -11.44
C TYR A 126 7.87 3.05 -12.90
N PRO A 127 8.22 1.92 -13.48
CA PRO A 127 8.74 1.93 -14.86
C PRO A 127 7.70 2.52 -15.83
N ARG A 128 6.44 2.26 -15.62
CA ARG A 128 5.39 2.82 -16.54
C ARG A 128 4.84 4.12 -15.98
N PHE A 129 4.65 4.19 -14.69
CA PHE A 129 4.12 5.45 -14.09
C PHE A 129 5.03 6.62 -14.47
N LEU A 130 6.32 6.42 -14.42
CA LEU A 130 7.27 7.52 -14.76
C LEU A 130 7.07 7.90 -16.23
N SER A 131 6.25 7.15 -16.94
CA SER A 131 5.99 7.46 -18.38
C SER A 131 4.50 7.26 -18.69
N SER A 132 3.67 7.22 -17.69
CA SER A 132 2.21 7.03 -17.93
C SER A 132 1.57 8.40 -18.24
N PRO A 133 0.53 8.44 -19.06
CA PRO A 133 -0.13 9.73 -19.39
C PRO A 133 -0.67 10.39 -18.10
N THR A 134 -1.17 9.62 -17.18
CA THR A 134 -1.71 10.21 -15.92
C THR A 134 -0.64 11.11 -15.28
N TYR A 135 0.61 10.79 -15.48
CA TYR A 135 1.70 11.63 -14.90
C TYR A 135 2.19 12.62 -15.95
N ARG A 136 2.11 12.29 -17.21
CA ARG A 136 2.55 13.27 -18.26
C ARG A 136 1.31 14.06 -18.71
N ALA A 137 0.26 13.96 -17.93
CA ALA A 137 -1.01 14.68 -18.28
C ALA A 137 -0.94 16.12 -17.75
N LEU A 138 -0.16 16.36 -16.72
CA LEU A 138 0.00 17.74 -16.19
C LEU A 138 1.43 18.17 -16.50
N LEU A 139 2.08 17.43 -17.36
CA LEU A 139 3.49 17.75 -17.74
C LEU A 139 3.77 17.17 -19.13
N PRO A 12 0.14 21.25 -6.88
CA PRO A 12 -0.27 20.86 -8.24
C PRO A 12 0.66 21.52 -9.28
N SER A 13 1.79 22.01 -8.85
CA SER A 13 2.75 22.68 -9.79
C SER A 13 3.89 21.70 -10.13
N PRO A 14 4.65 22.01 -11.17
CA PRO A 14 5.78 21.15 -11.58
C PRO A 14 6.74 20.90 -10.40
N GLU A 15 6.45 21.45 -9.25
CA GLU A 15 7.32 21.20 -8.08
C GLU A 15 6.95 19.84 -7.50
N GLU A 16 5.71 19.46 -7.65
CA GLU A 16 5.28 18.13 -7.14
C GLU A 16 5.62 17.09 -8.21
N VAL A 17 5.54 17.48 -9.44
CA VAL A 17 5.88 16.57 -10.58
C VAL A 17 7.40 16.46 -10.75
N GLN A 18 8.11 17.54 -10.86
CA GLN A 18 9.58 17.42 -11.02
C GLN A 18 10.20 16.76 -9.79
N SER A 19 9.58 16.93 -8.65
CA SER A 19 10.15 16.33 -7.39
C SER A 19 9.72 14.87 -7.21
N TRP A 20 8.53 14.50 -7.60
CA TRP A 20 8.08 13.09 -7.40
C TRP A 20 8.90 12.14 -8.27
N ALA A 21 9.40 12.62 -9.38
CA ALA A 21 10.17 11.71 -10.27
C ALA A 21 11.62 11.59 -9.76
N GLN A 22 11.89 12.15 -8.61
CA GLN A 22 13.27 12.07 -8.03
C GLN A 22 13.23 11.29 -6.72
N SER A 23 12.07 11.14 -6.14
CA SER A 23 11.99 10.36 -4.87
C SER A 23 10.58 9.73 -4.73
N PHE A 24 10.48 8.64 -4.02
CA PHE A 24 9.16 7.96 -3.85
C PHE A 24 8.39 8.55 -2.66
N ASP A 25 9.06 8.90 -1.60
CA ASP A 25 8.35 9.46 -0.42
C ASP A 25 7.41 10.59 -0.86
N LYS A 26 7.94 11.59 -1.51
CA LYS A 26 7.09 12.73 -1.95
C LYS A 26 5.84 12.23 -2.67
N LEU A 27 5.91 11.07 -3.29
CA LEU A 27 4.71 10.56 -4.01
C LEU A 27 3.65 10.09 -3.00
N MET A 28 4.05 9.50 -1.91
CA MET A 28 3.06 9.02 -0.90
C MET A 28 3.03 9.94 0.32
N HIS A 29 4.10 10.64 0.58
CA HIS A 29 4.13 11.54 1.77
C HIS A 29 3.44 12.87 1.43
N SER A 30 2.44 12.83 0.58
CA SER A 30 1.71 14.09 0.24
C SER A 30 0.23 13.76 -0.05
N PRO A 31 -0.70 14.66 0.25
CA PRO A 31 -2.13 14.39 0.01
C PRO A 31 -2.43 14.28 -1.49
N ALA A 32 -1.92 15.16 -2.29
CA ALA A 32 -2.22 15.10 -3.76
C ALA A 32 -1.54 13.89 -4.40
N GLY A 33 -0.45 13.43 -3.85
CA GLY A 33 0.23 12.25 -4.45
C GLY A 33 -0.69 11.04 -4.35
N ARG A 34 -0.95 10.59 -3.16
CA ARG A 34 -1.85 9.40 -2.97
C ARG A 34 -3.07 9.52 -3.89
N SER A 35 -3.36 10.70 -4.38
CA SER A 35 -4.53 10.88 -5.27
C SER A 35 -4.18 10.45 -6.69
N VAL A 36 -3.22 11.09 -7.30
CA VAL A 36 -2.84 10.72 -8.70
C VAL A 36 -2.56 9.21 -8.77
N PHE A 37 -1.90 8.67 -7.79
CA PHE A 37 -1.62 7.21 -7.82
C PHE A 37 -2.95 6.46 -7.68
N ARG A 38 -3.82 6.94 -6.84
CA ARG A 38 -5.14 6.26 -6.67
C ARG A 38 -5.85 6.20 -8.02
N ALA A 39 -5.67 7.18 -8.87
CA ALA A 39 -6.37 7.15 -10.18
C ALA A 39 -5.64 6.21 -11.15
N PHE A 40 -4.41 6.50 -11.47
CA PHE A 40 -3.66 5.61 -12.41
C PHE A 40 -3.86 4.15 -12.00
N LEU A 41 -3.65 3.84 -10.74
CA LEU A 41 -3.83 2.43 -10.28
C LEU A 41 -5.23 1.93 -10.68
N ARG A 42 -6.27 2.67 -10.35
CA ARG A 42 -7.66 2.22 -10.68
C ARG A 42 -7.71 1.68 -12.12
N THR A 43 -6.90 2.22 -12.99
CA THR A 43 -6.90 1.72 -14.40
C THR A 43 -6.42 0.28 -14.41
N GLU A 44 -5.16 0.06 -14.12
CA GLU A 44 -4.62 -1.33 -14.12
C GLU A 44 -5.38 -2.22 -13.11
N TYR A 45 -6.55 -1.81 -12.67
CA TYR A 45 -7.32 -2.65 -11.70
C TYR A 45 -6.39 -3.24 -10.63
N SER A 46 -5.28 -2.59 -10.39
CA SER A 46 -4.32 -3.09 -9.35
C SER A 46 -4.45 -2.23 -8.09
N GLU A 47 -5.51 -1.47 -7.98
CA GLU A 47 -5.68 -0.60 -6.78
C GLU A 47 -5.72 -1.46 -5.52
N GLU A 48 -6.41 -2.57 -5.55
CA GLU A 48 -6.50 -3.45 -4.34
C GLU A 48 -5.11 -3.55 -3.68
N ASN A 49 -4.06 -3.33 -4.44
CA ASN A 49 -2.69 -3.41 -3.86
C ASN A 49 -2.34 -2.08 -3.17
N MET A 50 -2.71 -0.97 -3.76
CA MET A 50 -2.37 0.33 -3.12
C MET A 50 -3.35 0.57 -1.99
N LEU A 51 -4.58 0.22 -2.20
CA LEU A 51 -5.59 0.40 -1.12
C LEU A 51 -5.06 -0.28 0.13
N PHE A 52 -4.61 -1.50 0.00
CA PHE A 52 -4.06 -2.23 1.17
C PHE A 52 -2.94 -1.40 1.81
N TRP A 53 -2.14 -0.74 1.02
CA TRP A 53 -1.03 0.08 1.59
C TRP A 53 -1.60 1.10 2.57
N LEU A 54 -2.61 1.85 2.17
CA LEU A 54 -3.19 2.86 3.10
C LEU A 54 -3.74 2.17 4.35
N ALA A 55 -4.42 1.07 4.19
CA ALA A 55 -4.97 0.37 5.38
C ALA A 55 -3.87 0.20 6.43
N CYS A 56 -2.69 -0.16 6.01
CA CYS A 56 -1.57 -0.33 6.99
C CYS A 56 -1.23 1.04 7.60
N GLU A 57 -1.20 2.07 6.81
CA GLU A 57 -0.87 3.42 7.32
C GLU A 57 -1.77 3.77 8.51
N GLU A 58 -3.00 3.34 8.48
CA GLU A 58 -3.92 3.66 9.60
C GLU A 58 -3.56 2.86 10.86
N LEU A 59 -3.37 1.58 10.73
CA LEU A 59 -3.02 0.73 11.90
C LEU A 59 -2.00 1.42 12.81
N LYS A 60 -1.21 2.33 12.28
CA LYS A 60 -0.21 3.02 13.14
C LYS A 60 -0.90 4.14 13.94
N ALA A 61 -2.03 4.60 13.47
CA ALA A 61 -2.75 5.67 14.20
C ALA A 61 -3.57 5.07 15.33
N GLU A 62 -3.82 3.80 15.29
CA GLU A 62 -4.61 3.16 16.38
C GLU A 62 -3.77 3.17 17.67
N ALA A 63 -3.30 4.32 18.06
CA ALA A 63 -2.46 4.43 19.28
C ALA A 63 -3.11 3.64 20.42
N ASN A 64 -4.38 3.37 20.32
CA ASN A 64 -5.08 2.62 21.39
C ASN A 64 -4.43 1.26 21.61
N GLN A 65 -5.19 0.31 22.11
CA GLN A 65 -4.65 -1.05 22.35
C GLN A 65 -5.78 -2.05 22.11
N HIS A 66 -7.01 -1.60 22.21
CA HIS A 66 -8.16 -2.51 21.98
C HIS A 66 -8.57 -2.44 20.51
N VAL A 67 -8.46 -1.30 19.89
CA VAL A 67 -8.85 -1.18 18.45
C VAL A 67 -7.74 -1.77 17.59
N VAL A 68 -6.55 -1.85 18.11
CA VAL A 68 -5.43 -2.42 17.33
C VAL A 68 -5.78 -3.87 16.98
N ASP A 69 -6.65 -4.47 17.75
CA ASP A 69 -7.04 -5.89 17.49
C ASP A 69 -8.17 -5.95 16.45
N GLU A 70 -9.28 -5.31 16.72
CA GLU A 70 -10.41 -5.34 15.75
C GLU A 70 -9.90 -5.09 14.32
N LYS A 71 -9.20 -3.99 14.15
CA LYS A 71 -8.67 -3.63 12.82
C LYS A 71 -7.66 -4.67 12.34
N ALA A 72 -6.78 -5.13 13.19
CA ALA A 72 -5.79 -6.15 12.73
C ALA A 72 -6.51 -7.30 12.02
N ARG A 73 -7.77 -7.49 12.31
CA ARG A 73 -8.53 -8.58 11.64
C ARG A 73 -8.97 -8.13 10.24
N LEU A 74 -9.56 -6.97 10.11
CA LEU A 74 -9.98 -6.47 8.76
C LEU A 74 -8.88 -6.75 7.73
N ILE A 75 -7.65 -6.39 8.03
CA ILE A 75 -6.55 -6.63 7.05
C ILE A 75 -6.36 -8.14 6.85
N TYR A 76 -6.17 -8.88 7.91
CA TYR A 76 -5.97 -10.35 7.74
C TYR A 76 -7.23 -10.95 7.11
N GLU A 77 -8.37 -10.67 7.69
CA GLU A 77 -9.66 -11.21 7.15
C GLU A 77 -9.80 -10.88 5.66
N ASP A 78 -9.55 -9.65 5.31
CA ASP A 78 -9.74 -9.21 3.89
C ASP A 78 -8.70 -9.82 2.94
N TYR A 79 -7.61 -10.37 3.41
CA TYR A 79 -6.59 -10.93 2.45
C TYR A 79 -5.98 -12.24 2.95
N VAL A 80 -4.87 -12.16 3.63
CA VAL A 80 -4.16 -13.38 4.12
C VAL A 80 -5.14 -14.49 4.52
N SER A 81 -6.25 -14.14 5.11
CA SER A 81 -7.23 -15.19 5.53
C SER A 81 -7.53 -16.13 4.37
N ILE A 82 -8.42 -17.07 4.58
CA ILE A 82 -8.78 -18.06 3.51
C ILE A 82 -8.87 -17.38 2.15
N LEU A 83 -9.20 -16.11 2.12
CA LEU A 83 -9.30 -15.38 0.82
C LEU A 83 -8.12 -15.77 -0.08
N SER A 84 -8.26 -15.59 -1.38
CA SER A 84 -7.16 -15.96 -2.30
C SER A 84 -7.38 -15.34 -3.70
N PRO A 85 -8.53 -15.57 -4.32
CA PRO A 85 -8.78 -15.01 -5.66
C PRO A 85 -8.53 -13.50 -5.68
N LYS A 86 -8.23 -12.92 -4.54
CA LYS A 86 -7.96 -11.45 -4.47
C LYS A 86 -6.71 -11.21 -3.63
N GLU A 87 -5.77 -12.12 -3.69
CA GLU A 87 -4.52 -11.96 -2.88
C GLU A 87 -3.52 -11.10 -3.67
N VAL A 88 -2.43 -10.70 -3.05
CA VAL A 88 -1.42 -9.86 -3.75
C VAL A 88 -0.03 -10.20 -3.21
N SER A 89 0.99 -10.14 -4.05
CA SER A 89 2.39 -10.47 -3.60
C SER A 89 2.37 -11.58 -2.55
N LEU A 90 2.79 -11.29 -1.35
CA LEU A 90 2.77 -12.32 -0.25
C LEU A 90 3.19 -13.69 -0.79
N ASP A 91 4.47 -13.92 -0.94
CA ASP A 91 4.94 -15.23 -1.46
C ASP A 91 4.20 -16.38 -0.75
N SER A 92 4.71 -16.87 0.34
CA SER A 92 4.01 -17.98 1.06
C SER A 92 4.62 -18.18 2.45
N ARG A 93 5.84 -17.76 2.65
CA ARG A 93 6.49 -17.94 3.98
C ARG A 93 6.00 -16.85 4.94
N VAL A 94 5.95 -15.63 4.48
CA VAL A 94 5.49 -14.53 5.36
C VAL A 94 4.13 -14.89 5.95
N ARG A 95 3.39 -15.72 5.27
CA ARG A 95 2.04 -16.13 5.79
C ARG A 95 2.21 -16.78 7.17
N GLU A 96 3.29 -17.48 7.38
CA GLU A 96 3.50 -18.14 8.70
C GLU A 96 4.07 -17.14 9.70
N GLY A 97 4.74 -16.12 9.23
CA GLY A 97 5.31 -15.11 10.16
C GLY A 97 4.20 -14.28 10.81
N ILE A 98 3.25 -13.84 10.04
CA ILE A 98 2.15 -13.02 10.61
C ILE A 98 1.11 -13.92 11.29
N ASN A 99 1.10 -15.19 10.97
CA ASN A 99 0.11 -16.09 11.62
C ASN A 99 0.54 -16.38 13.05
N LYS A 100 1.82 -16.32 13.32
CA LYS A 100 2.32 -16.60 14.69
C LYS A 100 2.36 -15.30 15.51
N LYS A 101 2.50 -14.17 14.85
CA LYS A 101 2.55 -12.89 15.60
C LYS A 101 1.13 -12.31 15.75
N MET A 102 0.22 -12.77 14.94
CA MET A 102 -1.19 -12.28 15.02
C MET A 102 -1.63 -12.16 16.48
N GLN A 103 -1.27 -13.09 17.32
CA GLN A 103 -1.70 -12.97 18.75
C GLN A 103 -0.92 -11.83 19.40
N GLU A 104 -1.61 -10.97 20.11
CA GLU A 104 -0.93 -9.82 20.76
C GLU A 104 -0.08 -9.08 19.71
N PRO A 105 -0.75 -8.42 18.78
CA PRO A 105 -0.05 -7.68 17.71
C PRO A 105 0.70 -6.48 18.30
N SER A 106 1.07 -5.53 17.48
CA SER A 106 1.81 -4.34 18.01
C SER A 106 1.95 -3.28 16.92
N ALA A 107 0.94 -3.11 16.11
CA ALA A 107 1.03 -2.10 15.02
C ALA A 107 2.23 -2.41 14.14
N HIS A 108 2.28 -1.86 12.95
CA HIS A 108 3.43 -2.12 12.03
C HIS A 108 3.78 -3.61 12.04
N THR A 109 2.88 -4.43 12.50
CA THR A 109 3.16 -5.90 12.54
C THR A 109 3.27 -6.43 11.11
N PHE A 110 2.68 -5.74 10.18
CA PHE A 110 2.73 -6.18 8.76
C PHE A 110 3.90 -5.51 8.04
N ASP A 111 4.94 -5.14 8.75
CA ASP A 111 6.10 -4.49 8.07
C ASP A 111 6.58 -5.35 6.90
N ASP A 112 7.06 -6.53 7.18
CA ASP A 112 7.55 -7.42 6.09
C ASP A 112 6.52 -7.43 4.94
N ALA A 113 5.27 -7.58 5.25
CA ALA A 113 4.22 -7.58 4.20
C ALA A 113 4.07 -6.18 3.62
N GLN A 114 3.86 -5.21 4.48
CA GLN A 114 3.71 -3.81 3.98
C GLN A 114 4.92 -3.45 3.12
N LEU A 115 6.03 -4.13 3.34
CA LEU A 115 7.24 -3.84 2.53
C LEU A 115 7.16 -4.65 1.24
N GLN A 116 6.76 -5.89 1.31
CA GLN A 116 6.66 -6.69 0.07
C GLN A 116 5.83 -5.94 -0.96
N ILE A 117 4.74 -5.34 -0.53
CA ILE A 117 3.86 -4.62 -1.48
C ILE A 117 4.54 -3.35 -1.99
N TYR A 118 4.97 -2.50 -1.09
CA TYR A 118 5.64 -1.25 -1.51
C TYR A 118 6.70 -1.58 -2.56
N THR A 119 7.16 -2.80 -2.54
CA THR A 119 8.19 -3.21 -3.54
C THR A 119 7.48 -3.58 -4.85
N LEU A 120 6.31 -4.18 -4.74
CA LEU A 120 5.55 -4.59 -5.94
C LEU A 120 5.21 -3.34 -6.78
N MET A 121 4.66 -2.32 -6.18
CA MET A 121 4.31 -1.11 -6.98
C MET A 121 5.60 -0.46 -7.48
N HIS A 122 6.64 -0.54 -6.69
CA HIS A 122 7.94 0.09 -7.09
C HIS A 122 8.44 -0.53 -8.40
N ARG A 123 8.21 -1.80 -8.61
CA ARG A 123 8.72 -2.45 -9.87
C ARG A 123 7.63 -2.50 -10.96
N ASP A 124 6.37 -2.58 -10.61
CA ASP A 124 5.32 -2.70 -11.67
C ASP A 124 4.73 -1.33 -12.06
N SER A 125 4.58 -0.44 -11.10
CA SER A 125 3.95 0.89 -11.41
C SER A 125 5.02 1.98 -11.63
N TYR A 126 6.12 1.91 -10.96
CA TYR A 126 7.15 2.98 -11.14
C TYR A 126 7.68 3.03 -12.59
N PRO A 127 7.97 1.89 -13.21
CA PRO A 127 8.50 1.92 -14.59
C PRO A 127 7.47 2.52 -15.56
N ARG A 128 6.19 2.31 -15.31
CA ARG A 128 5.15 2.87 -16.22
C ARG A 128 4.69 4.24 -15.69
N PHE A 129 4.51 4.35 -14.41
CA PHE A 129 4.07 5.67 -13.85
C PHE A 129 5.01 6.76 -14.35
N LEU A 130 6.28 6.49 -14.38
CA LEU A 130 7.26 7.51 -14.86
C LEU A 130 7.03 7.76 -16.35
N SER A 131 6.24 6.92 -16.99
CA SER A 131 5.97 7.09 -18.45
C SER A 131 4.46 7.00 -18.71
N SER A 132 3.66 7.06 -17.67
CA SER A 132 2.18 6.97 -17.87
C SER A 132 1.63 8.39 -18.16
N PRO A 133 0.58 8.49 -18.97
CA PRO A 133 0.00 9.82 -19.29
C PRO A 133 -0.47 10.51 -18.00
N THR A 134 -0.99 9.77 -17.06
CA THR A 134 -1.47 10.40 -15.80
C THR A 134 -0.40 11.35 -15.24
N TYR A 135 0.85 11.04 -15.45
CA TYR A 135 1.95 11.92 -14.95
C TYR A 135 2.43 12.83 -16.09
N ARG A 136 2.36 12.41 -17.32
CA ARG A 136 2.80 13.32 -18.43
C ARG A 136 1.59 14.14 -18.86
N ALA A 137 0.53 14.04 -18.10
CA ALA A 137 -0.72 14.79 -18.41
C ALA A 137 -0.67 16.16 -17.74
N LEU A 138 -0.02 16.25 -16.61
CA LEU A 138 0.09 17.56 -15.89
C LEU A 138 1.47 18.13 -16.18
N LEU A 139 2.24 17.43 -16.97
CA LEU A 139 3.61 17.90 -17.31
C LEU A 139 3.56 18.74 -18.59
N PRO A 12 -0.53 20.39 -6.95
CA PRO A 12 -0.62 19.78 -8.30
C PRO A 12 0.19 20.61 -9.29
N SER A 13 1.09 21.43 -8.80
CA SER A 13 1.92 22.27 -9.70
C SER A 13 3.17 21.49 -10.11
N PRO A 14 3.86 21.96 -11.13
CA PRO A 14 5.10 21.29 -11.61
C PRO A 14 6.08 21.08 -10.45
N GLU A 15 5.75 21.54 -9.27
CA GLU A 15 6.66 21.33 -8.12
C GLU A 15 6.41 19.93 -7.56
N GLU A 16 5.22 19.43 -7.72
CA GLU A 16 4.91 18.06 -7.24
C GLU A 16 5.30 17.06 -8.33
N VAL A 17 5.18 17.48 -9.56
CA VAL A 17 5.55 16.64 -10.73
C VAL A 17 7.08 16.63 -10.91
N GLN A 18 7.70 17.78 -10.98
CA GLN A 18 9.18 17.76 -11.17
C GLN A 18 9.86 17.16 -9.94
N SER A 19 9.28 17.30 -8.78
CA SER A 19 9.92 16.77 -7.54
C SER A 19 9.60 15.27 -7.34
N TRP A 20 8.41 14.84 -7.65
CA TRP A 20 8.06 13.39 -7.44
C TRP A 20 8.92 12.52 -8.34
N ALA A 21 9.36 13.03 -9.46
CA ALA A 21 10.17 12.19 -10.38
C ALA A 21 11.61 12.12 -9.89
N GLN A 22 11.87 12.68 -8.73
CA GLN A 22 13.25 12.66 -8.17
C GLN A 22 13.29 11.77 -6.92
N SER A 23 12.15 11.52 -6.33
CA SER A 23 12.15 10.64 -5.11
C SER A 23 10.76 10.01 -4.91
N PHE A 24 10.71 8.89 -4.22
CA PHE A 24 9.41 8.20 -3.99
C PHE A 24 8.71 8.76 -2.73
N ASP A 25 9.45 9.10 -1.72
CA ASP A 25 8.82 9.62 -0.48
C ASP A 25 7.91 10.80 -0.82
N LYS A 26 8.42 11.81 -1.46
CA LYS A 26 7.57 12.99 -1.82
C LYS A 26 6.29 12.53 -2.51
N LEU A 27 6.33 11.41 -3.20
CA LEU A 27 5.10 10.93 -3.90
C LEU A 27 4.17 10.21 -2.93
N MET A 28 4.70 9.42 -2.03
CA MET A 28 3.82 8.68 -1.07
C MET A 28 3.68 9.48 0.23
N HIS A 29 4.52 10.45 0.44
CA HIS A 29 4.43 11.26 1.69
C HIS A 29 3.63 12.54 1.41
N SER A 30 2.62 12.46 0.59
CA SER A 30 1.80 13.69 0.30
C SER A 30 0.35 13.25 -0.01
N PRO A 31 -0.64 14.06 0.34
CA PRO A 31 -2.05 13.71 0.08
C PRO A 31 -2.34 13.64 -1.42
N ALA A 32 -1.89 14.58 -2.20
CA ALA A 32 -2.19 14.57 -3.66
C ALA A 32 -1.44 13.44 -4.35
N GLY A 33 -0.28 13.07 -3.87
CA GLY A 33 0.46 11.97 -4.53
C GLY A 33 -0.36 10.69 -4.41
N ARG A 34 -0.60 10.26 -3.20
CA ARG A 34 -1.41 9.03 -2.96
C ARG A 34 -2.65 9.05 -3.86
N SER A 35 -3.04 10.21 -4.32
CA SER A 35 -4.26 10.30 -5.18
C SER A 35 -3.91 9.92 -6.63
N VAL A 36 -3.01 10.63 -7.25
CA VAL A 36 -2.66 10.30 -8.66
C VAL A 36 -2.28 8.83 -8.77
N PHE A 37 -1.54 8.33 -7.81
CA PHE A 37 -1.15 6.89 -7.88
C PHE A 37 -2.43 6.04 -7.74
N ARG A 38 -3.34 6.48 -6.92
CA ARG A 38 -4.61 5.73 -6.72
C ARG A 38 -5.40 5.70 -8.03
N ALA A 39 -5.29 6.72 -8.84
CA ALA A 39 -6.08 6.74 -10.12
C ALA A 39 -5.35 5.92 -11.20
N PHE A 40 -4.14 6.28 -11.53
CA PHE A 40 -3.39 5.51 -12.57
C PHE A 40 -3.53 4.01 -12.31
N LEU A 41 -3.25 3.58 -11.10
CA LEU A 41 -3.38 2.13 -10.77
C LEU A 41 -4.79 1.63 -11.14
N ARG A 42 -5.81 2.33 -10.72
CA ARG A 42 -7.20 1.89 -11.05
C ARG A 42 -7.30 1.52 -12.53
N THR A 43 -6.67 2.27 -13.38
CA THR A 43 -6.74 1.97 -14.84
C THR A 43 -6.10 0.62 -15.11
N GLU A 44 -5.35 0.12 -14.17
CA GLU A 44 -4.70 -1.21 -14.34
C GLU A 44 -5.56 -2.27 -13.63
N TYR A 45 -6.68 -1.87 -13.10
CA TYR A 45 -7.57 -2.84 -12.38
C TYR A 45 -6.84 -3.37 -11.14
N SER A 46 -5.91 -2.62 -10.62
CA SER A 46 -5.14 -3.06 -9.41
C SER A 46 -5.05 -1.91 -8.40
N GLU A 47 -6.17 -1.40 -7.95
CA GLU A 47 -6.14 -0.28 -6.96
C GLU A 47 -6.16 -0.83 -5.53
N GLU A 48 -6.65 -2.03 -5.33
CA GLU A 48 -6.69 -2.60 -3.95
C GLU A 48 -5.34 -2.39 -3.27
N ASN A 49 -4.27 -2.72 -3.94
CA ASN A 49 -2.92 -2.54 -3.34
C ASN A 49 -2.82 -1.13 -2.74
N MET A 50 -3.33 -0.15 -3.42
CA MET A 50 -3.26 1.25 -2.91
C MET A 50 -3.76 1.29 -1.47
N LEU A 51 -4.98 0.89 -1.24
CA LEU A 51 -5.53 0.91 0.14
C LEU A 51 -4.67 -0.01 1.03
N PHE A 52 -4.28 -1.14 0.51
CA PHE A 52 -3.44 -2.07 1.31
C PHE A 52 -2.30 -1.29 1.99
N TRP A 53 -1.82 -0.27 1.34
CA TRP A 53 -0.72 0.55 1.93
C TRP A 53 -1.30 1.50 2.99
N LEU A 54 -2.36 2.18 2.67
CA LEU A 54 -2.96 3.11 3.68
C LEU A 54 -3.53 2.31 4.85
N ALA A 55 -4.26 1.27 4.58
CA ALA A 55 -4.83 0.46 5.69
C ALA A 55 -3.70 0.05 6.64
N CYS A 56 -2.54 -0.23 6.10
CA CYS A 56 -1.40 -0.62 6.96
C CYS A 56 -0.82 0.62 7.66
N GLU A 57 -0.74 1.73 6.96
CA GLU A 57 -0.20 2.97 7.59
C GLU A 57 -1.28 3.64 8.43
N GLU A 58 -2.53 3.31 8.22
CA GLU A 58 -3.59 3.94 9.04
C GLU A 58 -3.56 3.30 10.44
N LEU A 59 -3.36 2.01 10.48
CA LEU A 59 -3.30 1.30 11.78
C LEU A 59 -2.11 1.83 12.61
N LYS A 60 -1.26 2.63 12.03
CA LYS A 60 -0.11 3.17 12.81
C LYS A 60 -0.55 4.36 13.65
N ALA A 61 -1.58 5.05 13.23
CA ALA A 61 -2.06 6.21 14.04
C ALA A 61 -2.89 5.68 15.20
N GLU A 62 -3.47 4.52 15.04
CA GLU A 62 -4.29 3.91 16.12
C GLU A 62 -3.44 2.86 16.84
N ALA A 63 -2.26 3.26 17.27
CA ALA A 63 -1.36 2.31 17.99
C ALA A 63 -1.93 1.99 19.36
N ASN A 64 -3.24 1.98 19.48
CA ASN A 64 -3.87 1.66 20.79
C ASN A 64 -3.50 0.21 21.17
N GLN A 65 -4.47 -0.60 21.45
CA GLN A 65 -4.15 -2.02 21.81
C GLN A 65 -5.43 -2.85 21.87
N HIS A 66 -6.56 -2.23 22.10
CA HIS A 66 -7.85 -2.99 22.17
C HIS A 66 -8.56 -2.89 20.82
N VAL A 67 -8.43 -1.78 20.15
CA VAL A 67 -9.09 -1.62 18.81
C VAL A 67 -8.14 -2.13 17.72
N VAL A 68 -6.90 -2.35 18.05
CA VAL A 68 -5.94 -2.86 17.01
C VAL A 68 -6.33 -4.30 16.69
N ASP A 69 -6.86 -4.99 17.67
CA ASP A 69 -7.27 -6.40 17.45
C ASP A 69 -8.48 -6.42 16.50
N GLU A 70 -9.37 -5.48 16.62
CA GLU A 70 -10.55 -5.45 15.71
C GLU A 70 -10.10 -5.12 14.29
N LYS A 71 -9.38 -4.05 14.13
CA LYS A 71 -8.89 -3.63 12.79
C LYS A 71 -7.83 -4.63 12.29
N ALA A 72 -6.94 -5.07 13.12
CA ALA A 72 -5.91 -6.04 12.65
C ALA A 72 -6.61 -7.19 11.91
N ARG A 73 -7.80 -7.53 12.32
CA ARG A 73 -8.54 -8.63 11.65
C ARG A 73 -9.00 -8.15 10.26
N LEU A 74 -9.64 -7.01 10.20
CA LEU A 74 -10.10 -6.47 8.88
C LEU A 74 -9.03 -6.68 7.80
N ILE A 75 -7.79 -6.36 8.07
CA ILE A 75 -6.73 -6.55 7.05
C ILE A 75 -6.49 -8.05 6.83
N TYR A 76 -6.26 -8.80 7.88
CA TYR A 76 -5.99 -10.26 7.71
C TYR A 76 -7.28 -10.97 7.24
N GLU A 77 -8.42 -10.42 7.53
CA GLU A 77 -9.70 -11.05 7.14
C GLU A 77 -10.08 -10.72 5.70
N ASP A 78 -9.87 -9.50 5.28
CA ASP A 78 -10.29 -9.08 3.91
C ASP A 78 -9.26 -9.42 2.82
N TYR A 79 -8.07 -9.87 3.17
CA TYR A 79 -7.06 -10.16 2.09
C TYR A 79 -6.40 -11.54 2.26
N VAL A 80 -5.19 -11.56 2.75
CA VAL A 80 -4.44 -12.85 2.89
C VAL A 80 -5.37 -13.99 3.34
N SER A 81 -6.49 -13.69 3.95
CA SER A 81 -7.40 -14.78 4.42
C SER A 81 -7.65 -15.78 3.28
N ILE A 82 -8.48 -16.77 3.53
CA ILE A 82 -8.77 -17.81 2.50
C ILE A 82 -8.93 -17.18 1.12
N LEU A 83 -9.22 -15.91 1.05
CA LEU A 83 -9.37 -15.24 -0.27
C LEU A 83 -8.21 -15.64 -1.19
N SER A 84 -8.40 -15.59 -2.48
CA SER A 84 -7.30 -15.97 -3.42
C SER A 84 -7.35 -15.09 -4.70
N PRO A 85 -8.50 -14.93 -5.30
CA PRO A 85 -8.61 -14.12 -6.54
C PRO A 85 -8.41 -12.64 -6.21
N LYS A 86 -7.85 -12.33 -5.06
CA LYS A 86 -7.65 -10.89 -4.71
C LYS A 86 -6.70 -10.77 -3.52
N GLU A 87 -5.88 -11.76 -3.28
CA GLU A 87 -4.93 -11.67 -2.14
C GLU A 87 -3.76 -10.77 -2.51
N VAL A 88 -3.94 -9.95 -3.51
CA VAL A 88 -2.87 -9.02 -3.96
C VAL A 88 -1.62 -9.82 -4.41
N SER A 89 -0.98 -10.55 -3.53
CA SER A 89 0.24 -11.32 -3.95
C SER A 89 1.04 -11.80 -2.72
N LEU A 90 0.39 -12.07 -1.61
CA LEU A 90 1.13 -12.56 -0.41
C LEU A 90 1.08 -14.08 -0.39
N ASP A 91 2.21 -14.74 -0.28
CA ASP A 91 2.22 -16.22 -0.24
C ASP A 91 3.62 -16.71 0.08
N SER A 92 3.99 -16.70 1.34
CA SER A 92 5.36 -17.17 1.71
C SER A 92 5.46 -17.27 3.24
N ARG A 93 6.65 -17.41 3.74
CA ARG A 93 6.84 -17.53 5.22
C ARG A 93 6.09 -16.37 5.89
N VAL A 94 5.80 -15.32 5.16
CA VAL A 94 5.08 -14.17 5.76
C VAL A 94 3.74 -14.67 6.31
N ARG A 95 3.09 -15.54 5.60
CA ARG A 95 1.77 -16.05 6.07
C ARG A 95 1.93 -16.74 7.42
N GLU A 96 3.09 -17.29 7.69
CA GLU A 96 3.31 -17.99 8.99
C GLU A 96 3.67 -16.98 10.09
N GLY A 97 4.55 -16.08 9.80
CA GLY A 97 4.95 -15.07 10.83
C GLY A 97 3.72 -14.33 11.35
N ILE A 98 2.79 -14.02 10.49
CA ILE A 98 1.56 -13.30 10.93
C ILE A 98 0.58 -14.27 11.59
N ASN A 99 0.63 -15.52 11.23
CA ASN A 99 -0.31 -16.51 11.83
C ASN A 99 0.01 -16.74 13.30
N LYS A 100 1.25 -16.55 13.70
CA LYS A 100 1.63 -16.77 15.14
C LYS A 100 1.77 -15.43 15.86
N LYS A 101 2.11 -14.38 15.17
CA LYS A 101 2.28 -13.05 15.84
C LYS A 101 0.92 -12.39 16.04
N MET A 102 -0.02 -12.69 15.19
CA MET A 102 -1.37 -12.06 15.29
C MET A 102 -1.98 -12.27 16.67
N GLN A 103 -1.40 -13.08 17.53
CA GLN A 103 -2.00 -13.26 18.89
C GLN A 103 -1.59 -12.08 19.77
N GLU A 104 -0.72 -11.25 19.27
CA GLU A 104 -0.27 -10.05 20.05
C GLU A 104 0.29 -9.02 19.06
N PRO A 105 -0.59 -8.41 18.27
CA PRO A 105 -0.16 -7.44 17.26
C PRO A 105 0.45 -6.18 17.92
N SER A 106 0.80 -5.22 17.11
CA SER A 106 1.38 -3.95 17.65
C SER A 106 1.61 -2.95 16.51
N ALA A 107 0.60 -2.65 15.75
CA ALA A 107 0.77 -1.67 14.63
C ALA A 107 2.05 -1.97 13.85
N HIS A 108 2.57 -3.15 13.98
CA HIS A 108 3.82 -3.52 13.22
C HIS A 108 3.69 -4.97 12.75
N THR A 109 2.49 -5.44 12.64
CA THR A 109 2.26 -6.85 12.20
C THR A 109 2.38 -6.96 10.68
N PHE A 110 1.80 -6.02 9.96
CA PHE A 110 1.88 -6.09 8.48
C PHE A 110 3.17 -5.44 7.99
N ASP A 111 3.87 -4.73 8.86
CA ASP A 111 5.15 -4.05 8.46
C ASP A 111 5.90 -4.87 7.40
N ASP A 112 5.98 -6.16 7.58
CA ASP A 112 6.68 -7.00 6.56
C ASP A 112 5.84 -7.01 5.28
N ALA A 113 4.58 -7.34 5.39
CA ALA A 113 3.70 -7.35 4.19
C ALA A 113 3.71 -5.95 3.57
N GLN A 114 3.63 -4.95 4.38
CA GLN A 114 3.64 -3.55 3.85
C GLN A 114 4.94 -3.31 3.10
N LEU A 115 5.95 -4.10 3.39
CA LEU A 115 7.25 -3.93 2.69
C LEU A 115 7.20 -4.66 1.34
N GLN A 116 6.99 -5.95 1.36
CA GLN A 116 6.92 -6.71 0.08
C GLN A 116 6.03 -5.97 -0.93
N ILE A 117 4.91 -5.45 -0.49
CA ILE A 117 3.99 -4.76 -1.44
C ILE A 117 4.65 -3.47 -1.95
N TYR A 118 5.00 -2.58 -1.07
CA TYR A 118 5.63 -1.30 -1.50
C TYR A 118 6.69 -1.59 -2.55
N THR A 119 7.21 -2.79 -2.57
CA THR A 119 8.25 -3.13 -3.57
C THR A 119 7.56 -3.53 -4.88
N LEU A 120 6.43 -4.21 -4.78
CA LEU A 120 5.71 -4.65 -6.01
C LEU A 120 5.32 -3.42 -6.84
N MET A 121 4.71 -2.44 -6.24
CA MET A 121 4.33 -1.23 -7.02
C MET A 121 5.60 -0.54 -7.53
N HIS A 122 6.48 -0.19 -6.63
CA HIS A 122 7.74 0.50 -7.06
C HIS A 122 8.37 -0.27 -8.22
N ARG A 123 8.27 -1.56 -8.21
CA ARG A 123 8.91 -2.36 -9.31
C ARG A 123 8.00 -2.42 -10.55
N ASP A 124 6.71 -2.59 -10.38
CA ASP A 124 5.80 -2.70 -11.57
C ASP A 124 5.14 -1.35 -11.93
N SER A 125 4.99 -0.46 -10.97
CA SER A 125 4.31 0.85 -11.29
C SER A 125 5.30 1.99 -11.56
N TYR A 126 6.44 1.98 -10.96
CA TYR A 126 7.41 3.10 -11.20
C TYR A 126 7.93 3.12 -12.65
N PRO A 127 8.26 1.97 -13.21
CA PRO A 127 8.77 1.93 -14.60
C PRO A 127 7.75 2.52 -15.58
N ARG A 128 6.49 2.25 -15.40
CA ARG A 128 5.46 2.79 -16.35
C ARG A 128 4.92 4.13 -15.84
N PHE A 129 4.81 4.30 -14.54
CA PHE A 129 4.27 5.58 -14.00
C PHE A 129 5.01 6.76 -14.65
N LEU A 130 6.31 6.74 -14.64
CA LEU A 130 7.08 7.88 -15.24
C LEU A 130 6.70 8.05 -16.70
N SER A 131 6.01 7.10 -17.28
CA SER A 131 5.62 7.19 -18.72
C SER A 131 4.10 7.15 -18.85
N SER A 132 3.39 6.88 -17.79
CA SER A 132 1.90 6.84 -17.89
C SER A 132 1.38 8.25 -18.21
N PRO A 133 0.31 8.36 -19.00
CA PRO A 133 -0.24 9.68 -19.34
C PRO A 133 -0.72 10.39 -18.06
N THR A 134 -1.15 9.64 -17.08
CA THR A 134 -1.63 10.27 -15.81
C THR A 134 -0.58 11.25 -15.28
N TYR A 135 0.67 11.00 -15.57
CA TYR A 135 1.76 11.91 -15.08
C TYR A 135 2.15 12.87 -16.21
N ARG A 136 2.07 12.46 -17.45
CA ARG A 136 2.43 13.43 -18.55
C ARG A 136 1.14 14.18 -18.93
N ALA A 137 0.12 14.01 -18.12
CA ALA A 137 -1.17 14.69 -18.37
C ALA A 137 -1.18 16.05 -17.67
N LEU A 138 -0.46 16.15 -16.58
CA LEU A 138 -0.39 17.45 -15.84
C LEU A 138 0.96 18.08 -16.13
N LEU A 139 1.72 17.44 -16.99
CA LEU A 139 3.07 17.97 -17.36
C LEU A 139 2.94 18.84 -18.61
N PRO A 12 -0.20 19.94 -6.70
CA PRO A 12 -1.10 20.49 -7.73
C PRO A 12 -0.31 21.44 -8.64
N SER A 13 0.97 21.19 -8.81
CA SER A 13 1.79 22.08 -9.69
C SER A 13 3.05 21.32 -10.14
N PRO A 14 3.72 21.82 -11.16
CA PRO A 14 4.95 21.18 -11.67
C PRO A 14 5.94 20.93 -10.53
N GLU A 15 5.75 21.52 -9.38
CA GLU A 15 6.67 21.26 -8.25
C GLU A 15 6.41 19.84 -7.74
N GLU A 16 5.21 19.38 -7.93
CA GLU A 16 4.86 18.00 -7.50
C GLU A 16 5.22 17.02 -8.63
N VAL A 17 5.07 17.47 -9.83
CA VAL A 17 5.40 16.63 -11.02
C VAL A 17 6.91 16.67 -11.28
N GLN A 18 7.58 17.75 -11.00
CA GLN A 18 9.06 17.78 -11.25
C GLN A 18 9.78 17.16 -10.05
N SER A 19 9.22 17.29 -8.88
CA SER A 19 9.89 16.73 -7.66
C SER A 19 9.57 15.24 -7.46
N TRP A 20 8.38 14.81 -7.75
CA TRP A 20 8.02 13.37 -7.54
C TRP A 20 8.87 12.49 -8.43
N ALA A 21 9.24 12.98 -9.58
CA ALA A 21 10.06 12.13 -10.51
C ALA A 21 11.52 12.13 -10.04
N GLN A 22 11.79 12.72 -8.90
CA GLN A 22 13.18 12.75 -8.37
C GLN A 22 13.26 11.92 -7.09
N SER A 23 12.14 11.69 -6.45
CA SER A 23 12.17 10.88 -5.20
C SER A 23 10.82 10.15 -5.02
N PHE A 24 10.83 9.01 -4.39
CA PHE A 24 9.56 8.24 -4.18
C PHE A 24 8.84 8.75 -2.92
N ASP A 25 9.55 9.10 -1.89
CA ASP A 25 8.89 9.59 -0.65
C ASP A 25 7.84 10.65 -0.99
N LYS A 26 8.24 11.70 -1.64
CA LYS A 26 7.27 12.79 -1.99
C LYS A 26 6.00 12.19 -2.57
N LEU A 27 6.08 11.04 -3.18
CA LEU A 27 4.85 10.42 -3.78
C LEU A 27 3.92 9.89 -2.68
N MET A 28 4.47 9.28 -1.65
CA MET A 28 3.61 8.72 -0.56
C MET A 28 3.60 9.65 0.65
N HIS A 29 4.62 10.45 0.83
CA HIS A 29 4.66 11.35 2.01
C HIS A 29 3.89 12.65 1.70
N SER A 30 2.89 12.59 0.85
CA SER A 30 2.11 13.82 0.53
C SER A 30 0.63 13.41 0.26
N PRO A 31 -0.32 14.27 0.60
CA PRO A 31 -1.76 13.96 0.39
C PRO A 31 -2.11 13.84 -1.10
N ALA A 32 -1.59 14.71 -1.94
CA ALA A 32 -1.95 14.65 -3.38
C ALA A 32 -1.23 13.50 -4.09
N GLY A 33 -0.09 13.10 -3.62
CA GLY A 33 0.63 11.98 -4.29
C GLY A 33 -0.24 10.72 -4.24
N ARG A 34 -0.42 10.19 -3.06
CA ARG A 34 -1.25 8.94 -2.91
C ARG A 34 -2.52 9.04 -3.77
N SER A 35 -2.88 10.21 -4.21
CA SER A 35 -4.11 10.36 -5.03
C SER A 35 -3.82 9.97 -6.49
N VAL A 36 -2.94 10.67 -7.15
CA VAL A 36 -2.62 10.34 -8.57
C VAL A 36 -2.23 8.87 -8.69
N PHE A 37 -1.49 8.36 -7.74
CA PHE A 37 -1.09 6.93 -7.82
C PHE A 37 -2.36 6.08 -7.65
N ARG A 38 -3.24 6.50 -6.77
CA ARG A 38 -4.49 5.73 -6.55
C ARG A 38 -5.31 5.68 -7.85
N ALA A 39 -5.23 6.71 -8.66
CA ALA A 39 -6.04 6.71 -9.92
C ALA A 39 -5.38 5.82 -10.99
N PHE A 40 -4.19 6.16 -11.41
CA PHE A 40 -3.51 5.33 -12.45
C PHE A 40 -3.63 3.85 -12.09
N LEU A 41 -3.29 3.49 -10.88
CA LEU A 41 -3.40 2.06 -10.47
C LEU A 41 -4.83 1.56 -10.68
N ARG A 42 -5.81 2.31 -10.22
CA ARG A 42 -7.23 1.87 -10.39
C ARG A 42 -7.45 1.32 -11.80
N THR A 43 -6.87 1.94 -12.79
CA THR A 43 -7.04 1.43 -14.17
C THR A 43 -6.49 0.02 -14.26
N GLU A 44 -5.21 -0.14 -13.99
CA GLU A 44 -4.59 -1.49 -14.06
C GLU A 44 -5.24 -2.44 -13.05
N TYR A 45 -6.46 -2.20 -12.65
CA TYR A 45 -7.15 -3.10 -11.68
C TYR A 45 -6.23 -3.49 -10.52
N SER A 46 -5.30 -2.64 -10.19
CA SER A 46 -4.36 -2.93 -9.06
C SER A 46 -4.60 -1.89 -7.95
N GLU A 47 -5.83 -1.69 -7.58
CA GLU A 47 -6.16 -0.69 -6.51
C GLU A 47 -6.03 -1.33 -5.12
N GLU A 48 -6.51 -2.54 -4.97
CA GLU A 48 -6.44 -3.20 -3.63
C GLU A 48 -5.04 -3.02 -3.03
N ASN A 49 -4.02 -2.91 -3.85
CA ASN A 49 -2.65 -2.72 -3.31
C ASN A 49 -2.53 -1.31 -2.72
N MET A 50 -3.05 -0.32 -3.40
CA MET A 50 -2.96 1.07 -2.88
C MET A 50 -3.47 1.12 -1.44
N LEU A 51 -4.71 0.75 -1.24
CA LEU A 51 -5.28 0.78 0.13
C LEU A 51 -4.45 -0.10 1.06
N PHE A 52 -4.04 -1.25 0.60
CA PHE A 52 -3.22 -2.16 1.46
C PHE A 52 -2.09 -1.36 2.11
N TRP A 53 -1.60 -0.35 1.44
CA TRP A 53 -0.50 0.47 2.00
C TRP A 53 -1.06 1.44 3.06
N LEU A 54 -2.12 2.13 2.75
CA LEU A 54 -2.69 3.08 3.74
C LEU A 54 -3.25 2.31 4.95
N ALA A 55 -3.97 1.24 4.70
CA ALA A 55 -4.52 0.46 5.84
C ALA A 55 -3.37 0.11 6.81
N CYS A 56 -2.25 -0.30 6.28
CA CYS A 56 -1.09 -0.64 7.16
C CYS A 56 -0.57 0.63 7.83
N GLU A 57 -0.50 1.71 7.10
CA GLU A 57 0.00 2.98 7.70
C GLU A 57 -1.11 3.59 8.57
N GLU A 58 -2.30 3.08 8.46
CA GLU A 58 -3.40 3.61 9.31
C GLU A 58 -3.26 2.98 10.69
N LEU A 59 -2.95 1.70 10.73
CA LEU A 59 -2.79 1.00 12.03
C LEU A 59 -1.61 1.60 12.80
N LYS A 60 -0.80 2.43 12.19
CA LYS A 60 0.35 3.02 12.93
C LYS A 60 -0.15 4.19 13.78
N ALA A 61 -1.21 4.83 13.37
CA ALA A 61 -1.77 5.96 14.16
C ALA A 61 -2.76 5.40 15.15
N GLU A 62 -2.87 4.10 15.21
CA GLU A 62 -3.84 3.47 16.14
C GLU A 62 -3.26 3.43 17.56
N ALA A 63 -2.52 2.41 17.89
CA ALA A 63 -1.96 2.33 19.27
C ALA A 63 -3.10 2.60 20.26
N ASN A 64 -3.85 1.58 20.58
CA ASN A 64 -5.00 1.73 21.50
C ASN A 64 -5.36 0.34 22.04
N GLN A 65 -4.72 -0.67 21.50
CA GLN A 65 -4.95 -2.08 21.97
C GLN A 65 -6.38 -2.56 21.67
N HIS A 66 -7.37 -1.91 22.19
CA HIS A 66 -8.76 -2.39 21.97
C HIS A 66 -9.15 -2.35 20.49
N VAL A 67 -9.01 -1.23 19.81
CA VAL A 67 -9.38 -1.21 18.37
C VAL A 67 -8.25 -1.85 17.55
N VAL A 68 -7.10 -1.98 18.12
CA VAL A 68 -5.97 -2.61 17.39
C VAL A 68 -6.36 -4.02 16.97
N ASP A 69 -7.18 -4.66 17.78
CA ASP A 69 -7.60 -6.07 17.47
C ASP A 69 -8.76 -6.09 16.46
N GLU A 70 -9.70 -5.18 16.58
CA GLU A 70 -10.84 -5.19 15.61
C GLU A 70 -10.32 -4.90 14.19
N LYS A 71 -9.63 -3.81 14.05
CA LYS A 71 -9.08 -3.42 12.72
C LYS A 71 -8.09 -4.49 12.22
N ALA A 72 -7.25 -4.99 13.07
CA ALA A 72 -6.27 -6.03 12.63
C ALA A 72 -7.01 -7.11 11.83
N ARG A 73 -8.19 -7.46 12.26
CA ARG A 73 -8.96 -8.51 11.53
C ARG A 73 -9.35 -7.99 10.14
N LEU A 74 -9.86 -6.80 10.05
CA LEU A 74 -10.25 -6.25 8.71
C LEU A 74 -9.14 -6.51 7.69
N ILE A 75 -7.91 -6.21 8.02
CA ILE A 75 -6.81 -6.45 7.05
C ILE A 75 -6.71 -7.94 6.73
N TYR A 76 -6.51 -8.76 7.73
CA TYR A 76 -6.41 -10.23 7.47
C TYR A 76 -7.73 -10.73 6.86
N GLU A 77 -8.83 -10.30 7.39
CA GLU A 77 -10.16 -10.73 6.88
C GLU A 77 -10.39 -10.21 5.45
N ASP A 78 -10.15 -8.95 5.23
CA ASP A 78 -10.40 -8.35 3.88
C ASP A 78 -9.53 -8.99 2.79
N TYR A 79 -8.46 -9.68 3.14
CA TYR A 79 -7.59 -10.28 2.07
C TYR A 79 -7.14 -11.70 2.40
N VAL A 80 -6.02 -11.84 3.08
CA VAL A 80 -5.46 -13.19 3.42
C VAL A 80 -6.56 -14.24 3.61
N SER A 81 -7.68 -13.88 4.15
CA SER A 81 -8.76 -14.89 4.37
C SER A 81 -9.05 -15.65 3.07
N ILE A 82 -10.01 -16.54 3.09
CA ILE A 82 -10.36 -17.35 1.89
C ILE A 82 -10.39 -16.47 0.64
N LEU A 83 -10.72 -15.21 0.79
CA LEU A 83 -10.79 -14.29 -0.40
C LEU A 83 -9.64 -14.60 -1.38
N SER A 84 -9.89 -14.44 -2.65
CA SER A 84 -8.81 -14.72 -3.66
C SER A 84 -8.93 -13.78 -4.88
N PRO A 85 -10.13 -13.61 -5.43
CA PRO A 85 -10.31 -12.75 -6.61
C PRO A 85 -10.09 -11.27 -6.23
N LYS A 86 -9.24 -11.01 -5.27
CA LYS A 86 -8.98 -9.60 -4.86
C LYS A 86 -7.87 -9.58 -3.81
N GLU A 87 -7.25 -10.69 -3.57
CA GLU A 87 -6.15 -10.73 -2.56
C GLU A 87 -4.89 -10.09 -3.13
N VAL A 88 -4.06 -9.53 -2.30
CA VAL A 88 -2.82 -8.89 -2.81
C VAL A 88 -1.78 -9.99 -3.11
N SER A 89 -0.97 -9.79 -4.11
CA SER A 89 0.06 -10.82 -4.45
C SER A 89 0.96 -11.07 -3.25
N LEU A 90 0.58 -11.97 -2.38
CA LEU A 90 1.43 -12.28 -1.19
C LEU A 90 1.28 -13.77 -0.86
N ASP A 91 2.37 -14.43 -0.52
CA ASP A 91 2.30 -15.88 -0.20
C ASP A 91 3.72 -16.43 -0.02
N SER A 92 4.18 -16.52 1.19
CA SER A 92 5.56 -17.04 1.43
C SER A 92 5.78 -17.17 2.94
N ARG A 93 7.02 -17.29 3.34
CA ARG A 93 7.31 -17.41 4.81
C ARG A 93 6.56 -16.31 5.55
N VAL A 94 6.18 -15.26 4.87
CA VAL A 94 5.45 -14.15 5.54
C VAL A 94 4.05 -14.63 5.94
N ARG A 95 3.44 -15.44 5.11
CA ARG A 95 2.07 -15.94 5.44
C ARG A 95 2.10 -16.68 6.78
N GLU A 96 3.20 -17.27 7.11
CA GLU A 96 3.30 -18.02 8.40
C GLU A 96 3.62 -17.04 9.53
N GLY A 97 4.52 -16.14 9.31
CA GLY A 97 4.87 -15.16 10.38
C GLY A 97 3.62 -14.41 10.83
N ILE A 98 2.74 -14.10 9.91
CA ILE A 98 1.50 -13.37 10.29
C ILE A 98 0.51 -14.32 10.95
N ASN A 99 0.52 -15.56 10.56
CA ASN A 99 -0.42 -16.54 11.17
C ASN A 99 -0.05 -16.79 12.63
N LYS A 100 1.21 -16.63 12.96
CA LYS A 100 1.65 -16.85 14.38
C LYS A 100 1.73 -15.51 15.11
N LYS A 101 1.97 -14.44 14.41
CA LYS A 101 2.07 -13.11 15.09
C LYS A 101 0.66 -12.56 15.33
N MET A 102 -0.31 -13.01 14.56
CA MET A 102 -1.71 -12.53 14.73
C MET A 102 -2.07 -12.49 16.22
N GLN A 103 -1.65 -13.45 17.00
CA GLN A 103 -1.99 -13.40 18.45
C GLN A 103 -1.23 -12.23 19.07
N GLU A 104 -1.92 -11.35 19.75
CA GLU A 104 -1.24 -10.17 20.34
C GLU A 104 -0.49 -9.42 19.24
N PRO A 105 -1.24 -8.78 18.35
CA PRO A 105 -0.64 -8.05 17.22
C PRO A 105 0.13 -6.82 17.72
N SER A 106 0.54 -5.97 16.81
CA SER A 106 1.29 -4.74 17.21
C SER A 106 1.14 -3.69 16.10
N ALA A 107 1.31 -2.42 16.41
CA ALA A 107 1.16 -1.39 15.34
C ALA A 107 2.31 -1.50 14.33
N HIS A 108 2.84 -2.68 14.14
CA HIS A 108 3.95 -2.86 13.17
C HIS A 108 4.03 -4.33 12.76
N THR A 109 2.90 -4.98 12.68
CA THR A 109 2.89 -6.44 12.31
C THR A 109 2.94 -6.60 10.78
N PHE A 110 2.20 -5.80 10.06
CA PHE A 110 2.22 -5.92 8.57
C PHE A 110 3.46 -5.25 8.00
N ASP A 111 4.21 -4.54 8.82
CA ASP A 111 5.44 -3.84 8.33
C ASP A 111 6.17 -4.70 7.29
N ASP A 112 6.49 -5.91 7.62
CA ASP A 112 7.19 -6.79 6.63
C ASP A 112 6.33 -6.90 5.38
N ALA A 113 5.08 -7.24 5.52
CA ALA A 113 4.19 -7.35 4.34
C ALA A 113 4.13 -6.00 3.62
N GLN A 114 3.91 -4.95 4.36
CA GLN A 114 3.84 -3.60 3.74
C GLN A 114 5.14 -3.33 2.98
N LEU A 115 6.19 -4.03 3.32
CA LEU A 115 7.48 -3.82 2.62
C LEU A 115 7.45 -4.58 1.30
N GLN A 116 7.27 -5.87 1.34
CA GLN A 116 7.25 -6.67 0.08
C GLN A 116 6.32 -6.00 -0.94
N ILE A 117 5.16 -5.56 -0.54
CA ILE A 117 4.23 -4.95 -1.52
C ILE A 117 4.78 -3.60 -2.01
N TYR A 118 5.11 -2.72 -1.10
CA TYR A 118 5.66 -1.39 -1.52
C TYR A 118 6.75 -1.61 -2.56
N THR A 119 7.38 -2.75 -2.54
CA THR A 119 8.44 -3.04 -3.52
C THR A 119 7.80 -3.42 -4.85
N LEU A 120 6.67 -4.09 -4.80
CA LEU A 120 5.98 -4.49 -6.06
C LEU A 120 5.65 -3.25 -6.90
N MET A 121 5.08 -2.24 -6.30
CA MET A 121 4.75 -1.02 -7.09
C MET A 121 6.04 -0.40 -7.63
N HIS A 122 7.04 -0.29 -6.79
CA HIS A 122 8.32 0.33 -7.26
C HIS A 122 8.81 -0.36 -8.54
N ARG A 123 8.60 -1.64 -8.66
CA ARG A 123 9.12 -2.38 -9.86
C ARG A 123 8.07 -2.44 -10.98
N ASP A 124 6.82 -2.69 -10.67
CA ASP A 124 5.79 -2.82 -11.74
C ASP A 124 5.11 -1.49 -12.10
N SER A 125 4.96 -0.60 -11.15
CA SER A 125 4.26 0.70 -11.45
C SER A 125 5.24 1.84 -11.75
N TYR A 126 6.41 1.82 -11.17
CA TYR A 126 7.37 2.95 -11.42
C TYR A 126 7.84 2.99 -12.89
N PRO A 127 8.14 1.86 -13.51
CA PRO A 127 8.62 1.87 -14.91
C PRO A 127 7.56 2.48 -15.84
N ARG A 128 6.30 2.21 -15.61
CA ARG A 128 5.24 2.76 -16.50
C ARG A 128 4.73 4.10 -15.95
N PHE A 129 4.68 4.23 -14.65
CA PHE A 129 4.18 5.51 -14.07
C PHE A 129 4.88 6.70 -14.75
N LEU A 130 6.19 6.71 -14.77
CA LEU A 130 6.92 7.84 -15.40
C LEU A 130 6.51 7.98 -16.87
N SER A 131 5.84 7.00 -17.41
CA SER A 131 5.42 7.06 -18.85
C SER A 131 3.89 7.00 -18.96
N SER A 132 3.21 6.93 -17.85
CA SER A 132 1.72 6.86 -17.91
C SER A 132 1.17 8.27 -18.22
N PRO A 133 0.09 8.37 -18.98
CA PRO A 133 -0.49 9.69 -19.31
C PRO A 133 -0.94 10.39 -18.01
N THR A 134 -1.36 9.63 -17.04
CA THR A 134 -1.82 10.25 -15.76
C THR A 134 -0.76 11.22 -15.23
N TYR A 135 0.49 10.96 -15.53
CA TYR A 135 1.59 11.87 -15.06
C TYR A 135 1.95 12.86 -16.18
N ARG A 136 1.84 12.49 -17.43
CA ARG A 136 2.15 13.47 -18.52
C ARG A 136 0.85 14.20 -18.87
N ALA A 137 -0.14 14.03 -18.04
CA ALA A 137 -1.46 14.68 -18.26
C ALA A 137 -1.54 16.01 -17.51
N LEU A 138 -0.86 16.10 -16.39
CA LEU A 138 -0.87 17.36 -15.59
C LEU A 138 0.45 18.09 -15.85
N LEU A 139 1.26 17.53 -16.71
CA LEU A 139 2.59 18.16 -17.02
C LEU A 139 2.50 18.90 -18.35
N PRO A 12 -0.92 20.33 -7.92
CA PRO A 12 -1.05 19.93 -9.34
C PRO A 12 -0.23 20.88 -10.22
N SER A 13 0.70 21.58 -9.63
CA SER A 13 1.55 22.53 -10.41
C SER A 13 2.79 21.80 -10.94
N PRO A 14 3.52 22.42 -11.86
CA PRO A 14 4.73 21.79 -12.43
C PRO A 14 5.66 21.29 -11.31
N GLU A 15 5.32 21.53 -10.08
CA GLU A 15 6.18 21.06 -8.97
C GLU A 15 5.82 19.60 -8.62
N GLU A 16 4.57 19.36 -8.31
CA GLU A 16 4.14 17.97 -7.96
C GLU A 16 4.69 16.97 -9.00
N VAL A 17 4.60 17.31 -10.25
CA VAL A 17 5.13 16.43 -11.34
C VAL A 17 6.66 16.45 -11.29
N GLN A 18 7.29 17.57 -11.54
CA GLN A 18 8.78 17.59 -11.50
C GLN A 18 9.27 17.07 -10.16
N SER A 19 8.49 17.24 -9.12
CA SER A 19 8.91 16.79 -7.76
C SER A 19 8.74 15.28 -7.60
N TRP A 20 7.62 14.75 -8.00
CA TRP A 20 7.38 13.28 -7.81
C TRP A 20 8.29 12.46 -8.71
N ALA A 21 8.89 13.04 -9.71
CA ALA A 21 9.74 12.23 -10.65
C ALA A 21 11.21 12.27 -10.22
N GLN A 22 11.53 12.96 -9.15
CA GLN A 22 12.95 13.02 -8.67
C GLN A 22 13.10 12.23 -7.37
N SER A 23 12.02 11.97 -6.67
CA SER A 23 12.13 11.20 -5.40
C SER A 23 10.86 10.37 -5.18
N PHE A 24 10.95 9.31 -4.40
CA PHE A 24 9.76 8.44 -4.16
C PHE A 24 8.96 8.94 -2.94
N ASP A 25 9.62 9.29 -1.87
CA ASP A 25 8.89 9.76 -0.66
C ASP A 25 7.78 10.75 -1.05
N LYS A 26 8.15 11.84 -1.68
CA LYS A 26 7.12 12.85 -2.07
C LYS A 26 5.91 12.17 -2.72
N LEU A 27 6.09 10.99 -3.26
CA LEU A 27 4.94 10.28 -3.90
C LEU A 27 3.91 9.87 -2.84
N MET A 28 4.36 9.34 -1.73
CA MET A 28 3.40 8.89 -0.67
C MET A 28 3.44 9.83 0.54
N HIS A 29 4.49 10.59 0.69
CA HIS A 29 4.57 11.51 1.86
C HIS A 29 3.82 12.81 1.56
N SER A 30 2.78 12.74 0.79
CA SER A 30 1.98 13.98 0.47
C SER A 30 0.55 13.57 0.08
N PRO A 31 -0.44 14.41 0.37
CA PRO A 31 -1.84 14.08 0.03
C PRO A 31 -2.03 13.95 -1.49
N ALA A 32 -1.52 14.88 -2.26
CA ALA A 32 -1.70 14.79 -3.74
C ALA A 32 -0.82 13.67 -4.30
N GLY A 33 0.29 13.41 -3.68
CA GLY A 33 1.16 12.31 -4.18
C GLY A 33 0.34 11.02 -4.20
N ARG A 34 0.12 10.46 -3.04
CA ARG A 34 -0.66 9.19 -2.95
C ARG A 34 -1.94 9.28 -3.80
N SER A 35 -2.31 10.46 -4.25
CA SER A 35 -3.56 10.59 -5.05
C SER A 35 -3.32 10.16 -6.50
N VAL A 36 -2.52 10.90 -7.22
CA VAL A 36 -2.26 10.54 -8.65
C VAL A 36 -1.92 9.06 -8.77
N PHE A 37 -1.27 8.50 -7.79
CA PHE A 37 -0.93 7.05 -7.87
C PHE A 37 -2.21 6.25 -7.64
N ARG A 38 -3.08 6.74 -6.80
CA ARG A 38 -4.35 6.03 -6.52
C ARG A 38 -5.22 5.98 -7.79
N ALA A 39 -5.14 6.98 -8.63
CA ALA A 39 -6.00 7.01 -9.85
C ALA A 39 -5.42 6.09 -10.95
N PHE A 40 -4.25 6.41 -11.45
CA PHE A 40 -3.64 5.57 -12.54
C PHE A 40 -3.84 4.08 -12.23
N LEU A 41 -3.54 3.68 -11.03
CA LEU A 41 -3.72 2.25 -10.65
C LEU A 41 -5.19 1.83 -10.76
N ARG A 42 -6.11 2.62 -10.27
CA ARG A 42 -7.55 2.24 -10.37
C ARG A 42 -7.87 1.77 -11.78
N THR A 43 -7.35 2.42 -12.78
CA THR A 43 -7.62 1.98 -14.16
C THR A 43 -7.19 0.52 -14.31
N GLU A 44 -5.92 0.26 -14.18
CA GLU A 44 -5.41 -1.13 -14.30
C GLU A 44 -6.07 -2.04 -13.25
N TYR A 45 -7.02 -1.55 -12.51
CA TYR A 45 -7.69 -2.41 -11.48
C TYR A 45 -6.66 -2.98 -10.51
N SER A 46 -5.56 -2.29 -10.32
CA SER A 46 -4.49 -2.79 -9.39
C SER A 46 -4.40 -1.87 -8.16
N GLU A 47 -5.35 -0.99 -7.98
CA GLU A 47 -5.28 -0.08 -6.80
C GLU A 47 -5.43 -0.84 -5.49
N GLU A 48 -6.10 -1.99 -5.50
CA GLU A 48 -6.27 -2.75 -4.23
C GLU A 48 -4.92 -2.83 -3.49
N ASN A 49 -3.85 -2.75 -4.23
CA ASN A 49 -2.50 -2.82 -3.60
C ASN A 49 -2.26 -1.51 -2.83
N MET A 50 -2.75 -0.42 -3.34
CA MET A 50 -2.54 0.89 -2.66
C MET A 50 -3.28 0.89 -1.31
N LEU A 51 -4.57 0.71 -1.34
CA LEU A 51 -5.35 0.73 -0.06
C LEU A 51 -4.61 -0.15 0.96
N PHE A 52 -4.21 -1.32 0.57
CA PHE A 52 -3.47 -2.22 1.50
C PHE A 52 -2.33 -1.43 2.15
N TRP A 53 -1.71 -0.55 1.41
CA TRP A 53 -0.59 0.24 1.98
C TRP A 53 -1.13 1.26 3.00
N LEU A 54 -2.18 1.98 2.64
CA LEU A 54 -2.74 2.98 3.61
C LEU A 54 -3.33 2.24 4.83
N ALA A 55 -4.19 1.28 4.60
CA ALA A 55 -4.82 0.53 5.74
C ALA A 55 -3.77 0.21 6.80
N CYS A 56 -2.62 -0.26 6.39
CA CYS A 56 -1.56 -0.60 7.40
C CYS A 56 -1.04 0.69 8.05
N GLU A 57 -0.95 1.76 7.30
CA GLU A 57 -0.45 3.03 7.89
C GLU A 57 -1.54 3.65 8.77
N GLU A 58 -2.77 3.26 8.58
CA GLU A 58 -3.85 3.82 9.43
C GLU A 58 -3.78 3.13 10.79
N LEU A 59 -3.57 1.84 10.80
CA LEU A 59 -3.48 1.08 12.07
C LEU A 59 -2.38 1.69 12.95
N LYS A 60 -1.62 2.61 12.43
CA LYS A 60 -0.53 3.22 13.26
C LYS A 60 -1.11 4.30 14.16
N ALA A 61 -2.23 4.86 13.81
CA ALA A 61 -2.84 5.92 14.65
C ALA A 61 -3.52 5.28 15.87
N GLU A 62 -3.97 4.07 15.74
CA GLU A 62 -4.63 3.42 16.91
C GLU A 62 -3.59 3.24 18.00
N ALA A 63 -3.36 4.26 18.78
CA ALA A 63 -2.35 4.15 19.87
C ALA A 63 -2.92 3.34 21.02
N ASN A 64 -4.07 2.76 20.84
CA ASN A 64 -4.71 1.97 21.93
C ASN A 64 -4.16 0.54 21.94
N GLN A 65 -4.99 -0.42 22.25
CA GLN A 65 -4.54 -1.83 22.28
C GLN A 65 -5.75 -2.75 22.12
N HIS A 66 -6.90 -2.32 22.55
CA HIS A 66 -8.12 -3.18 22.42
C HIS A 66 -8.65 -3.07 20.99
N VAL A 67 -8.82 -1.88 20.48
CA VAL A 67 -9.33 -1.72 19.09
C VAL A 67 -8.23 -2.17 18.12
N VAL A 68 -7.02 -2.20 18.58
CA VAL A 68 -5.88 -2.64 17.72
C VAL A 68 -6.15 -4.08 17.26
N ASP A 69 -6.95 -4.79 18.01
CA ASP A 69 -7.25 -6.20 17.65
C ASP A 69 -8.39 -6.26 16.63
N GLU A 70 -9.43 -5.49 16.82
CA GLU A 70 -10.57 -5.51 15.85
C GLU A 70 -10.06 -5.21 14.45
N LYS A 71 -9.39 -4.11 14.29
CA LYS A 71 -8.86 -3.72 12.96
C LYS A 71 -7.88 -4.79 12.45
N ALA A 72 -7.06 -5.31 13.30
CA ALA A 72 -6.10 -6.37 12.85
C ALA A 72 -6.85 -7.45 12.08
N ARG A 73 -8.10 -7.67 12.39
CA ARG A 73 -8.88 -8.72 11.67
C ARG A 73 -9.28 -8.20 10.28
N LEU A 74 -9.81 -7.01 10.21
CA LEU A 74 -10.21 -6.44 8.87
C LEU A 74 -9.12 -6.73 7.82
N ILE A 75 -7.91 -6.32 8.06
CA ILE A 75 -6.82 -6.57 7.07
C ILE A 75 -6.68 -8.07 6.85
N TYR A 76 -6.55 -8.83 7.90
CA TYR A 76 -6.40 -10.31 7.73
C TYR A 76 -7.66 -10.90 7.07
N GLU A 77 -8.80 -10.43 7.46
CA GLU A 77 -10.09 -10.94 6.89
C GLU A 77 -10.25 -10.51 5.43
N ASP A 78 -10.17 -9.22 5.19
CA ASP A 78 -10.38 -8.68 3.81
C ASP A 78 -9.42 -9.28 2.77
N TYR A 79 -8.32 -9.89 3.16
CA TYR A 79 -7.37 -10.43 2.14
C TYR A 79 -6.88 -11.84 2.49
N VAL A 80 -5.93 -11.95 3.38
CA VAL A 80 -5.37 -13.30 3.75
C VAL A 80 -6.46 -14.37 3.78
N SER A 81 -7.63 -14.05 4.27
CA SER A 81 -8.71 -15.06 4.31
C SER A 81 -9.39 -15.17 2.94
N ILE A 82 -10.28 -16.10 2.77
CA ILE A 82 -10.96 -16.25 1.46
C ILE A 82 -12.08 -15.19 1.35
N LEU A 83 -12.48 -14.81 0.17
CA LEU A 83 -13.56 -13.79 0.05
C LEU A 83 -13.87 -13.49 -1.44
N SER A 84 -12.90 -13.57 -2.31
CA SER A 84 -13.19 -13.29 -3.74
C SER A 84 -11.89 -13.51 -4.56
N PRO A 85 -12.01 -13.60 -5.87
CA PRO A 85 -10.84 -13.82 -6.74
C PRO A 85 -9.76 -12.76 -6.45
N LYS A 86 -10.14 -11.53 -6.22
CA LYS A 86 -9.11 -10.48 -5.94
C LYS A 86 -8.33 -10.86 -4.68
N GLU A 87 -7.02 -10.78 -4.74
CA GLU A 87 -6.21 -11.14 -3.54
C GLU A 87 -4.78 -10.62 -3.75
N VAL A 88 -4.33 -9.73 -2.89
CA VAL A 88 -2.95 -9.18 -3.04
C VAL A 88 -1.94 -10.29 -3.26
N SER A 89 -0.98 -10.08 -4.12
CA SER A 89 0.05 -11.14 -4.38
C SER A 89 1.06 -11.14 -3.23
N LEU A 90 1.10 -12.20 -2.46
CA LEU A 90 2.07 -12.27 -1.32
C LEU A 90 2.61 -13.70 -1.21
N ASP A 91 3.85 -13.85 -0.83
CA ASP A 91 4.45 -15.22 -0.73
C ASP A 91 3.72 -16.03 0.34
N SER A 92 4.08 -17.29 0.48
CA SER A 92 3.42 -18.16 1.49
C SER A 92 4.26 -18.20 2.77
N ARG A 93 5.47 -17.74 2.71
CA ARG A 93 6.32 -17.76 3.94
C ARG A 93 5.78 -16.72 4.93
N VAL A 94 5.46 -15.55 4.45
CA VAL A 94 4.93 -14.49 5.34
C VAL A 94 3.53 -14.89 5.82
N ARG A 95 2.84 -15.68 5.03
CA ARG A 95 1.48 -16.13 5.42
C ARG A 95 1.55 -16.86 6.76
N GLU A 96 2.66 -17.49 7.04
CA GLU A 96 2.78 -18.22 8.34
C GLU A 96 3.22 -17.26 9.45
N GLY A 97 4.14 -16.39 9.15
CA GLY A 97 4.61 -15.43 10.19
C GLY A 97 3.44 -14.58 10.70
N ILE A 98 2.57 -14.16 9.81
CA ILE A 98 1.42 -13.32 10.25
C ILE A 98 0.38 -14.18 10.97
N ASN A 99 0.21 -15.41 10.56
CA ASN A 99 -0.79 -16.29 11.24
C ASN A 99 -0.29 -16.63 12.64
N LYS A 100 0.99 -16.52 12.87
CA LYS A 100 1.56 -16.85 14.22
C LYS A 100 1.80 -15.56 15.01
N LYS A 101 2.18 -14.49 14.34
CA LYS A 101 2.44 -13.22 15.07
C LYS A 101 1.12 -12.50 15.36
N MET A 102 0.11 -12.75 14.57
CA MET A 102 -1.22 -12.10 14.81
C MET A 102 -1.56 -12.11 16.30
N GLN A 103 -1.10 -13.07 17.05
CA GLN A 103 -1.42 -13.04 18.51
C GLN A 103 -0.65 -11.88 19.13
N GLU A 104 -1.30 -11.07 19.90
CA GLU A 104 -0.60 -9.89 20.51
C GLU A 104 0.08 -9.09 19.38
N PRO A 105 -0.72 -8.45 18.54
CA PRO A 105 -0.19 -7.67 17.41
C PRO A 105 0.56 -6.43 17.93
N SER A 106 0.88 -5.51 17.06
CA SER A 106 1.60 -4.29 17.52
C SER A 106 1.74 -3.29 16.36
N ALA A 107 0.78 -3.25 15.48
CA ALA A 107 0.84 -2.29 14.33
C ALA A 107 2.00 -2.63 13.40
N HIS A 108 3.18 -2.85 13.93
CA HIS A 108 4.33 -3.19 13.03
C HIS A 108 4.24 -4.69 12.69
N THR A 109 3.05 -5.20 12.65
CA THR A 109 2.85 -6.65 12.35
C THR A 109 2.88 -6.89 10.84
N PHE A 110 2.32 -5.99 10.06
CA PHE A 110 2.31 -6.19 8.59
C PHE A 110 3.56 -5.56 7.96
N ASP A 111 4.40 -4.93 8.75
CA ASP A 111 5.63 -4.30 8.20
C ASP A 111 6.28 -5.21 7.16
N ASP A 112 6.66 -6.40 7.54
CA ASP A 112 7.29 -7.33 6.57
C ASP A 112 6.42 -7.40 5.32
N ALA A 113 5.14 -7.52 5.49
CA ALA A 113 4.21 -7.59 4.32
C ALA A 113 4.14 -6.22 3.64
N GLN A 114 3.95 -5.19 4.42
CA GLN A 114 3.87 -3.83 3.84
C GLN A 114 5.16 -3.53 3.09
N LEU A 115 6.24 -4.14 3.49
CA LEU A 115 7.53 -3.90 2.79
C LEU A 115 7.53 -4.64 1.46
N GLN A 116 7.34 -5.93 1.49
CA GLN A 116 7.34 -6.71 0.23
C GLN A 116 6.43 -6.03 -0.79
N ILE A 117 5.28 -5.56 -0.39
CA ILE A 117 4.35 -4.93 -1.36
C ILE A 117 4.91 -3.59 -1.82
N TYR A 118 5.25 -2.71 -0.91
CA TYR A 118 5.80 -1.39 -1.32
C TYR A 118 6.91 -1.61 -2.34
N THR A 119 7.53 -2.75 -2.30
CA THR A 119 8.62 -3.04 -3.27
C THR A 119 8.01 -3.42 -4.62
N LEU A 120 6.87 -4.08 -4.60
CA LEU A 120 6.23 -4.49 -5.88
C LEU A 120 5.93 -3.25 -6.72
N MET A 121 5.35 -2.24 -6.14
CA MET A 121 5.05 -1.02 -6.93
C MET A 121 6.35 -0.41 -7.45
N HIS A 122 7.31 -0.25 -6.58
CA HIS A 122 8.61 0.36 -7.02
C HIS A 122 9.15 -0.34 -8.28
N ARG A 123 8.97 -1.63 -8.39
CA ARG A 123 9.53 -2.36 -9.57
C ARG A 123 8.53 -2.47 -10.73
N ASP A 124 7.28 -2.75 -10.44
CA ASP A 124 6.28 -2.93 -11.56
C ASP A 124 5.58 -1.61 -11.94
N SER A 125 5.38 -0.72 -11.01
CA SER A 125 4.64 0.55 -11.34
C SER A 125 5.61 1.71 -11.62
N TYR A 126 6.76 1.72 -11.02
CA TYR A 126 7.70 2.87 -11.25
C TYR A 126 8.22 2.92 -12.71
N PRO A 127 8.56 1.79 -13.30
CA PRO A 127 9.09 1.81 -14.68
C PRO A 127 8.06 2.40 -15.65
N ARG A 128 6.80 2.14 -15.45
CA ARG A 128 5.76 2.70 -16.39
C ARG A 128 5.24 4.04 -15.88
N PHE A 129 5.21 4.25 -14.60
CA PHE A 129 4.68 5.54 -14.07
C PHE A 129 5.43 6.72 -14.73
N LEU A 130 6.74 6.68 -14.75
CA LEU A 130 7.50 7.81 -15.38
C LEU A 130 7.04 7.99 -16.83
N SER A 131 6.33 7.02 -17.36
CA SER A 131 5.85 7.11 -18.77
C SER A 131 4.32 6.97 -18.82
N SER A 132 3.69 6.94 -17.69
CA SER A 132 2.20 6.80 -17.69
C SER A 132 1.57 8.14 -18.09
N PRO A 133 0.50 8.15 -18.86
CA PRO A 133 -0.16 9.40 -19.27
C PRO A 133 -0.63 10.17 -18.03
N THR A 134 -1.03 9.48 -17.00
CA THR A 134 -1.51 10.16 -15.76
C THR A 134 -0.44 11.15 -15.28
N TYR A 135 0.80 10.93 -15.63
CA TYR A 135 1.89 11.86 -15.19
C TYR A 135 2.24 12.83 -16.31
N ARG A 136 2.13 12.44 -17.56
CA ARG A 136 2.45 13.39 -18.67
C ARG A 136 1.15 14.07 -19.12
N ALA A 137 0.13 13.92 -18.33
CA ALA A 137 -1.20 14.53 -18.66
C ALA A 137 -1.25 15.97 -18.15
N LEU A 138 -0.49 16.28 -17.13
CA LEU A 138 -0.47 17.68 -16.58
C LEU A 138 0.92 18.25 -16.83
N LEU A 139 1.72 17.51 -17.56
CA LEU A 139 3.11 17.97 -17.86
C LEU A 139 3.10 18.75 -19.19
N PRO A 12 -0.31 20.67 -6.93
CA PRO A 12 -0.47 20.03 -8.26
C PRO A 12 0.35 20.82 -9.30
N SER A 13 1.28 21.61 -8.85
CA SER A 13 2.12 22.41 -9.80
C SER A 13 3.35 21.58 -10.20
N PRO A 14 4.06 22.01 -11.24
CA PRO A 14 5.26 21.29 -11.71
C PRO A 14 6.25 21.09 -10.56
N GLU A 15 5.95 21.56 -9.38
CA GLU A 15 6.88 21.36 -8.23
C GLU A 15 6.60 19.97 -7.65
N GLU A 16 5.39 19.51 -7.79
CA GLU A 16 5.05 18.16 -7.28
C GLU A 16 5.41 17.13 -8.36
N VAL A 17 5.25 17.52 -9.58
CA VAL A 17 5.60 16.64 -10.74
C VAL A 17 7.12 16.62 -10.94
N GLN A 18 7.76 17.74 -11.04
CA GLN A 18 9.24 17.71 -11.25
C GLN A 18 9.92 17.09 -10.01
N SER A 19 9.35 17.25 -8.85
CA SER A 19 9.98 16.71 -7.61
C SER A 19 9.62 15.22 -7.39
N TRP A 20 8.40 14.83 -7.65
CA TRP A 20 8.02 13.40 -7.43
C TRP A 20 8.88 12.50 -8.31
N ALA A 21 9.22 12.95 -9.48
CA ALA A 21 10.03 12.10 -10.39
C ALA A 21 11.48 12.08 -9.92
N GLN A 22 11.75 12.70 -8.81
CA GLN A 22 13.16 12.74 -8.27
C GLN A 22 13.22 11.92 -6.98
N SER A 23 12.12 11.74 -6.31
CA SER A 23 12.13 10.95 -5.04
C SER A 23 10.81 10.17 -4.90
N PHE A 24 10.85 9.06 -4.21
CA PHE A 24 9.60 8.24 -4.05
C PHE A 24 8.80 8.69 -2.82
N ASP A 25 9.46 9.02 -1.74
CA ASP A 25 8.72 9.46 -0.52
C ASP A 25 7.64 10.49 -0.88
N LYS A 26 8.03 11.58 -1.48
CA LYS A 26 7.03 12.64 -1.84
C LYS A 26 5.81 12.00 -2.51
N LEU A 27 5.96 10.88 -3.15
CA LEU A 27 4.80 10.24 -3.82
C LEU A 27 3.79 9.73 -2.79
N MET A 28 4.27 9.08 -1.74
CA MET A 28 3.33 8.53 -0.71
C MET A 28 3.36 9.42 0.54
N HIS A 29 4.41 10.16 0.74
CA HIS A 29 4.47 11.04 1.95
C HIS A 29 3.75 12.36 1.67
N SER A 30 2.72 12.33 0.86
CA SER A 30 1.96 13.59 0.57
C SER A 30 0.49 13.21 0.25
N PRO A 31 -0.47 14.07 0.60
CA PRO A 31 -1.90 13.79 0.34
C PRO A 31 -2.19 13.73 -1.17
N ALA A 32 -1.66 14.63 -1.94
CA ALA A 32 -1.96 14.63 -3.41
C ALA A 32 -1.21 13.51 -4.12
N GLY A 33 -0.05 13.13 -3.64
CA GLY A 33 0.70 12.03 -4.32
C GLY A 33 -0.14 10.74 -4.28
N ARG A 34 -0.32 10.19 -3.13
CA ARG A 34 -1.11 8.93 -3.00
C ARG A 34 -2.39 9.01 -3.84
N SER A 35 -2.76 10.19 -4.26
CA SER A 35 -4.01 10.33 -5.09
C SER A 35 -3.74 9.91 -6.54
N VAL A 36 -2.88 10.61 -7.24
CA VAL A 36 -2.61 10.25 -8.66
C VAL A 36 -2.24 8.77 -8.78
N PHE A 37 -1.53 8.24 -7.82
CA PHE A 37 -1.16 6.80 -7.89
C PHE A 37 -2.45 5.98 -7.75
N ARG A 38 -3.34 6.45 -6.92
CA ARG A 38 -4.62 5.72 -6.70
C ARG A 38 -5.44 5.70 -8.00
N ALA A 39 -5.30 6.71 -8.83
CA ALA A 39 -6.12 6.74 -10.09
C ALA A 39 -5.45 5.88 -11.17
N PHE A 40 -4.26 6.22 -11.59
CA PHE A 40 -3.56 5.42 -12.64
C PHE A 40 -3.71 3.91 -12.33
N LEU A 41 -3.43 3.52 -11.13
CA LEU A 41 -3.57 2.08 -10.76
C LEU A 41 -5.01 1.61 -11.04
N ARG A 42 -5.99 2.37 -10.63
CA ARG A 42 -7.41 1.96 -10.87
C ARG A 42 -7.56 1.47 -12.30
N THR A 43 -6.93 2.11 -13.24
CA THR A 43 -7.04 1.67 -14.65
C THR A 43 -6.55 0.22 -14.72
N GLU A 44 -5.29 0.00 -14.48
CA GLU A 44 -4.74 -1.39 -14.55
C GLU A 44 -5.61 -2.35 -13.72
N TYR A 45 -6.60 -1.86 -13.03
CA TYR A 45 -7.46 -2.77 -12.21
C TYR A 45 -6.68 -3.34 -11.02
N SER A 46 -5.70 -2.61 -10.55
CA SER A 46 -4.87 -3.08 -9.40
C SER A 46 -4.73 -1.97 -8.35
N GLU A 47 -5.83 -1.46 -7.85
CA GLU A 47 -5.76 -0.38 -6.82
C GLU A 47 -5.77 -0.99 -5.41
N GLU A 48 -6.21 -2.22 -5.26
CA GLU A 48 -6.24 -2.83 -3.89
C GLU A 48 -4.91 -2.59 -3.20
N ASN A 49 -3.81 -2.83 -3.89
CA ASN A 49 -2.49 -2.58 -3.26
C ASN A 49 -2.46 -1.17 -2.70
N MET A 50 -3.02 -0.22 -3.39
CA MET A 50 -3.02 1.19 -2.90
C MET A 50 -3.55 1.22 -1.47
N LEU A 51 -4.76 0.78 -1.28
CA LEU A 51 -5.36 0.77 0.09
C LEU A 51 -4.53 -0.12 1.00
N PHE A 52 -4.13 -1.26 0.51
CA PHE A 52 -3.31 -2.20 1.33
C PHE A 52 -2.17 -1.42 2.00
N TRP A 53 -1.65 -0.43 1.34
CA TRP A 53 -0.54 0.36 1.92
C TRP A 53 -1.07 1.30 3.02
N LEU A 54 -2.13 2.01 2.75
CA LEU A 54 -2.69 2.95 3.78
C LEU A 54 -3.24 2.15 4.96
N ALA A 55 -4.03 1.15 4.72
CA ALA A 55 -4.60 0.36 5.84
C ALA A 55 -3.46 -0.08 6.78
N CYS A 56 -2.35 -0.48 6.22
CA CYS A 56 -1.21 -0.92 7.07
C CYS A 56 -0.67 0.27 7.87
N GLU A 57 -0.64 1.43 7.27
CA GLU A 57 -0.11 2.63 7.99
C GLU A 57 -1.22 3.27 8.83
N GLU A 58 -2.44 3.15 8.41
CA GLU A 58 -3.56 3.75 9.21
C GLU A 58 -3.57 3.10 10.59
N LEU A 59 -3.34 1.81 10.64
CA LEU A 59 -3.35 1.09 11.94
C LEU A 59 -2.41 1.77 12.95
N LYS A 60 -1.75 2.84 12.56
CA LYS A 60 -0.83 3.54 13.50
C LYS A 60 -1.59 4.69 14.18
N ALA A 61 -2.72 5.07 13.64
CA ALA A 61 -3.51 6.19 14.25
C ALA A 61 -4.30 5.66 15.45
N GLU A 62 -4.63 4.40 15.46
CA GLU A 62 -5.41 3.86 16.63
C GLU A 62 -4.78 4.37 17.94
N ALA A 63 -3.55 4.04 18.18
CA ALA A 63 -2.87 4.52 19.42
C ALA A 63 -3.45 3.80 20.64
N ASN A 64 -4.69 3.40 20.56
CA ASN A 64 -5.34 2.70 21.70
C ASN A 64 -4.59 1.40 22.02
N GLN A 65 -5.31 0.36 22.31
CA GLN A 65 -4.68 -0.95 22.63
C GLN A 65 -5.68 -2.06 22.36
N HIS A 66 -6.94 -1.82 22.58
CA HIS A 66 -7.98 -2.85 22.33
C HIS A 66 -8.48 -2.74 20.90
N VAL A 67 -8.51 -1.56 20.35
CA VAL A 67 -8.99 -1.41 18.94
C VAL A 67 -7.92 -1.97 18.00
N VAL A 68 -6.73 -2.08 18.50
CA VAL A 68 -5.62 -2.62 17.67
C VAL A 68 -5.99 -4.04 17.22
N ASP A 69 -6.84 -4.69 17.97
CA ASP A 69 -7.23 -6.09 17.63
C ASP A 69 -8.40 -6.11 16.62
N GLU A 70 -9.52 -5.52 16.97
CA GLU A 70 -10.68 -5.53 16.03
C GLU A 70 -10.23 -5.19 14.61
N LYS A 71 -9.57 -4.08 14.45
CA LYS A 71 -9.11 -3.64 13.11
C LYS A 71 -8.07 -4.62 12.55
N ALA A 72 -7.14 -5.06 13.35
CA ALA A 72 -6.12 -6.00 12.82
C ALA A 72 -6.83 -7.16 12.07
N ARG A 73 -8.01 -7.50 12.49
CA ARG A 73 -8.75 -8.61 11.81
C ARG A 73 -9.20 -8.13 10.42
N LEU A 74 -9.81 -6.97 10.34
CA LEU A 74 -10.25 -6.44 9.01
C LEU A 74 -9.16 -6.69 7.95
N ILE A 75 -7.95 -6.28 8.22
CA ILE A 75 -6.87 -6.49 7.22
C ILE A 75 -6.76 -7.98 6.90
N TYR A 76 -6.58 -8.80 7.90
CA TYR A 76 -6.46 -10.27 7.64
C TYR A 76 -7.78 -10.80 7.08
N GLU A 77 -8.85 -10.56 7.79
CA GLU A 77 -10.20 -11.03 7.32
C GLU A 77 -10.49 -10.58 5.90
N ASP A 78 -10.38 -9.29 5.65
CA ASP A 78 -10.72 -8.74 4.30
C ASP A 78 -9.73 -9.18 3.21
N TYR A 79 -8.58 -9.72 3.55
CA TYR A 79 -7.61 -10.10 2.46
C TYR A 79 -7.05 -11.52 2.66
N VAL A 80 -5.95 -11.64 3.36
CA VAL A 80 -5.31 -12.99 3.56
C VAL A 80 -6.35 -14.10 3.70
N SER A 81 -7.53 -13.78 4.20
CA SER A 81 -8.59 -14.82 4.39
C SER A 81 -8.54 -15.91 3.32
N ILE A 82 -9.35 -15.81 2.29
CA ILE A 82 -9.34 -16.86 1.23
C ILE A 82 -9.90 -16.29 -0.08
N LEU A 83 -10.14 -15.00 -0.12
CA LEU A 83 -10.68 -14.37 -1.37
C LEU A 83 -9.95 -14.93 -2.60
N SER A 84 -10.58 -14.88 -3.75
CA SER A 84 -9.96 -15.42 -4.99
C SER A 84 -8.50 -14.91 -5.10
N PRO A 85 -7.73 -15.49 -6.03
CA PRO A 85 -6.33 -15.05 -6.22
C PRO A 85 -6.26 -13.53 -6.38
N LYS A 86 -7.36 -12.90 -6.71
CA LYS A 86 -7.34 -11.41 -6.85
C LYS A 86 -6.69 -10.82 -5.60
N GLU A 87 -6.64 -11.61 -4.56
CA GLU A 87 -6.01 -11.15 -3.29
C GLU A 87 -4.59 -10.64 -3.59
N VAL A 88 -4.06 -9.78 -2.76
CA VAL A 88 -2.69 -9.25 -3.02
C VAL A 88 -1.75 -10.40 -3.34
N SER A 89 -0.88 -10.23 -4.30
CA SER A 89 0.06 -11.32 -4.67
C SER A 89 1.02 -11.58 -3.50
N LEU A 90 0.69 -12.51 -2.65
CA LEU A 90 1.58 -12.84 -1.48
C LEU A 90 1.56 -14.35 -1.26
N ASP A 91 2.68 -14.92 -0.93
CA ASP A 91 2.74 -16.40 -0.70
C ASP A 91 4.16 -16.82 -0.36
N SER A 92 4.44 -17.07 0.90
CA SER A 92 5.82 -17.48 1.29
C SER A 92 5.87 -17.68 2.81
N ARG A 93 7.02 -17.95 3.34
CA ARG A 93 7.13 -18.15 4.82
C ARG A 93 6.41 -17.00 5.53
N VAL A 94 6.20 -15.90 4.84
CA VAL A 94 5.51 -14.75 5.46
C VAL A 94 4.12 -15.20 5.92
N ARG A 95 3.44 -16.00 5.13
CA ARG A 95 2.09 -16.47 5.52
C ARG A 95 2.13 -17.06 6.92
N GLU A 96 3.23 -17.69 7.27
CA GLU A 96 3.34 -18.30 8.63
C GLU A 96 3.78 -17.23 9.64
N GLY A 97 4.52 -16.25 9.20
CA GLY A 97 4.98 -15.19 10.14
C GLY A 97 3.79 -14.35 10.60
N ILE A 98 2.93 -13.96 9.69
CA ILE A 98 1.75 -13.15 10.09
C ILE A 98 0.80 -14.00 10.92
N ASN A 99 0.65 -15.25 10.58
CA ASN A 99 -0.26 -16.13 11.37
C ASN A 99 0.33 -16.36 12.76
N LYS A 100 1.61 -16.17 12.90
CA LYS A 100 2.27 -16.39 14.23
C LYS A 100 2.28 -15.07 15.00
N LYS A 101 2.44 -13.96 14.32
CA LYS A 101 2.46 -12.65 15.02
C LYS A 101 1.03 -12.17 15.25
N MET A 102 0.09 -12.71 14.52
CA MET A 102 -1.34 -12.31 14.70
C MET A 102 -1.67 -12.19 16.19
N GLN A 103 -1.21 -13.10 17.00
CA GLN A 103 -1.52 -13.00 18.45
C GLN A 103 -0.69 -11.85 19.03
N GLU A 104 -1.30 -10.96 19.75
CA GLU A 104 -0.56 -9.80 20.32
C GLU A 104 0.16 -9.05 19.20
N PRO A 105 -0.61 -8.43 18.32
CA PRO A 105 -0.02 -7.68 17.19
C PRO A 105 0.77 -6.47 17.71
N SER A 106 1.11 -5.53 16.87
CA SER A 106 1.88 -4.35 17.34
C SER A 106 1.98 -3.29 16.24
N ALA A 107 1.08 -3.31 15.29
CA ALA A 107 1.13 -2.30 14.20
C ALA A 107 2.49 -2.33 13.51
N HIS A 108 2.96 -3.48 13.11
CA HIS A 108 4.29 -3.53 12.44
C HIS A 108 4.56 -4.93 11.87
N THR A 109 4.00 -5.95 12.47
CA THR A 109 4.24 -7.33 11.96
C THR A 109 3.95 -7.42 10.46
N PHE A 110 3.32 -6.43 9.88
CA PHE A 110 3.01 -6.49 8.42
C PHE A 110 4.14 -5.80 7.65
N ASP A 111 5.09 -5.24 8.34
CA ASP A 111 6.22 -4.55 7.64
C ASP A 111 6.75 -5.47 6.53
N ASP A 112 7.15 -6.65 6.88
CA ASP A 112 7.67 -7.59 5.84
C ASP A 112 6.68 -7.65 4.67
N ALA A 113 5.41 -7.77 4.97
CA ALA A 113 4.38 -7.82 3.90
C ALA A 113 4.23 -6.45 3.26
N GLN A 114 3.99 -5.45 4.05
CA GLN A 114 3.83 -4.08 3.50
C GLN A 114 5.08 -3.70 2.71
N LEU A 115 6.18 -4.34 2.99
CA LEU A 115 7.44 -4.01 2.26
C LEU A 115 7.46 -4.78 0.93
N GLN A 116 7.28 -6.07 0.97
CA GLN A 116 7.30 -6.86 -0.29
C GLN A 116 6.38 -6.19 -1.31
N ILE A 117 5.23 -5.74 -0.88
CA ILE A 117 4.27 -5.12 -1.84
C ILE A 117 4.81 -3.76 -2.31
N TYR A 118 5.13 -2.88 -1.39
CA TYR A 118 5.66 -1.55 -1.78
C TYR A 118 6.75 -1.75 -2.83
N THR A 119 7.38 -2.90 -2.82
CA THR A 119 8.44 -3.17 -3.82
C THR A 119 7.79 -3.60 -5.14
N LEU A 120 6.68 -4.28 -5.06
CA LEU A 120 5.98 -4.72 -6.30
C LEU A 120 5.52 -3.50 -7.09
N MET A 121 4.89 -2.54 -6.45
CA MET A 121 4.44 -1.33 -7.19
C MET A 121 5.66 -0.57 -7.71
N HIS A 122 6.54 -0.17 -6.83
CA HIS A 122 7.76 0.57 -7.27
C HIS A 122 8.39 -0.14 -8.47
N ARG A 123 8.28 -1.44 -8.50
CA ARG A 123 8.88 -2.22 -9.62
C ARG A 123 7.95 -2.26 -10.83
N ASP A 124 6.68 -2.47 -10.62
CA ASP A 124 5.73 -2.57 -11.77
C ASP A 124 5.06 -1.22 -12.11
N SER A 125 4.90 -0.37 -11.13
CA SER A 125 4.20 0.94 -11.39
C SER A 125 5.18 2.08 -11.68
N TYR A 126 6.33 2.08 -11.10
CA TYR A 126 7.28 3.21 -11.35
C TYR A 126 7.79 3.24 -12.81
N PRO A 127 8.10 2.10 -13.39
CA PRO A 127 8.61 2.10 -14.77
C PRO A 127 7.55 2.66 -15.74
N ARG A 128 6.30 2.36 -15.54
CA ARG A 128 5.24 2.88 -16.45
C ARG A 128 4.70 4.20 -15.92
N PHE A 129 4.56 4.33 -14.62
CA PHE A 129 4.03 5.60 -14.05
C PHE A 129 4.92 6.76 -14.48
N LEU A 130 6.21 6.54 -14.54
CA LEU A 130 7.14 7.63 -14.95
C LEU A 130 6.90 7.95 -16.43
N SER A 131 6.14 7.12 -17.11
CA SER A 131 5.86 7.35 -18.56
C SER A 131 4.35 7.23 -18.82
N SER A 132 3.56 7.09 -17.79
CA SER A 132 2.09 6.96 -17.99
C SER A 132 1.50 8.37 -18.26
N PRO A 133 0.46 8.47 -19.06
CA PRO A 133 -0.16 9.78 -19.35
C PRO A 133 -0.63 10.45 -18.04
N THR A 134 -1.10 9.67 -17.10
CA THR A 134 -1.58 10.25 -15.82
C THR A 134 -0.53 11.22 -15.26
N TYR A 135 0.73 10.98 -15.56
CA TYR A 135 1.80 11.89 -15.06
C TYR A 135 2.20 12.86 -16.17
N ARG A 136 2.12 12.48 -17.42
CA ARG A 136 2.47 13.46 -18.51
C ARG A 136 1.19 14.20 -18.89
N ALA A 137 0.17 14.01 -18.10
CA ALA A 137 -1.15 14.68 -18.35
C ALA A 137 -1.16 16.04 -17.65
N LEU A 138 -0.44 16.16 -16.57
CA LEU A 138 -0.37 17.45 -15.83
C LEU A 138 0.97 18.09 -16.13
N LEU A 139 1.72 17.46 -16.98
CA LEU A 139 3.07 17.99 -17.36
C LEU A 139 2.94 18.87 -18.61
N PRO A 12 -0.86 20.63 -7.10
CA PRO A 12 -1.08 20.12 -8.47
C PRO A 12 -0.22 20.91 -9.46
N SER A 13 0.77 21.61 -8.98
CA SER A 13 1.64 22.42 -9.88
C SER A 13 2.88 21.59 -10.28
N PRO A 14 3.59 22.03 -11.29
CA PRO A 14 4.80 21.31 -11.75
C PRO A 14 5.80 21.10 -10.60
N GLU A 15 5.49 21.59 -9.42
CA GLU A 15 6.41 21.36 -8.28
C GLU A 15 6.11 19.97 -7.74
N GLU A 16 4.93 19.49 -7.98
CA GLU A 16 4.54 18.13 -7.53
C GLU A 16 4.92 17.14 -8.64
N VAL A 17 4.82 17.58 -9.86
CA VAL A 17 5.18 16.73 -11.03
C VAL A 17 6.69 16.75 -11.26
N GLN A 18 7.37 17.83 -11.01
CA GLN A 18 8.85 17.84 -11.23
C GLN A 18 9.55 17.20 -10.02
N SER A 19 8.99 17.35 -8.85
CA SER A 19 9.63 16.78 -7.63
C SER A 19 9.30 15.29 -7.45
N TRP A 20 8.13 14.86 -7.83
CA TRP A 20 7.78 13.41 -7.63
C TRP A 20 8.58 12.53 -8.59
N ALA A 21 9.26 13.10 -9.56
CA ALA A 21 10.02 12.25 -10.53
C ALA A 21 11.50 12.18 -10.14
N GLN A 22 11.84 12.61 -8.96
CA GLN A 22 13.28 12.55 -8.52
C GLN A 22 13.37 11.77 -7.19
N SER A 23 12.26 11.62 -6.52
CA SER A 23 12.28 10.87 -5.22
C SER A 23 10.95 10.15 -5.02
N PHE A 24 10.95 9.04 -4.31
CA PHE A 24 9.68 8.28 -4.10
C PHE A 24 8.93 8.81 -2.86
N ASP A 25 9.62 9.18 -1.83
CA ASP A 25 8.93 9.69 -0.61
C ASP A 25 7.86 10.72 -1.00
N LYS A 26 8.27 11.80 -1.62
CA LYS A 26 7.28 12.85 -2.01
C LYS A 26 6.02 12.22 -2.60
N LEU A 27 6.13 11.05 -3.19
CA LEU A 27 4.93 10.41 -3.78
C LEU A 27 4.01 9.87 -2.69
N MET A 28 4.56 9.22 -1.68
CA MET A 28 3.71 8.66 -0.59
C MET A 28 3.70 9.63 0.60
N HIS A 29 4.79 10.30 0.86
CA HIS A 29 4.84 11.23 2.02
C HIS A 29 4.06 12.50 1.69
N SER A 30 3.08 12.41 0.82
CA SER A 30 2.26 13.62 0.49
C SER A 30 0.80 13.16 0.20
N PRO A 31 -0.20 13.89 0.66
CA PRO A 31 -1.61 13.51 0.43
C PRO A 31 -1.98 13.56 -1.05
N ALA A 32 -1.63 14.61 -1.75
CA ALA A 32 -2.02 14.71 -3.19
C ALA A 32 -1.37 13.60 -4.00
N GLY A 33 -0.23 13.11 -3.59
CA GLY A 33 0.42 12.01 -4.38
C GLY A 33 -0.47 10.76 -4.29
N ARG A 34 -0.65 10.26 -3.10
CA ARG A 34 -1.50 9.05 -2.90
C ARG A 34 -2.77 9.14 -3.76
N SER A 35 -3.13 10.33 -4.17
CA SER A 35 -4.37 10.49 -4.99
C SER A 35 -4.08 10.10 -6.44
N VAL A 36 -3.20 10.81 -7.09
CA VAL A 36 -2.88 10.50 -8.51
C VAL A 36 -2.55 9.01 -8.64
N PHE A 37 -1.83 8.46 -7.70
CA PHE A 37 -1.50 7.02 -7.79
C PHE A 37 -2.79 6.22 -7.61
N ARG A 38 -3.66 6.67 -6.74
CA ARG A 38 -4.94 5.94 -6.54
C ARG A 38 -5.71 5.89 -7.86
N ALA A 39 -5.56 6.88 -8.70
CA ALA A 39 -6.29 6.86 -10.00
C ALA A 39 -5.53 5.98 -11.00
N PHE A 40 -4.29 6.29 -11.25
CA PHE A 40 -3.48 5.47 -12.20
C PHE A 40 -3.64 3.98 -11.84
N LEU A 41 -3.46 3.64 -10.60
CA LEU A 41 -3.61 2.20 -10.22
C LEU A 41 -5.00 1.70 -10.65
N ARG A 42 -6.03 2.48 -10.39
CA ARG A 42 -7.42 2.05 -10.74
C ARG A 42 -7.53 1.60 -12.20
N THR A 43 -7.02 2.35 -13.14
CA THR A 43 -7.16 1.92 -14.57
C THR A 43 -6.41 0.62 -14.81
N GLU A 44 -5.65 0.17 -13.83
CA GLU A 44 -4.90 -1.12 -13.98
C GLU A 44 -5.69 -2.23 -13.30
N TYR A 45 -6.86 -1.91 -12.80
CA TYR A 45 -7.70 -2.93 -12.10
C TYR A 45 -6.94 -3.49 -10.90
N SER A 46 -5.95 -2.77 -10.43
CA SER A 46 -5.14 -3.25 -9.26
C SER A 46 -5.08 -2.13 -8.20
N GLU A 47 -6.22 -1.67 -7.74
CA GLU A 47 -6.23 -0.59 -6.71
C GLU A 47 -6.18 -1.20 -5.30
N GLU A 48 -6.63 -2.42 -5.14
CA GLU A 48 -6.60 -3.05 -3.79
C GLU A 48 -5.21 -2.89 -3.17
N ASN A 49 -4.17 -3.08 -3.94
CA ASN A 49 -2.79 -2.95 -3.38
C ASN A 49 -2.60 -1.53 -2.85
N MET A 50 -3.03 -0.53 -3.59
CA MET A 50 -2.86 0.87 -3.11
C MET A 50 -3.42 0.99 -1.69
N LEU A 51 -4.62 0.55 -1.48
CA LEU A 51 -5.21 0.64 -0.11
C LEU A 51 -4.36 -0.20 0.85
N PHE A 52 -3.90 -1.33 0.41
CA PHE A 52 -3.07 -2.20 1.29
C PHE A 52 -1.98 -1.36 1.94
N TRP A 53 -1.56 -0.32 1.29
CA TRP A 53 -0.50 0.56 1.86
C TRP A 53 -1.12 1.51 2.88
N LEU A 54 -2.19 2.18 2.53
CA LEU A 54 -2.83 3.12 3.49
C LEU A 54 -3.40 2.33 4.66
N ALA A 55 -4.08 1.25 4.40
CA ALA A 55 -4.66 0.46 5.52
C ALA A 55 -3.54 0.01 6.45
N CYS A 56 -2.40 -0.33 5.90
CA CYS A 56 -1.27 -0.77 6.76
C CYS A 56 -0.65 0.44 7.47
N GLU A 57 -0.53 1.55 6.79
CA GLU A 57 0.05 2.76 7.44
C GLU A 57 -1.02 3.44 8.29
N GLU A 58 -2.25 3.06 8.12
CA GLU A 58 -3.33 3.67 8.97
C GLU A 58 -3.23 3.05 10.36
N LEU A 59 -2.93 1.78 10.43
CA LEU A 59 -2.81 1.09 11.76
C LEU A 59 -1.72 1.79 12.59
N LYS A 60 -0.96 2.68 12.02
CA LYS A 60 0.11 3.35 12.82
C LYS A 60 -0.51 4.46 13.67
N ALA A 61 -1.63 4.99 13.25
CA ALA A 61 -2.29 6.07 14.05
C ALA A 61 -3.01 5.42 15.23
N GLU A 62 -3.46 4.20 15.07
CA GLU A 62 -4.16 3.53 16.20
C GLU A 62 -3.10 2.96 17.15
N ALA A 63 -2.33 3.80 17.77
CA ALA A 63 -1.27 3.31 18.69
C ALA A 63 -1.90 2.65 19.91
N ASN A 64 -3.18 2.40 19.87
CA ASN A 64 -3.85 1.76 21.04
C ASN A 64 -3.42 0.29 21.14
N GLN A 65 -4.34 -0.59 21.38
CA GLN A 65 -3.99 -2.03 21.48
C GLN A 65 -5.27 -2.86 21.55
N HIS A 66 -6.39 -2.23 21.81
CA HIS A 66 -7.68 -2.98 21.88
C HIS A 66 -8.45 -2.80 20.57
N VAL A 67 -8.25 -1.69 19.89
CA VAL A 67 -8.97 -1.47 18.60
C VAL A 67 -8.07 -1.92 17.44
N VAL A 68 -6.83 -2.20 17.72
CA VAL A 68 -5.93 -2.67 16.62
C VAL A 68 -6.30 -4.12 16.30
N ASP A 69 -6.81 -4.80 17.28
CA ASP A 69 -7.23 -6.22 17.06
C ASP A 69 -8.41 -6.24 16.08
N GLU A 70 -9.38 -5.39 16.28
CA GLU A 70 -10.52 -5.36 15.34
C GLU A 70 -9.98 -5.06 13.93
N LYS A 71 -9.20 -4.02 13.83
CA LYS A 71 -8.59 -3.63 12.53
C LYS A 71 -7.70 -4.75 12.00
N ALA A 72 -6.88 -5.32 12.82
CA ALA A 72 -5.99 -6.40 12.32
C ALA A 72 -6.84 -7.46 11.60
N ARG A 73 -8.11 -7.52 11.90
CA ARG A 73 -9.00 -8.51 11.23
C ARG A 73 -9.40 -7.99 9.85
N LEU A 74 -9.78 -6.74 9.76
CA LEU A 74 -10.19 -6.16 8.45
C LEU A 74 -9.11 -6.44 7.38
N ILE A 75 -7.87 -6.21 7.71
CA ILE A 75 -6.77 -6.45 6.72
C ILE A 75 -6.64 -7.95 6.46
N TYR A 76 -6.50 -8.73 7.50
CA TYR A 76 -6.35 -10.21 7.30
C TYR A 76 -7.60 -10.74 6.60
N GLU A 77 -8.76 -10.26 6.98
CA GLU A 77 -10.02 -10.73 6.35
C GLU A 77 -10.11 -10.28 4.89
N ASP A 78 -9.81 -9.03 4.64
CA ASP A 78 -9.91 -8.48 3.26
C ASP A 78 -9.01 -9.22 2.26
N TYR A 79 -7.98 -9.91 2.70
CA TYR A 79 -7.07 -10.59 1.71
C TYR A 79 -6.58 -11.96 2.20
N VAL A 80 -5.54 -11.98 3.00
CA VAL A 80 -4.96 -13.28 3.48
C VAL A 80 -6.06 -14.33 3.74
N SER A 81 -7.18 -13.94 4.25
CA SER A 81 -8.27 -14.92 4.54
C SER A 81 -8.43 -15.93 3.38
N ILE A 82 -9.22 -16.95 3.62
CA ILE A 82 -9.46 -18.00 2.58
C ILE A 82 -9.54 -17.41 1.18
N LEU A 83 -9.88 -16.14 1.08
CA LEU A 83 -10.00 -15.48 -0.26
C LEU A 83 -8.95 -16.04 -1.23
N SER A 84 -9.28 -16.14 -2.50
CA SER A 84 -8.32 -16.70 -3.52
C SER A 84 -8.18 -15.76 -4.74
N PRO A 85 -9.27 -15.27 -5.27
CA PRO A 85 -9.21 -14.39 -6.45
C PRO A 85 -8.55 -13.06 -6.04
N LYS A 86 -8.10 -12.26 -6.99
CA LYS A 86 -7.45 -10.98 -6.62
C LYS A 86 -6.40 -11.25 -5.53
N GLU A 87 -6.61 -10.78 -4.34
CA GLU A 87 -5.63 -11.03 -3.24
C GLU A 87 -4.30 -10.36 -3.61
N VAL A 88 -3.65 -9.75 -2.67
CA VAL A 88 -2.35 -9.08 -2.98
C VAL A 88 -1.23 -10.13 -3.01
N SER A 89 -0.26 -9.94 -3.86
CA SER A 89 0.86 -10.93 -3.95
C SER A 89 1.49 -11.09 -2.55
N LEU A 90 0.94 -11.95 -1.75
CA LEU A 90 1.51 -12.15 -0.38
C LEU A 90 1.05 -13.53 0.15
N ASP A 91 1.98 -14.38 0.47
CA ASP A 91 1.61 -15.75 0.98
C ASP A 91 2.87 -16.62 1.01
N SER A 92 3.46 -16.78 2.16
CA SER A 92 4.69 -17.62 2.26
C SER A 92 5.10 -17.71 3.73
N ARG A 93 6.37 -17.73 4.00
CA ARG A 93 6.82 -17.80 5.43
C ARG A 93 6.09 -16.73 6.23
N VAL A 94 5.87 -15.58 5.65
CA VAL A 94 5.15 -14.49 6.37
C VAL A 94 3.74 -14.98 6.76
N ARG A 95 3.17 -15.81 5.94
CA ARG A 95 1.79 -16.31 6.24
C ARG A 95 1.78 -16.99 7.62
N GLU A 96 2.90 -17.55 8.03
CA GLU A 96 2.95 -18.23 9.35
C GLU A 96 3.21 -17.19 10.46
N GLY A 97 4.09 -16.26 10.22
CA GLY A 97 4.39 -15.24 11.26
C GLY A 97 3.13 -14.44 11.57
N ILE A 98 2.34 -14.13 10.58
CA ILE A 98 1.10 -13.34 10.84
C ILE A 98 0.07 -14.20 11.58
N ASN A 99 -0.04 -15.45 11.22
CA ASN A 99 -1.03 -16.32 11.91
C ASN A 99 -0.60 -16.60 13.34
N LYS A 100 0.67 -16.44 13.64
CA LYS A 100 1.16 -16.70 15.03
C LYS A 100 1.31 -15.40 15.80
N LYS A 101 1.57 -14.30 15.12
CA LYS A 101 1.74 -13.01 15.84
C LYS A 101 0.37 -12.35 16.05
N MET A 102 -0.54 -12.55 15.13
CA MET A 102 -1.90 -11.94 15.27
C MET A 102 -2.42 -12.10 16.70
N GLN A 103 -1.88 -13.00 17.48
CA GLN A 103 -2.39 -13.15 18.88
C GLN A 103 -1.76 -12.06 19.75
N GLU A 104 -1.16 -11.08 19.12
CA GLU A 104 -0.54 -9.95 19.87
C GLU A 104 0.08 -8.97 18.88
N PRO A 105 -0.75 -8.28 18.13
CA PRO A 105 -0.27 -7.33 17.11
C PRO A 105 0.41 -6.12 17.77
N SER A 106 0.68 -5.10 17.01
CA SER A 106 1.33 -3.88 17.60
C SER A 106 1.73 -2.88 16.49
N ALA A 107 0.78 -2.42 15.72
CA ALA A 107 1.10 -1.43 14.65
C ALA A 107 2.38 -1.83 13.90
N HIS A 108 2.78 -3.06 14.04
CA HIS A 108 4.01 -3.54 13.34
C HIS A 108 3.79 -4.99 12.94
N THR A 109 2.57 -5.37 12.76
CA THR A 109 2.24 -6.78 12.39
C THR A 109 2.40 -6.98 10.88
N PHE A 110 2.02 -6.02 10.08
CA PHE A 110 2.11 -6.16 8.60
C PHE A 110 3.29 -5.35 8.03
N ASP A 111 4.31 -5.04 8.80
CA ASP A 111 5.43 -4.25 8.20
C ASP A 111 6.11 -5.06 7.11
N ASP A 112 6.69 -6.18 7.45
CA ASP A 112 7.37 -7.01 6.43
C ASP A 112 6.46 -7.15 5.20
N ALA A 113 5.19 -7.31 5.42
CA ALA A 113 4.24 -7.42 4.28
C ALA A 113 4.03 -6.04 3.65
N GLN A 114 3.76 -5.07 4.46
CA GLN A 114 3.55 -3.69 3.93
C GLN A 114 4.81 -3.24 3.19
N LEU A 115 5.94 -3.80 3.52
CA LEU A 115 7.20 -3.41 2.84
C LEU A 115 7.35 -4.23 1.55
N GLN A 116 7.26 -5.52 1.64
CA GLN A 116 7.40 -6.36 0.42
C GLN A 116 6.51 -5.81 -0.69
N ILE A 117 5.32 -5.41 -0.37
CA ILE A 117 4.39 -4.90 -1.42
C ILE A 117 4.87 -3.54 -1.92
N TYR A 118 5.07 -2.59 -1.03
CA TYR A 118 5.55 -1.25 -1.45
C TYR A 118 6.72 -1.42 -2.41
N THR A 119 7.43 -2.50 -2.29
CA THR A 119 8.58 -2.74 -3.19
C THR A 119 8.05 -3.24 -4.54
N LEU A 120 6.96 -3.96 -4.51
CA LEU A 120 6.38 -4.49 -5.78
C LEU A 120 5.92 -3.32 -6.67
N MET A 121 5.23 -2.36 -6.10
CA MET A 121 4.78 -1.21 -6.93
C MET A 121 5.99 -0.44 -7.44
N HIS A 122 7.01 -0.35 -6.64
CA HIS A 122 8.23 0.40 -7.08
C HIS A 122 8.82 -0.28 -8.33
N ARG A 123 8.68 -1.57 -8.44
CA ARG A 123 9.27 -2.28 -9.62
C ARG A 123 8.25 -2.36 -10.76
N ASP A 124 7.00 -2.59 -10.46
CA ASP A 124 5.98 -2.73 -11.56
C ASP A 124 5.32 -1.38 -11.92
N SER A 125 5.14 -0.51 -10.95
CA SER A 125 4.45 0.79 -11.24
C SER A 125 5.42 1.93 -11.54
N TYR A 126 6.57 1.94 -10.94
CA TYR A 126 7.52 3.06 -11.19
C TYR A 126 8.02 3.10 -12.66
N PRO A 127 8.33 1.96 -13.26
CA PRO A 127 8.83 1.96 -14.65
C PRO A 127 7.77 2.54 -15.60
N ARG A 128 6.51 2.29 -15.36
CA ARG A 128 5.45 2.83 -16.26
C ARG A 128 4.95 4.18 -15.75
N PHE A 129 4.86 4.34 -14.46
CA PHE A 129 4.37 5.64 -13.91
C PHE A 129 5.09 6.81 -14.60
N LEU A 130 6.39 6.81 -14.58
CA LEU A 130 7.15 7.92 -15.22
C LEU A 130 6.74 8.04 -16.70
N SER A 131 6.04 7.06 -17.23
CA SER A 131 5.62 7.11 -18.67
C SER A 131 4.10 7.04 -18.78
N SER A 132 3.42 6.89 -17.67
CA SER A 132 1.93 6.81 -17.74
C SER A 132 1.36 8.20 -18.05
N PRO A 133 0.33 8.30 -18.87
CA PRO A 133 -0.27 9.61 -19.21
C PRO A 133 -0.77 10.30 -17.93
N THR A 134 -1.26 9.55 -16.98
CA THR A 134 -1.77 10.16 -15.72
C THR A 134 -0.75 11.15 -15.17
N TYR A 135 0.52 10.92 -15.40
CA TYR A 135 1.57 11.85 -14.90
C TYR A 135 1.97 12.82 -16.00
N ARG A 136 1.89 12.43 -17.27
CA ARG A 136 2.23 13.40 -18.35
C ARG A 136 0.94 14.08 -18.79
N ALA A 137 -0.10 13.88 -18.02
CA ALA A 137 -1.43 14.48 -18.33
C ALA A 137 -1.54 15.84 -17.64
N LEU A 138 -0.92 15.99 -16.50
CA LEU A 138 -0.96 17.29 -15.76
C LEU A 138 0.35 18.03 -16.01
N LEU A 139 1.18 17.47 -16.86
CA LEU A 139 2.49 18.09 -17.18
C LEU A 139 2.42 18.81 -18.53
N PRO A 12 -0.31 20.85 -6.70
CA PRO A 12 -0.43 20.22 -8.04
C PRO A 12 0.45 20.97 -9.05
N SER A 13 1.37 21.76 -8.56
CA SER A 13 2.27 22.53 -9.47
C SER A 13 3.47 21.65 -9.86
N PRO A 14 4.20 22.04 -10.89
CA PRO A 14 5.38 21.28 -11.34
C PRO A 14 6.35 21.02 -10.18
N GLU A 15 6.05 21.49 -9.01
CA GLU A 15 6.94 21.23 -7.84
C GLU A 15 6.59 19.85 -7.29
N GLU A 16 5.36 19.46 -7.41
CA GLU A 16 4.95 18.11 -6.93
C GLU A 16 5.26 17.09 -8.03
N VAL A 17 5.13 17.52 -9.25
CA VAL A 17 5.43 16.64 -10.43
C VAL A 17 6.94 16.56 -10.65
N GLN A 18 7.63 17.65 -10.79
CA GLN A 18 9.10 17.56 -11.02
C GLN A 18 9.79 16.87 -9.84
N SER A 19 9.26 17.03 -8.65
CA SER A 19 9.92 16.41 -7.46
C SER A 19 9.50 14.92 -7.27
N TRP A 20 8.32 14.54 -7.65
CA TRP A 20 7.90 13.11 -7.45
C TRP A 20 8.68 12.19 -8.39
N ALA A 21 9.41 12.71 -9.34
CA ALA A 21 10.14 11.82 -10.29
C ALA A 21 11.58 11.58 -9.83
N GLN A 22 12.06 12.31 -8.86
CA GLN A 22 13.45 12.11 -8.38
C GLN A 22 13.46 11.24 -7.10
N SER A 23 12.35 11.16 -6.40
CA SER A 23 12.34 10.31 -5.17
C SER A 23 10.92 9.75 -4.96
N PHE A 24 10.81 8.66 -4.25
CA PHE A 24 9.47 8.03 -4.02
C PHE A 24 8.77 8.63 -2.79
N ASP A 25 9.51 8.99 -1.77
CA ASP A 25 8.87 9.55 -0.54
C ASP A 25 7.87 10.65 -0.92
N LYS A 26 8.33 11.70 -1.55
CA LYS A 26 7.42 12.82 -1.93
C LYS A 26 6.15 12.30 -2.59
N LEU A 27 6.21 11.15 -3.22
CA LEU A 27 4.99 10.62 -3.91
C LEU A 27 4.01 10.07 -2.88
N MET A 28 4.49 9.38 -1.87
CA MET A 28 3.56 8.81 -0.84
C MET A 28 3.55 9.70 0.41
N HIS A 29 4.60 10.44 0.65
CA HIS A 29 4.63 11.31 1.85
C HIS A 29 3.85 12.60 1.58
N SER A 30 2.83 12.54 0.76
CA SER A 30 2.01 13.76 0.48
C SER A 30 0.55 13.33 0.19
N PRO A 31 -0.43 14.11 0.63
CA PRO A 31 -1.85 13.75 0.40
C PRO A 31 -2.20 13.75 -1.10
N ALA A 32 -1.78 14.75 -1.83
CA ALA A 32 -2.12 14.80 -3.28
C ALA A 32 -1.47 13.64 -4.04
N GLY A 33 -0.33 13.18 -3.59
CA GLY A 33 0.33 12.04 -4.29
C GLY A 33 -0.57 10.80 -4.16
N ARG A 34 -0.85 10.41 -2.95
CA ARG A 34 -1.71 9.22 -2.72
C ARG A 34 -2.93 9.28 -3.65
N SER A 35 -3.27 10.46 -4.13
CA SER A 35 -4.46 10.58 -5.02
C SER A 35 -4.10 10.16 -6.45
N VAL A 36 -3.12 10.80 -7.04
CA VAL A 36 -2.75 10.44 -8.44
C VAL A 36 -2.43 8.95 -8.54
N PHE A 37 -1.73 8.41 -7.59
CA PHE A 37 -1.42 6.95 -7.65
C PHE A 37 -2.74 6.19 -7.52
N ARG A 38 -3.63 6.67 -6.72
CA ARG A 38 -4.94 5.99 -6.54
C ARG A 38 -5.74 6.01 -7.84
N ALA A 39 -5.54 7.01 -8.68
CA ALA A 39 -6.35 7.08 -9.95
C ALA A 39 -5.76 6.18 -11.04
N PHE A 40 -4.57 6.46 -11.50
CA PHE A 40 -3.96 5.61 -12.58
C PHE A 40 -4.15 4.13 -12.24
N LEU A 41 -3.80 3.73 -11.06
CA LEU A 41 -3.97 2.31 -10.64
C LEU A 41 -5.43 1.89 -10.79
N ARG A 42 -6.35 2.66 -10.28
CA ARG A 42 -7.80 2.29 -10.39
C ARG A 42 -8.12 1.82 -11.81
N THR A 43 -7.56 2.47 -12.80
CA THR A 43 -7.83 2.04 -14.20
C THR A 43 -7.46 0.57 -14.35
N GLU A 44 -6.21 0.25 -14.24
CA GLU A 44 -5.79 -1.17 -14.36
C GLU A 44 -6.28 -1.97 -13.16
N TYR A 45 -7.37 -1.53 -12.54
CA TYR A 45 -7.92 -2.26 -11.36
C TYR A 45 -6.80 -2.74 -10.45
N SER A 46 -5.69 -2.04 -10.45
CA SER A 46 -4.54 -2.43 -9.57
C SER A 46 -4.53 -1.52 -8.34
N GLU A 47 -5.68 -1.21 -7.80
CA GLU A 47 -5.74 -0.34 -6.59
C GLU A 47 -5.73 -1.20 -5.31
N GLU A 48 -6.42 -2.31 -5.32
CA GLU A 48 -6.45 -3.18 -4.10
C GLU A 48 -5.04 -3.28 -3.49
N ASN A 49 -4.03 -3.24 -4.31
CA ASN A 49 -2.65 -3.32 -3.79
C ASN A 49 -2.35 -2.06 -2.96
N MET A 50 -2.80 -0.93 -3.43
CA MET A 50 -2.55 0.34 -2.68
C MET A 50 -3.22 0.29 -1.32
N LEU A 51 -4.51 0.07 -1.27
CA LEU A 51 -5.22 0.01 0.04
C LEU A 51 -4.41 -0.84 1.01
N PHE A 52 -3.99 -2.00 0.58
CA PHE A 52 -3.19 -2.88 1.47
C PHE A 52 -2.05 -2.05 2.08
N TRP A 53 -1.43 -1.21 1.30
CA TRP A 53 -0.33 -0.36 1.82
C TRP A 53 -0.91 0.76 2.68
N LEU A 54 -1.94 1.41 2.19
CA LEU A 54 -2.54 2.55 2.97
C LEU A 54 -3.24 2.00 4.21
N ALA A 55 -3.76 0.82 4.15
CA ALA A 55 -4.43 0.24 5.35
C ALA A 55 -3.40 0.11 6.46
N CYS A 56 -2.24 -0.41 6.15
CA CYS A 56 -1.19 -0.54 7.20
C CYS A 56 -0.85 0.85 7.75
N GLU A 57 -0.77 1.82 6.87
CA GLU A 57 -0.46 3.21 7.31
C GLU A 57 -1.47 3.67 8.36
N GLU A 58 -2.68 3.22 8.26
CA GLU A 58 -3.71 3.63 9.25
C GLU A 58 -3.46 2.95 10.59
N LEU A 59 -3.21 1.66 10.58
CA LEU A 59 -2.97 0.93 11.85
C LEU A 59 -1.93 1.67 12.70
N LYS A 60 -1.16 2.57 12.13
CA LYS A 60 -0.14 3.31 12.94
C LYS A 60 -0.78 4.55 13.54
N ALA A 61 -1.81 5.07 12.95
CA ALA A 61 -2.46 6.28 13.51
C ALA A 61 -3.43 5.85 14.60
N GLU A 62 -3.27 4.66 15.09
CA GLU A 62 -4.18 4.16 16.17
C GLU A 62 -3.41 3.18 17.05
N ALA A 63 -2.28 3.58 17.56
CA ALA A 63 -1.50 2.67 18.44
C ALA A 63 -2.26 2.48 19.75
N ASN A 64 -3.54 2.29 19.66
CA ASN A 64 -4.36 2.08 20.89
C ASN A 64 -4.20 0.64 21.37
N GLN A 65 -5.27 -0.10 21.46
CA GLN A 65 -5.15 -1.51 21.93
C GLN A 65 -6.44 -2.28 21.62
N HIS A 66 -7.56 -1.79 22.09
CA HIS A 66 -8.84 -2.51 21.84
C HIS A 66 -9.23 -2.39 20.37
N VAL A 67 -9.05 -1.25 19.76
CA VAL A 67 -9.42 -1.10 18.32
C VAL A 67 -8.30 -1.69 17.46
N VAL A 68 -7.12 -1.79 17.99
CA VAL A 68 -5.99 -2.36 17.21
C VAL A 68 -6.34 -3.79 16.79
N ASP A 69 -7.19 -4.42 17.56
CA ASP A 69 -7.59 -5.83 17.25
C ASP A 69 -8.73 -5.87 16.23
N GLU A 70 -9.65 -4.93 16.28
CA GLU A 70 -10.79 -4.95 15.30
C GLU A 70 -10.25 -4.70 13.89
N LYS A 71 -9.54 -3.62 13.71
CA LYS A 71 -8.98 -3.29 12.38
C LYS A 71 -7.99 -4.38 11.94
N ALA A 72 -7.17 -4.85 12.83
CA ALA A 72 -6.19 -5.93 12.45
C ALA A 72 -6.93 -7.02 11.66
N ARG A 73 -8.12 -7.33 12.07
CA ARG A 73 -8.91 -8.39 11.38
C ARG A 73 -9.25 -7.93 9.95
N LEU A 74 -9.73 -6.72 9.81
CA LEU A 74 -10.06 -6.19 8.44
C LEU A 74 -8.95 -6.56 7.45
N ILE A 75 -7.72 -6.39 7.84
CA ILE A 75 -6.58 -6.71 6.94
C ILE A 75 -6.48 -8.23 6.77
N TYR A 76 -6.43 -8.97 7.84
CA TYR A 76 -6.31 -10.45 7.71
C TYR A 76 -7.62 -11.07 7.19
N GLU A 77 -8.73 -10.40 7.34
CA GLU A 77 -10.03 -10.98 6.87
C GLU A 77 -10.22 -10.74 5.37
N ASP A 78 -9.95 -9.55 4.92
CA ASP A 78 -10.19 -9.23 3.47
C ASP A 78 -9.11 -9.84 2.57
N TYR A 79 -8.00 -10.32 3.10
CA TYR A 79 -6.93 -10.88 2.20
C TYR A 79 -6.43 -12.25 2.70
N VAL A 80 -5.35 -12.27 3.44
CA VAL A 80 -4.74 -13.56 3.94
C VAL A 80 -5.79 -14.66 4.13
N SER A 81 -6.96 -14.33 4.59
CA SER A 81 -8.01 -15.38 4.81
C SER A 81 -8.09 -16.32 3.61
N ILE A 82 -8.89 -17.35 3.71
CA ILE A 82 -9.04 -18.34 2.60
C ILE A 82 -9.15 -17.62 1.26
N LEU A 83 -9.40 -16.34 1.27
CA LEU A 83 -9.52 -15.58 -0.01
C LEU A 83 -8.37 -15.98 -0.95
N SER A 84 -8.55 -15.86 -2.23
CA SER A 84 -7.46 -16.24 -3.18
C SER A 84 -7.73 -15.68 -4.59
N PRO A 85 -8.86 -16.00 -5.21
CA PRO A 85 -9.15 -15.46 -6.55
C PRO A 85 -8.90 -13.94 -6.56
N LYS A 86 -8.79 -13.35 -5.39
CA LYS A 86 -8.55 -11.89 -5.29
C LYS A 86 -7.56 -11.62 -4.15
N GLU A 87 -6.29 -11.82 -4.40
CA GLU A 87 -5.27 -11.59 -3.34
C GLU A 87 -4.03 -10.92 -3.94
N VAL A 88 -3.30 -10.17 -3.16
CA VAL A 88 -2.09 -9.48 -3.68
C VAL A 88 -0.92 -10.46 -3.75
N SER A 89 -0.02 -10.25 -4.67
CA SER A 89 1.15 -11.18 -4.80
C SER A 89 1.88 -11.30 -3.47
N LEU A 90 1.48 -12.24 -2.64
CA LEU A 90 2.17 -12.41 -1.34
C LEU A 90 1.80 -13.79 -0.76
N ASP A 91 2.76 -14.52 -0.27
CA ASP A 91 2.49 -15.87 0.32
C ASP A 91 3.81 -16.64 0.44
N SER A 92 4.41 -16.60 1.59
CA SER A 92 5.70 -17.33 1.78
C SER A 92 6.02 -17.39 3.27
N ARG A 93 7.27 -17.34 3.63
CA ARG A 93 7.64 -17.39 5.08
C ARG A 93 6.80 -16.36 5.83
N VAL A 94 6.58 -15.21 5.23
CA VAL A 94 5.76 -14.17 5.90
C VAL A 94 4.41 -14.76 6.32
N ARG A 95 3.91 -15.71 5.57
CA ARG A 95 2.61 -16.34 5.94
C ARG A 95 2.69 -16.92 7.35
N GLU A 96 3.85 -17.38 7.74
CA GLU A 96 4.01 -17.96 9.11
C GLU A 96 4.29 -16.84 10.10
N GLY A 97 4.73 -15.70 9.63
CA GLY A 97 5.02 -14.57 10.55
C GLY A 97 3.72 -13.87 10.93
N ILE A 98 2.86 -13.64 9.99
CA ILE A 98 1.57 -12.94 10.31
C ILE A 98 0.59 -13.92 10.95
N ASN A 99 0.71 -15.19 10.64
CA ASN A 99 -0.23 -16.19 11.24
C ASN A 99 0.09 -16.38 12.71
N LYS A 100 1.34 -16.44 13.07
CA LYS A 100 1.71 -16.66 14.51
C LYS A 100 1.80 -15.31 15.24
N LYS A 101 2.12 -14.25 14.54
CA LYS A 101 2.22 -12.93 15.21
C LYS A 101 0.82 -12.34 15.40
N MET A 102 -0.15 -12.82 14.66
CA MET A 102 -1.54 -12.32 14.79
C MET A 102 -1.92 -12.18 16.26
N GLN A 103 -1.51 -13.10 17.10
CA GLN A 103 -1.86 -12.96 18.54
C GLN A 103 -1.10 -11.77 19.13
N GLU A 104 -1.79 -10.88 19.79
CA GLU A 104 -1.11 -9.69 20.36
C GLU A 104 -0.38 -8.95 19.22
N PRO A 105 -1.15 -8.37 18.32
CA PRO A 105 -0.56 -7.64 17.17
C PRO A 105 0.11 -6.34 17.65
N SER A 106 0.50 -5.51 16.73
CA SER A 106 1.14 -4.22 17.11
C SER A 106 1.00 -3.23 15.95
N ALA A 107 1.37 -2.00 16.15
CA ALA A 107 1.25 -1.00 15.06
C ALA A 107 2.43 -1.15 14.09
N HIS A 108 2.84 -2.37 13.86
CA HIS A 108 3.99 -2.61 12.94
C HIS A 108 4.13 -4.11 12.69
N THR A 109 3.05 -4.83 12.74
CA THR A 109 3.10 -6.30 12.52
C THR A 109 3.12 -6.62 11.01
N PHE A 110 2.74 -5.68 10.18
CA PHE A 110 2.72 -5.93 8.71
C PHE A 110 3.96 -5.31 8.04
N ASP A 111 4.86 -4.76 8.80
CA ASP A 111 6.08 -4.13 8.19
C ASP A 111 6.61 -4.99 7.02
N ASP A 112 7.11 -6.16 7.31
CA ASP A 112 7.63 -7.03 6.22
C ASP A 112 6.62 -7.06 5.05
N ALA A 113 5.37 -7.23 5.36
CA ALA A 113 4.33 -7.25 4.28
C ALA A 113 4.21 -5.86 3.67
N GLN A 114 4.01 -4.87 4.49
CA GLN A 114 3.89 -3.49 3.97
C GLN A 114 5.10 -3.15 3.10
N LEU A 115 6.19 -3.83 3.30
CA LEU A 115 7.41 -3.56 2.48
C LEU A 115 7.31 -4.35 1.18
N GLN A 116 7.12 -5.64 1.27
CA GLN A 116 7.03 -6.48 0.03
C GLN A 116 6.13 -5.79 -0.99
N ILE A 117 5.00 -5.29 -0.57
CA ILE A 117 4.07 -4.65 -1.54
C ILE A 117 4.64 -3.32 -2.01
N TYR A 118 5.02 -2.47 -1.08
CA TYR A 118 5.60 -1.15 -1.48
C TYR A 118 6.68 -1.40 -2.53
N THR A 119 7.25 -2.57 -2.53
CA THR A 119 8.30 -2.89 -3.52
C THR A 119 7.63 -3.27 -4.84
N LEU A 120 6.49 -3.90 -4.79
CA LEU A 120 5.79 -4.30 -6.04
C LEU A 120 5.44 -3.04 -6.84
N MET A 121 4.90 -2.04 -6.20
CA MET A 121 4.55 -0.80 -6.93
C MET A 121 5.84 -0.12 -7.39
N HIS A 122 6.88 -0.25 -6.62
CA HIS A 122 8.17 0.39 -7.00
C HIS A 122 8.81 -0.39 -8.17
N ARG A 123 8.61 -1.67 -8.22
CA ARG A 123 9.24 -2.48 -9.31
C ARG A 123 8.28 -2.67 -10.51
N ASP A 124 7.04 -2.97 -10.27
CA ASP A 124 6.10 -3.21 -11.42
C ASP A 124 5.39 -1.94 -11.89
N SER A 125 5.12 -1.00 -11.01
CA SER A 125 4.38 0.25 -11.44
C SER A 125 5.35 1.40 -11.75
N TYR A 126 6.48 1.46 -11.11
CA TYR A 126 7.42 2.60 -11.35
C TYR A 126 7.96 2.59 -12.81
N PRO A 127 8.32 1.44 -13.35
CA PRO A 127 8.86 1.42 -14.73
C PRO A 127 7.85 2.00 -15.73
N ARG A 128 6.57 1.79 -15.52
CA ARG A 128 5.55 2.32 -16.47
C ARG A 128 4.97 3.64 -15.94
N PHE A 129 4.78 3.76 -14.66
CA PHE A 129 4.20 5.01 -14.10
C PHE A 129 4.90 6.24 -14.71
N LEU A 130 6.20 6.33 -14.58
CA LEU A 130 6.93 7.50 -15.14
C LEU A 130 6.55 7.70 -16.61
N SER A 131 5.81 6.76 -17.18
CA SER A 131 5.40 6.87 -18.62
C SER A 131 3.88 6.86 -18.72
N SER A 132 3.19 7.02 -17.62
CA SER A 132 1.69 7.04 -17.67
C SER A 132 1.21 8.47 -17.98
N PRO A 133 0.17 8.62 -18.79
CA PRO A 133 -0.34 9.97 -19.11
C PRO A 133 -0.81 10.68 -17.83
N THR A 134 -1.30 9.94 -16.89
CA THR A 134 -1.78 10.57 -15.62
C THR A 134 -0.70 11.51 -15.06
N TYR A 135 0.55 11.20 -15.32
CA TYR A 135 1.66 12.07 -14.81
C TYR A 135 2.12 13.02 -15.92
N ARG A 136 2.04 12.63 -17.17
CA ARG A 136 2.45 13.57 -18.26
C ARG A 136 1.20 14.37 -18.66
N ALA A 137 0.19 14.29 -17.84
CA ALA A 137 -1.09 15.00 -18.10
C ALA A 137 -1.11 16.32 -17.34
N LEU A 138 -0.47 16.37 -16.20
CA LEU A 138 -0.43 17.62 -15.38
C LEU A 138 0.92 18.28 -15.60
N LEU A 139 1.74 17.69 -16.41
CA LEU A 139 3.10 18.26 -16.70
C LEU A 139 3.06 19.03 -18.02
N PRO A 12 -0.79 20.10 -7.04
CA PRO A 12 -0.80 19.47 -8.38
C PRO A 12 0.03 20.31 -9.35
N SER A 13 0.88 21.15 -8.83
CA SER A 13 1.72 22.01 -9.72
C SER A 13 3.00 21.24 -10.12
N PRO A 14 3.70 21.72 -11.12
CA PRO A 14 4.95 21.07 -11.58
C PRO A 14 5.93 20.90 -10.41
N GLU A 15 5.59 21.37 -9.25
CA GLU A 15 6.50 21.18 -8.08
C GLU A 15 6.23 19.79 -7.51
N GLU A 16 5.05 19.30 -7.71
CA GLU A 16 4.70 17.94 -7.23
C GLU A 16 5.12 16.93 -8.31
N VAL A 17 5.03 17.34 -9.53
CA VAL A 17 5.43 16.47 -10.68
C VAL A 17 6.96 16.48 -10.83
N GLN A 18 7.59 17.62 -10.90
CA GLN A 18 9.07 17.62 -11.06
C GLN A 18 9.73 17.02 -9.80
N SER A 19 9.11 17.17 -8.67
CA SER A 19 9.72 16.64 -7.40
C SER A 19 9.42 15.14 -7.21
N TRP A 20 8.25 14.69 -7.57
CA TRP A 20 7.92 13.24 -7.38
C TRP A 20 8.76 12.37 -8.31
N ALA A 21 9.20 12.90 -9.42
CA ALA A 21 10.00 12.06 -10.36
C ALA A 21 11.46 12.00 -9.89
N GLN A 22 11.73 12.55 -8.74
CA GLN A 22 13.13 12.53 -8.19
C GLN A 22 13.16 11.66 -6.94
N SER A 23 12.04 11.44 -6.31
CA SER A 23 12.04 10.58 -5.09
C SER A 23 10.65 9.97 -4.86
N PHE A 24 10.58 8.85 -4.18
CA PHE A 24 9.26 8.19 -3.92
C PHE A 24 8.61 8.78 -2.66
N ASP A 25 9.37 9.11 -1.66
CA ASP A 25 8.78 9.69 -0.42
C ASP A 25 7.90 10.89 -0.76
N LYS A 26 8.45 11.85 -1.46
CA LYS A 26 7.65 13.05 -1.83
C LYS A 26 6.35 12.63 -2.52
N LEU A 27 6.37 11.49 -3.16
CA LEU A 27 5.13 11.02 -3.87
C LEU A 27 4.19 10.31 -2.90
N MET A 28 4.71 9.57 -1.95
CA MET A 28 3.82 8.84 -0.98
C MET A 28 3.69 9.60 0.34
N HIS A 29 4.30 10.77 0.43
CA HIS A 29 4.20 11.57 1.69
C HIS A 29 3.42 12.85 1.44
N SER A 30 2.40 12.78 0.64
CA SER A 30 1.58 14.00 0.35
C SER A 30 0.12 13.58 0.08
N PRO A 31 -0.84 14.43 0.41
CA PRO A 31 -2.27 14.10 0.18
C PRO A 31 -2.58 13.93 -1.31
N ALA A 32 -2.02 14.77 -2.15
CA ALA A 32 -2.31 14.67 -3.61
C ALA A 32 -1.53 13.52 -4.25
N GLY A 33 -0.39 13.18 -3.71
CA GLY A 33 0.40 12.06 -4.31
C GLY A 33 -0.42 10.78 -4.24
N ARG A 34 -0.63 10.29 -3.05
CA ARG A 34 -1.43 9.03 -2.88
C ARG A 34 -2.67 9.06 -3.78
N SER A 35 -3.05 10.23 -4.26
CA SER A 35 -4.26 10.31 -5.13
C SER A 35 -3.90 9.90 -6.58
N VAL A 36 -3.01 10.59 -7.21
CA VAL A 36 -2.65 10.23 -8.62
C VAL A 36 -2.27 8.75 -8.70
N PHE A 37 -1.53 8.26 -7.74
CA PHE A 37 -1.15 6.83 -7.78
C PHE A 37 -2.43 5.99 -7.64
N ARG A 38 -3.34 6.44 -6.82
CA ARG A 38 -4.62 5.69 -6.63
C ARG A 38 -5.38 5.63 -7.94
N ALA A 39 -5.24 6.61 -8.79
CA ALA A 39 -6.01 6.60 -10.07
C ALA A 39 -5.31 5.73 -11.12
N PHE A 40 -4.12 6.08 -11.52
CA PHE A 40 -3.40 5.27 -12.55
C PHE A 40 -3.50 3.78 -12.19
N LEU A 41 -3.15 3.41 -10.98
CA LEU A 41 -3.24 1.99 -10.57
C LEU A 41 -4.67 1.47 -10.82
N ARG A 42 -5.66 2.19 -10.39
CA ARG A 42 -7.07 1.73 -10.59
C ARG A 42 -7.26 1.21 -12.03
N THR A 43 -6.72 1.91 -12.98
CA THR A 43 -6.88 1.46 -14.39
C THR A 43 -6.39 0.01 -14.48
N GLU A 44 -5.12 -0.21 -14.30
CA GLU A 44 -4.57 -1.59 -14.38
C GLU A 44 -5.35 -2.54 -13.47
N TYR A 45 -6.36 -2.08 -12.78
CA TYR A 45 -7.16 -2.97 -11.88
C TYR A 45 -6.35 -3.30 -10.63
N SER A 46 -5.48 -2.40 -10.22
CA SER A 46 -4.65 -2.62 -8.99
C SER A 46 -4.97 -1.55 -7.95
N GLU A 47 -6.24 -1.35 -7.66
CA GLU A 47 -6.62 -0.32 -6.65
C GLU A 47 -6.46 -0.89 -5.24
N GLU A 48 -6.83 -2.13 -5.05
CA GLU A 48 -6.71 -2.74 -3.69
C GLU A 48 -5.30 -2.51 -3.15
N ASN A 49 -4.29 -2.78 -3.93
CA ASN A 49 -2.89 -2.57 -3.43
C ASN A 49 -2.76 -1.17 -2.85
N MET A 50 -3.30 -0.17 -3.52
CA MET A 50 -3.19 1.22 -3.00
C MET A 50 -3.68 1.26 -1.54
N LEU A 51 -4.91 0.90 -1.30
CA LEU A 51 -5.44 0.92 0.09
C LEU A 51 -4.57 0.02 0.97
N PHE A 52 -4.15 -1.10 0.45
CA PHE A 52 -3.31 -2.04 1.25
C PHE A 52 -2.19 -1.24 1.94
N TRP A 53 -1.74 -0.19 1.33
CA TRP A 53 -0.65 0.63 1.94
C TRP A 53 -1.24 1.59 2.98
N LEU A 54 -2.32 2.26 2.66
CA LEU A 54 -2.93 3.19 3.64
C LEU A 54 -3.52 2.40 4.80
N ALA A 55 -4.21 1.32 4.52
CA ALA A 55 -4.80 0.52 5.62
C ALA A 55 -3.67 0.04 6.54
N CYS A 56 -2.52 -0.25 5.98
CA CYS A 56 -1.39 -0.72 6.82
C CYS A 56 -0.76 0.48 7.54
N GLU A 57 -0.65 1.61 6.88
CA GLU A 57 -0.03 2.80 7.53
C GLU A 57 -1.09 3.54 8.35
N GLU A 58 -2.35 3.31 8.10
CA GLU A 58 -3.39 3.98 8.91
C GLU A 58 -3.41 3.34 10.30
N LEU A 59 -3.29 2.04 10.35
CA LEU A 59 -3.29 1.32 11.65
C LEU A 59 -2.18 1.88 12.53
N LYS A 60 -1.38 2.78 12.02
CA LYS A 60 -0.28 3.36 12.86
C LYS A 60 -0.82 4.53 13.68
N ALA A 61 -1.90 5.12 13.26
CA ALA A 61 -2.47 6.27 14.02
C ALA A 61 -3.21 5.76 15.26
N GLU A 62 -3.79 4.59 15.19
CA GLU A 62 -4.50 4.06 16.39
C GLU A 62 -3.57 4.18 17.60
N ALA A 63 -2.51 3.43 17.60
CA ALA A 63 -1.54 3.49 18.74
C ALA A 63 -2.11 2.75 19.95
N ASN A 64 -3.40 2.54 19.97
CA ASN A 64 -4.04 1.87 21.14
C ASN A 64 -3.61 0.40 21.22
N GLN A 65 -4.50 -0.46 21.67
CA GLN A 65 -4.15 -1.90 21.78
C GLN A 65 -5.42 -2.75 21.69
N HIS A 66 -6.53 -2.26 22.18
CA HIS A 66 -7.79 -3.05 22.12
C HIS A 66 -8.39 -2.98 20.71
N VAL A 67 -8.36 -1.83 20.08
CA VAL A 67 -8.92 -1.72 18.71
C VAL A 67 -7.84 -2.24 17.73
N VAL A 68 -6.63 -2.30 18.20
CA VAL A 68 -5.52 -2.81 17.34
C VAL A 68 -5.86 -4.25 16.93
N ASP A 69 -6.67 -4.90 17.71
CA ASP A 69 -7.06 -6.32 17.40
C ASP A 69 -8.22 -6.33 16.39
N GLU A 70 -9.27 -5.60 16.64
CA GLU A 70 -10.42 -5.60 15.69
C GLU A 70 -9.91 -5.30 14.27
N LYS A 71 -9.23 -4.19 14.13
CA LYS A 71 -8.68 -3.79 12.81
C LYS A 71 -7.71 -4.84 12.28
N ALA A 72 -6.82 -5.33 13.10
CA ALA A 72 -5.85 -6.35 12.60
C ALA A 72 -6.61 -7.45 11.85
N ARG A 73 -7.87 -7.62 12.14
CA ARG A 73 -8.67 -8.67 11.44
C ARG A 73 -9.09 -8.16 10.05
N LEU A 74 -9.66 -6.99 9.99
CA LEU A 74 -10.09 -6.44 8.65
C LEU A 74 -9.00 -6.68 7.59
N ILE A 75 -7.79 -6.28 7.86
CA ILE A 75 -6.70 -6.49 6.85
C ILE A 75 -6.48 -7.98 6.61
N TYR A 76 -6.26 -8.74 7.65
CA TYR A 76 -6.01 -10.20 7.46
C TYR A 76 -7.26 -10.91 6.91
N GLU A 77 -8.42 -10.48 7.31
CA GLU A 77 -9.68 -11.14 6.85
C GLU A 77 -9.93 -10.89 5.35
N ASP A 78 -9.79 -9.68 4.90
CA ASP A 78 -10.09 -9.37 3.47
C ASP A 78 -8.91 -9.65 2.55
N TYR A 79 -7.70 -9.83 3.04
CA TYR A 79 -6.53 -10.06 2.12
C TYR A 79 -5.79 -11.38 2.45
N VAL A 80 -4.73 -11.29 3.20
CA VAL A 80 -3.90 -12.49 3.52
C VAL A 80 -4.76 -13.75 3.75
N SER A 81 -6.03 -13.60 4.05
CA SER A 81 -6.87 -14.81 4.29
C SER A 81 -6.67 -15.85 3.20
N ILE A 82 -7.37 -16.94 3.28
CA ILE A 82 -7.23 -18.02 2.25
C ILE A 82 -7.34 -17.45 0.84
N LEU A 83 -7.65 -16.18 0.71
CA LEU A 83 -7.77 -15.56 -0.63
C LEU A 83 -6.61 -16.03 -1.53
N SER A 84 -6.80 -15.97 -2.83
CA SER A 84 -5.72 -16.41 -3.76
C SER A 84 -6.10 -16.08 -5.22
N PRO A 85 -7.29 -16.43 -5.65
CA PRO A 85 -7.70 -16.15 -7.04
C PRO A 85 -7.78 -14.63 -7.27
N LYS A 86 -7.29 -13.84 -6.35
CA LYS A 86 -7.36 -12.36 -6.53
C LYS A 86 -6.38 -11.67 -5.58
N GLU A 87 -5.76 -12.40 -4.69
CA GLU A 87 -4.80 -11.76 -3.74
C GLU A 87 -3.85 -10.84 -4.52
N VAL A 88 -3.13 -9.98 -3.83
CA VAL A 88 -2.21 -9.05 -4.55
C VAL A 88 -0.95 -9.80 -5.00
N SER A 89 -0.30 -10.51 -4.10
CA SER A 89 0.93 -11.26 -4.49
C SER A 89 1.67 -11.75 -3.24
N LEU A 90 1.05 -11.73 -2.11
CA LEU A 90 1.76 -12.21 -0.88
C LEU A 90 1.80 -13.74 -0.88
N ASP A 91 2.96 -14.33 -0.76
CA ASP A 91 3.05 -15.82 -0.78
C ASP A 91 2.47 -16.39 0.51
N SER A 92 2.61 -17.67 0.71
CA SER A 92 2.05 -18.30 1.95
C SER A 92 3.12 -18.26 3.06
N ARG A 93 4.27 -17.73 2.78
CA ARG A 93 5.34 -17.67 3.82
C ARG A 93 4.96 -16.58 4.84
N VAL A 94 4.68 -15.40 4.37
CA VAL A 94 4.30 -14.30 5.30
C VAL A 94 2.99 -14.67 6.00
N ARG A 95 2.19 -15.48 5.35
CA ARG A 95 0.89 -15.89 5.97
C ARG A 95 1.16 -16.60 7.28
N GLU A 96 2.28 -17.27 7.39
CA GLU A 96 2.60 -18.00 8.66
C GLU A 96 3.15 -17.01 9.69
N GLY A 97 4.03 -16.14 9.29
CA GLY A 97 4.61 -15.17 10.24
C GLY A 97 3.50 -14.37 10.93
N ILE A 98 2.52 -13.94 10.19
CA ILE A 98 1.43 -13.14 10.81
C ILE A 98 0.44 -14.06 11.54
N ASN A 99 0.42 -15.32 11.21
CA ASN A 99 -0.53 -16.26 11.89
C ASN A 99 -0.09 -16.49 13.33
N LYS A 100 1.18 -16.39 13.62
CA LYS A 100 1.67 -16.62 15.01
C LYS A 100 1.81 -15.29 15.76
N LYS A 101 2.09 -14.23 15.08
CA LYS A 101 2.25 -12.91 15.76
C LYS A 101 0.88 -12.27 15.98
N MET A 102 -0.08 -12.62 15.17
CA MET A 102 -1.45 -12.03 15.31
C MET A 102 -1.94 -12.13 16.75
N GLN A 103 -1.35 -12.97 17.56
CA GLN A 103 -1.85 -13.04 18.97
C GLN A 103 -1.29 -11.85 19.75
N GLU A 104 -0.32 -11.18 19.18
CA GLU A 104 0.27 -9.99 19.84
C GLU A 104 0.84 -9.06 18.75
N PRO A 105 -0.03 -8.46 17.98
CA PRO A 105 0.41 -7.56 16.88
C PRO A 105 1.04 -6.28 17.45
N SER A 106 1.24 -5.29 16.63
CA SER A 106 1.85 -4.02 17.14
C SER A 106 1.91 -2.98 16.03
N ALA A 107 0.97 -3.00 15.12
CA ALA A 107 0.97 -2.00 14.01
C ALA A 107 2.17 -2.24 13.09
N HIS A 108 3.34 -2.45 13.65
CA HIS A 108 4.54 -2.72 12.81
C HIS A 108 4.59 -4.21 12.49
N THR A 109 3.47 -4.87 12.60
CA THR A 109 3.42 -6.33 12.31
C THR A 109 3.32 -6.57 10.80
N PHE A 110 2.71 -5.66 10.08
CA PHE A 110 2.57 -5.85 8.61
C PHE A 110 3.83 -5.37 7.89
N ASP A 111 4.84 -4.96 8.62
CA ASP A 111 6.10 -4.47 7.97
C ASP A 111 6.47 -5.37 6.79
N ASP A 112 6.79 -6.61 7.04
CA ASP A 112 7.16 -7.53 5.92
C ASP A 112 6.13 -7.41 4.80
N ALA A 113 4.87 -7.31 5.14
CA ALA A 113 3.82 -7.18 4.09
C ALA A 113 3.86 -5.77 3.51
N GLN A 114 3.84 -4.78 4.35
CA GLN A 114 3.88 -3.37 3.86
C GLN A 114 5.20 -3.13 3.12
N LEU A 115 6.20 -3.92 3.39
CA LEU A 115 7.50 -3.75 2.70
C LEU A 115 7.45 -4.49 1.36
N GLN A 116 7.21 -5.76 1.38
CA GLN A 116 7.15 -6.53 0.11
C GLN A 116 6.26 -5.82 -0.90
N ILE A 117 5.14 -5.29 -0.47
CA ILE A 117 4.22 -4.62 -1.43
C ILE A 117 4.84 -3.31 -1.92
N TYR A 118 5.20 -2.42 -1.03
CA TYR A 118 5.81 -1.13 -1.45
C TYR A 118 6.87 -1.40 -2.49
N THR A 119 7.43 -2.59 -2.48
CA THR A 119 8.48 -2.94 -3.47
C THR A 119 7.80 -3.35 -4.78
N LEU A 120 6.66 -3.99 -4.69
CA LEU A 120 5.94 -4.44 -5.92
C LEU A 120 5.59 -3.20 -6.77
N MET A 121 5.01 -2.19 -6.18
CA MET A 121 4.66 -0.98 -6.98
C MET A 121 5.95 -0.34 -7.52
N HIS A 122 6.85 0.02 -6.66
CA HIS A 122 8.14 0.64 -7.14
C HIS A 122 8.71 -0.21 -8.28
N ARG A 123 8.52 -1.49 -8.22
CA ARG A 123 9.08 -2.37 -9.27
C ARG A 123 8.20 -2.38 -10.53
N ASP A 124 6.90 -2.50 -10.38
CA ASP A 124 6.00 -2.57 -11.58
C ASP A 124 5.37 -1.22 -11.92
N SER A 125 5.23 -0.34 -10.97
CA SER A 125 4.54 0.98 -11.24
C SER A 125 5.54 2.09 -11.58
N TYR A 126 6.70 2.10 -10.99
CA TYR A 126 7.67 3.20 -11.29
C TYR A 126 8.13 3.17 -12.76
N PRO A 127 8.46 2.02 -13.29
CA PRO A 127 8.93 1.93 -14.68
C PRO A 127 7.88 2.48 -15.66
N ARG A 128 6.62 2.21 -15.42
CA ARG A 128 5.55 2.72 -16.34
C ARG A 128 4.99 4.05 -15.84
N PHE A 129 4.83 4.19 -14.55
CA PHE A 129 4.26 5.47 -14.01
C PHE A 129 5.02 6.66 -14.61
N LEU A 130 6.32 6.64 -14.57
CA LEU A 130 7.11 7.77 -15.13
C LEU A 130 6.77 7.96 -16.61
N SER A 131 6.05 7.02 -17.19
CA SER A 131 5.68 7.12 -18.65
C SER A 131 4.17 7.03 -18.81
N SER A 132 3.45 6.79 -17.75
CA SER A 132 1.96 6.69 -17.88
C SER A 132 1.39 8.10 -18.20
N PRO A 133 0.33 8.18 -18.98
CA PRO A 133 -0.27 9.49 -19.32
C PRO A 133 -0.74 10.20 -18.04
N THR A 134 -1.18 9.46 -17.05
CA THR A 134 -1.66 10.09 -15.80
C THR A 134 -0.61 11.06 -15.27
N TYR A 135 0.64 10.81 -15.54
CA TYR A 135 1.73 11.73 -15.06
C TYR A 135 2.12 12.67 -16.20
N ARG A 136 2.04 12.27 -17.44
CA ARG A 136 2.39 13.21 -18.55
C ARG A 136 1.11 13.96 -18.94
N ALA A 137 0.09 13.81 -18.14
CA ALA A 137 -1.22 14.48 -18.39
C ALA A 137 -1.22 15.84 -17.69
N LEU A 138 -0.54 15.95 -16.58
CA LEU A 138 -0.48 17.24 -15.84
C LEU A 138 0.87 17.90 -16.14
N LEU A 139 1.64 17.26 -16.96
CA LEU A 139 2.98 17.81 -17.33
C LEU A 139 2.86 18.65 -18.60
N PRO A 12 -0.12 20.35 -6.19
CA PRO A 12 -0.99 20.92 -7.24
C PRO A 12 -0.16 21.86 -8.13
N SER A 13 1.09 21.55 -8.33
CA SER A 13 1.94 22.42 -9.18
C SER A 13 3.17 21.62 -9.65
N PRO A 14 3.87 22.13 -10.65
CA PRO A 14 5.07 21.43 -11.17
C PRO A 14 6.06 21.12 -10.04
N GLU A 15 5.75 21.49 -8.83
CA GLU A 15 6.68 21.18 -7.70
C GLU A 15 6.38 19.76 -7.23
N GLU A 16 5.17 19.30 -7.40
CA GLU A 16 4.79 17.92 -7.00
C GLU A 16 5.13 16.97 -8.16
N VAL A 17 4.98 17.47 -9.35
CA VAL A 17 5.29 16.69 -10.58
C VAL A 17 6.81 16.58 -10.76
N GLN A 18 7.54 17.66 -10.69
CA GLN A 18 9.02 17.58 -10.90
C GLN A 18 9.67 16.93 -9.67
N SER A 19 9.07 17.03 -8.52
CA SER A 19 9.68 16.44 -7.29
C SER A 19 9.44 14.93 -7.22
N TRP A 20 8.30 14.46 -7.66
CA TRP A 20 8.00 13.00 -7.57
C TRP A 20 8.83 12.21 -8.57
N ALA A 21 9.43 12.84 -9.55
CA ALA A 21 10.21 12.06 -10.57
C ALA A 21 11.69 11.96 -10.15
N GLN A 22 12.06 12.60 -9.07
CA GLN A 22 13.48 12.55 -8.62
C GLN A 22 13.58 11.68 -7.37
N SER A 23 12.50 11.47 -6.65
CA SER A 23 12.57 10.61 -5.44
C SER A 23 11.22 9.90 -5.27
N PHE A 24 11.22 8.68 -4.79
CA PHE A 24 9.93 7.93 -4.63
C PHE A 24 9.29 8.21 -3.26
N ASP A 25 10.06 8.34 -2.22
CA ASP A 25 9.45 8.62 -0.89
C ASP A 25 8.47 9.79 -1.02
N LYS A 26 8.93 10.90 -1.54
CA LYS A 26 8.03 12.08 -1.71
C LYS A 26 6.67 11.66 -2.26
N LEU A 27 6.62 10.59 -3.00
CA LEU A 27 5.31 10.14 -3.58
C LEU A 27 4.41 9.56 -2.48
N MET A 28 4.98 8.92 -1.50
CA MET A 28 4.13 8.32 -0.41
C MET A 28 3.77 9.41 0.59
N HIS A 29 4.67 10.30 0.87
CA HIS A 29 4.38 11.39 1.85
C HIS A 29 3.74 12.56 1.11
N SER A 30 3.05 12.29 0.04
CA SER A 30 2.39 13.38 -0.75
C SER A 30 0.87 13.29 -0.54
N PRO A 31 0.22 14.27 0.06
CA PRO A 31 -1.23 14.20 0.26
C PRO A 31 -1.91 14.09 -1.12
N ALA A 32 -1.44 14.84 -2.07
CA ALA A 32 -2.03 14.80 -3.43
C ALA A 32 -1.47 13.61 -4.22
N GLY A 33 -0.35 13.09 -3.81
CA GLY A 33 0.26 11.93 -4.54
C GLY A 33 -0.62 10.69 -4.40
N ARG A 34 -0.79 10.21 -3.19
CA ARG A 34 -1.64 8.99 -2.99
C ARG A 34 -2.91 9.08 -3.83
N SER A 35 -3.27 10.26 -4.27
CA SER A 35 -4.50 10.40 -5.10
C SER A 35 -4.19 10.09 -6.56
N VAL A 36 -3.18 10.70 -7.12
CA VAL A 36 -2.83 10.44 -8.54
C VAL A 36 -2.41 8.98 -8.71
N PHE A 37 -1.60 8.47 -7.81
CA PHE A 37 -1.16 7.05 -7.93
C PHE A 37 -2.41 6.17 -7.81
N ARG A 38 -3.34 6.56 -6.99
CA ARG A 38 -4.58 5.74 -6.82
C ARG A 38 -5.34 5.67 -8.15
N ALA A 39 -5.24 6.69 -8.98
CA ALA A 39 -5.99 6.65 -10.26
C ALA A 39 -5.24 5.82 -11.31
N PHE A 40 -4.04 6.21 -11.66
CA PHE A 40 -3.26 5.43 -12.67
C PHE A 40 -3.34 3.93 -12.35
N LEU A 41 -3.05 3.55 -11.14
CA LEU A 41 -3.12 2.10 -10.77
C LEU A 41 -4.53 1.57 -11.09
N ARG A 42 -5.56 2.27 -10.70
CA ARG A 42 -6.95 1.77 -10.97
C ARG A 42 -7.04 1.26 -12.41
N THR A 43 -6.44 1.95 -13.33
CA THR A 43 -6.49 1.49 -14.74
C THR A 43 -5.90 0.09 -14.81
N GLU A 44 -4.63 -0.03 -14.57
CA GLU A 44 -3.97 -1.37 -14.62
C GLU A 44 -4.67 -2.36 -13.70
N TYR A 45 -5.79 -2.01 -13.11
CA TYR A 45 -6.51 -2.95 -12.19
C TYR A 45 -5.68 -3.23 -10.94
N SER A 46 -4.89 -2.28 -10.52
CA SER A 46 -4.04 -2.46 -9.29
C SER A 46 -4.49 -1.46 -8.21
N GLU A 47 -5.78 -1.37 -7.99
CA GLU A 47 -6.28 -0.42 -6.95
C GLU A 47 -6.15 -1.05 -5.55
N GLU A 48 -6.56 -2.27 -5.41
CA GLU A 48 -6.48 -2.95 -4.08
C GLU A 48 -5.10 -2.68 -3.45
N ASN A 49 -4.05 -2.84 -4.21
CA ASN A 49 -2.69 -2.60 -3.64
C ASN A 49 -2.63 -1.18 -3.06
N MET A 50 -3.20 -0.22 -3.75
CA MET A 50 -3.15 1.18 -3.23
C MET A 50 -3.72 1.21 -1.81
N LEU A 51 -4.95 0.81 -1.65
CA LEU A 51 -5.57 0.82 -0.29
C LEU A 51 -4.66 0.04 0.67
N PHE A 52 -4.14 -1.07 0.22
CA PHE A 52 -3.27 -1.91 1.09
C PHE A 52 -2.27 -1.01 1.84
N TRP A 53 -1.77 0.00 1.17
CA TRP A 53 -0.79 0.91 1.83
C TRP A 53 -1.52 1.83 2.82
N LEU A 54 -2.66 2.37 2.46
CA LEU A 54 -3.38 3.27 3.41
C LEU A 54 -3.89 2.42 4.59
N ALA A 55 -4.20 1.18 4.37
CA ALA A 55 -4.70 0.34 5.48
C ALA A 55 -3.63 0.27 6.58
N CYS A 56 -2.46 -0.23 6.26
CA CYS A 56 -1.39 -0.31 7.30
C CYS A 56 -1.18 1.07 7.91
N GLU A 57 -1.28 2.11 7.12
CA GLU A 57 -1.09 3.49 7.65
C GLU A 57 -2.11 3.78 8.75
N GLU A 58 -3.30 3.28 8.63
CA GLU A 58 -4.33 3.53 9.67
C GLU A 58 -3.95 2.81 10.97
N LEU A 59 -3.64 1.54 10.88
CA LEU A 59 -3.27 0.76 12.09
C LEU A 59 -2.33 1.57 13.00
N LYS A 60 -1.72 2.61 12.50
CA LYS A 60 -0.81 3.42 13.36
C LYS A 60 -1.62 4.41 14.20
N ALA A 61 -2.82 4.71 13.80
CA ALA A 61 -3.65 5.67 14.58
C ALA A 61 -4.30 4.95 15.76
N GLU A 62 -4.37 3.65 15.74
CA GLU A 62 -4.99 2.92 16.88
C GLU A 62 -4.02 2.94 18.06
N ALA A 63 -3.56 4.11 18.43
CA ALA A 63 -2.61 4.24 19.57
C ALA A 63 -3.11 3.38 20.74
N ASN A 64 -4.35 3.01 20.72
CA ASN A 64 -4.89 2.19 21.84
C ASN A 64 -4.13 0.87 21.96
N GLN A 65 -4.82 -0.18 22.33
CA GLN A 65 -4.17 -1.51 22.46
C GLN A 65 -5.23 -2.57 22.22
N HIS A 66 -6.49 -2.21 22.38
CA HIS A 66 -7.59 -3.19 22.16
C HIS A 66 -8.13 -3.02 20.74
N VAL A 67 -8.16 -1.81 20.23
CA VAL A 67 -8.68 -1.60 18.84
C VAL A 67 -7.65 -2.12 17.84
N VAL A 68 -6.42 -2.22 18.26
CA VAL A 68 -5.37 -2.73 17.35
C VAL A 68 -5.72 -4.16 16.94
N ASP A 69 -6.53 -4.83 17.71
CA ASP A 69 -6.90 -6.23 17.39
C ASP A 69 -8.08 -6.27 16.40
N GLU A 70 -9.20 -5.69 16.76
CA GLU A 70 -10.39 -5.71 15.85
C GLU A 70 -9.95 -5.35 14.42
N LYS A 71 -9.34 -4.21 14.27
CA LYS A 71 -8.87 -3.76 12.93
C LYS A 71 -7.88 -4.76 12.35
N ALA A 72 -6.96 -5.25 13.12
CA ALA A 72 -5.99 -6.23 12.57
C ALA A 72 -6.76 -7.36 11.87
N ARG A 73 -7.97 -7.59 12.28
CA ARG A 73 -8.79 -8.67 11.65
C ARG A 73 -9.26 -8.21 10.27
N LEU A 74 -9.75 -7.00 10.17
CA LEU A 74 -10.20 -6.47 8.85
C LEU A 74 -9.13 -6.77 7.79
N ILE A 75 -7.91 -6.35 8.02
CA ILE A 75 -6.84 -6.61 7.01
C ILE A 75 -6.73 -8.12 6.77
N TYR A 76 -6.60 -8.89 7.81
CA TYR A 76 -6.49 -10.37 7.63
C TYR A 76 -7.76 -10.90 6.97
N GLU A 77 -8.89 -10.61 7.56
CA GLU A 77 -10.19 -11.09 6.99
C GLU A 77 -10.36 -10.58 5.56
N ASP A 78 -10.07 -9.33 5.33
CA ASP A 78 -10.26 -8.73 3.98
C ASP A 78 -9.38 -9.41 2.93
N TYR A 79 -8.31 -10.09 3.30
CA TYR A 79 -7.45 -10.72 2.25
C TYR A 79 -6.87 -12.07 2.69
N VAL A 80 -5.72 -12.06 3.32
CA VAL A 80 -5.03 -13.34 3.75
C VAL A 80 -6.02 -14.48 4.00
N SER A 81 -7.16 -14.21 4.55
CA SER A 81 -8.15 -15.31 4.82
C SER A 81 -8.33 -16.19 3.59
N ILE A 82 -9.13 -17.21 3.72
CA ILE A 82 -9.38 -18.16 2.58
C ILE A 82 -9.50 -17.40 1.26
N LEU A 83 -9.90 -16.16 1.32
CA LEU A 83 -10.05 -15.35 0.07
C LEU A 83 -8.89 -15.65 -0.90
N SER A 84 -9.14 -15.55 -2.19
CA SER A 84 -8.06 -15.84 -3.18
C SER A 84 -8.23 -14.97 -4.45
N PRO A 85 -9.41 -14.92 -5.01
CA PRO A 85 -9.63 -14.11 -6.23
C PRO A 85 -9.54 -12.62 -5.88
N LYS A 86 -8.70 -12.26 -4.96
CA LYS A 86 -8.57 -10.83 -4.57
C LYS A 86 -7.30 -10.64 -3.71
N GLU A 87 -6.82 -11.68 -3.12
CA GLU A 87 -5.60 -11.55 -2.26
C GLU A 87 -4.46 -10.94 -3.08
N VAL A 88 -3.55 -10.26 -2.45
CA VAL A 88 -2.42 -9.64 -3.20
C VAL A 88 -1.30 -10.66 -3.39
N SER A 89 -0.45 -10.46 -4.36
CA SER A 89 0.67 -11.41 -4.61
C SER A 89 1.60 -11.43 -3.39
N LEU A 90 1.50 -12.44 -2.56
CA LEU A 90 2.38 -12.52 -1.36
C LEU A 90 2.79 -13.98 -1.14
N ASP A 91 3.99 -14.20 -0.66
CA ASP A 91 4.46 -15.60 -0.43
C ASP A 91 3.70 -16.21 0.75
N SER A 92 3.73 -17.51 0.87
CA SER A 92 3.01 -18.17 2.01
C SER A 92 3.94 -18.24 3.22
N ARG A 93 5.14 -17.76 3.09
CA ARG A 93 6.09 -17.80 4.25
C ARG A 93 5.68 -16.71 5.24
N VAL A 94 5.50 -15.51 4.79
CA VAL A 94 5.09 -14.41 5.71
C VAL A 94 3.73 -14.75 6.32
N ARG A 95 2.92 -15.47 5.58
CA ARG A 95 1.58 -15.85 6.11
C ARG A 95 1.74 -16.56 7.46
N GLU A 96 2.81 -17.29 7.63
CA GLU A 96 3.03 -18.01 8.92
C GLU A 96 3.55 -17.03 9.96
N GLY A 97 4.40 -16.12 9.56
CA GLY A 97 4.95 -15.14 10.54
C GLY A 97 3.82 -14.30 11.13
N ILE A 98 2.91 -13.86 10.32
CA ILE A 98 1.78 -13.03 10.83
C ILE A 98 0.84 -13.90 11.67
N ASN A 99 0.72 -15.15 11.34
CA ASN A 99 -0.19 -16.05 12.11
C ASN A 99 0.33 -16.18 13.56
N LYS A 100 1.62 -16.11 13.75
CA LYS A 100 2.18 -16.24 15.12
C LYS A 100 2.09 -14.90 15.85
N LYS A 101 2.22 -13.81 15.13
CA LYS A 101 2.14 -12.47 15.79
C LYS A 101 0.67 -12.07 15.96
N MET A 102 -0.20 -12.61 15.15
CA MET A 102 -1.64 -12.27 15.25
C MET A 102 -2.11 -12.30 16.71
N GLN A 103 -1.50 -13.08 17.56
CA GLN A 103 -1.96 -13.10 18.98
C GLN A 103 -1.41 -11.88 19.71
N GLU A 104 -0.51 -11.17 19.08
CA GLU A 104 0.07 -9.94 19.71
C GLU A 104 0.61 -9.04 18.59
N PRO A 105 -0.28 -8.48 17.79
CA PRO A 105 0.10 -7.61 16.67
C PRO A 105 0.60 -6.25 17.19
N SER A 106 0.78 -5.31 16.30
CA SER A 106 1.26 -3.96 16.72
C SER A 106 1.18 -3.01 15.53
N ALA A 107 1.40 -1.74 15.75
CA ALA A 107 1.35 -0.77 14.62
C ALA A 107 2.56 -0.99 13.71
N HIS A 108 2.91 -2.22 13.47
CA HIS A 108 4.09 -2.52 12.60
C HIS A 108 4.14 -4.02 12.33
N THR A 109 3.01 -4.67 12.28
CA THR A 109 2.98 -6.14 12.04
C THR A 109 3.04 -6.41 10.53
N PHE A 110 2.29 -5.68 9.75
CA PHE A 110 2.30 -5.90 8.28
C PHE A 110 3.55 -5.27 7.66
N ASP A 111 4.36 -4.62 8.46
CA ASP A 111 5.59 -3.97 7.91
C ASP A 111 6.25 -4.86 6.85
N ASP A 112 6.69 -6.03 7.24
CA ASP A 112 7.33 -6.95 6.25
C ASP A 112 6.43 -7.07 5.02
N ALA A 113 5.17 -7.31 5.23
CA ALA A 113 4.23 -7.44 4.08
C ALA A 113 4.10 -6.10 3.36
N GLN A 114 3.83 -5.07 4.09
CA GLN A 114 3.69 -3.72 3.45
C GLN A 114 4.99 -3.36 2.74
N LEU A 115 6.08 -3.94 3.16
CA LEU A 115 7.39 -3.65 2.51
C LEU A 115 7.45 -4.39 1.17
N GLN A 116 7.35 -5.69 1.21
CA GLN A 116 7.42 -6.47 -0.05
C GLN A 116 6.49 -5.86 -1.10
N ILE A 117 5.29 -5.47 -0.71
CA ILE A 117 4.35 -4.91 -1.72
C ILE A 117 4.80 -3.51 -2.16
N TYR A 118 5.02 -2.61 -1.23
CA TYR A 118 5.47 -1.24 -1.58
C TYR A 118 6.61 -1.36 -2.59
N THR A 119 7.33 -2.45 -2.54
CA THR A 119 8.45 -2.66 -3.49
C THR A 119 7.89 -3.16 -4.82
N LEU A 120 6.82 -3.93 -4.76
CA LEU A 120 6.22 -4.47 -6.02
C LEU A 120 5.73 -3.31 -6.89
N MET A 121 5.03 -2.36 -6.34
CA MET A 121 4.56 -1.22 -7.16
C MET A 121 5.78 -0.45 -7.69
N HIS A 122 6.80 -0.34 -6.89
CA HIS A 122 8.02 0.40 -7.33
C HIS A 122 8.64 -0.26 -8.57
N ARG A 123 8.57 -1.57 -8.67
CA ARG A 123 9.19 -2.27 -9.83
C ARG A 123 8.22 -2.48 -10.99
N ASP A 124 6.99 -2.86 -10.71
CA ASP A 124 6.02 -3.12 -11.82
C ASP A 124 5.25 -1.86 -12.23
N SER A 125 4.98 -0.97 -11.31
CA SER A 125 4.18 0.25 -11.67
C SER A 125 5.09 1.46 -11.99
N TYR A 126 6.26 1.51 -11.42
CA TYR A 126 7.14 2.68 -11.67
C TYR A 126 7.67 2.74 -13.12
N PRO A 127 8.03 1.63 -13.72
CA PRO A 127 8.55 1.65 -15.10
C PRO A 127 7.50 2.27 -16.05
N ARG A 128 6.24 2.06 -15.78
CA ARG A 128 5.17 2.63 -16.67
C ARG A 128 4.67 3.97 -16.10
N PHE A 129 4.65 4.10 -14.80
CA PHE A 129 4.16 5.38 -14.19
C PHE A 129 4.77 6.59 -14.91
N LEU A 130 6.06 6.72 -14.88
CA LEU A 130 6.72 7.89 -15.54
C LEU A 130 6.24 8.00 -16.99
N SER A 131 5.59 6.97 -17.50
CA SER A 131 5.11 7.00 -18.91
C SER A 131 3.58 7.13 -18.93
N SER A 132 2.95 7.03 -17.79
CA SER A 132 1.46 7.14 -17.76
C SER A 132 1.07 8.60 -18.08
N PRO A 133 0.07 8.83 -18.93
CA PRO A 133 -0.35 10.21 -19.25
C PRO A 133 -0.86 10.90 -17.98
N THR A 134 -1.29 10.14 -17.01
CA THR A 134 -1.82 10.74 -15.75
C THR A 134 -0.77 11.70 -15.18
N TYR A 135 0.48 11.46 -15.43
CA TYR A 135 1.57 12.35 -14.90
C TYR A 135 1.96 13.35 -15.99
N ARG A 136 1.90 12.98 -17.24
CA ARG A 136 2.23 13.98 -18.32
C ARG A 136 0.95 14.73 -18.67
N ALA A 137 -0.05 14.57 -17.84
CA ALA A 137 -1.36 15.22 -18.06
C ALA A 137 -1.42 16.56 -17.31
N LEU A 138 -0.72 16.66 -16.21
CA LEU A 138 -0.71 17.93 -15.42
C LEU A 138 0.62 18.63 -15.66
N LEU A 139 1.45 18.03 -16.47
CA LEU A 139 2.79 18.64 -16.78
C LEU A 139 2.73 19.39 -18.11
N PRO A 12 -0.61 19.97 -7.02
CA PRO A 12 -0.85 19.77 -8.47
C PRO A 12 0.01 20.74 -9.29
N SER A 13 1.02 21.30 -8.67
CA SER A 13 1.91 22.25 -9.39
C SER A 13 3.14 21.50 -9.93
N PRO A 14 3.88 22.12 -10.83
CA PRO A 14 5.08 21.50 -11.43
C PRO A 14 6.00 20.93 -10.34
N GLU A 15 5.69 21.16 -9.09
CA GLU A 15 6.55 20.62 -8.00
C GLU A 15 6.14 19.18 -7.70
N GLU A 16 4.89 18.96 -7.36
CA GLU A 16 4.43 17.58 -7.05
C GLU A 16 4.93 16.60 -8.12
N VAL A 17 4.86 16.98 -9.35
CA VAL A 17 5.36 16.11 -10.47
C VAL A 17 6.89 16.09 -10.47
N GLN A 18 7.55 17.18 -10.73
CA GLN A 18 9.05 17.14 -10.73
C GLN A 18 9.55 16.58 -9.40
N SER A 19 8.92 16.96 -8.34
CA SER A 19 9.36 16.48 -6.99
C SER A 19 9.14 14.97 -6.83
N TRP A 20 8.03 14.46 -7.27
CA TRP A 20 7.77 12.99 -7.11
C TRP A 20 8.61 12.18 -8.09
N ALA A 21 9.12 12.79 -9.13
CA ALA A 21 9.90 11.98 -10.12
C ALA A 21 11.37 11.87 -9.69
N GLN A 22 11.74 12.55 -8.64
CA GLN A 22 13.16 12.49 -8.16
C GLN A 22 13.24 11.62 -6.90
N SER A 23 12.14 11.43 -6.21
CA SER A 23 12.17 10.57 -4.98
C SER A 23 10.82 9.89 -4.80
N PHE A 24 10.79 8.74 -4.16
CA PHE A 24 9.50 8.00 -3.96
C PHE A 24 8.80 8.47 -2.67
N ASP A 25 9.54 8.70 -1.62
CA ASP A 25 8.89 9.13 -0.35
C ASP A 25 7.92 10.28 -0.62
N LYS A 26 8.40 11.34 -1.22
CA LYS A 26 7.52 12.51 -1.51
C LYS A 26 6.20 12.05 -2.13
N LEU A 27 6.21 10.91 -2.79
CA LEU A 27 4.95 10.41 -3.43
C LEU A 27 3.99 9.86 -2.36
N MET A 28 4.50 9.19 -1.37
CA MET A 28 3.60 8.61 -0.31
C MET A 28 3.54 9.56 0.91
N HIS A 29 4.41 10.52 0.99
CA HIS A 29 4.40 11.44 2.17
C HIS A 29 3.54 12.68 1.87
N SER A 30 2.53 12.55 1.03
CA SER A 30 1.67 13.75 0.74
C SER A 30 0.23 13.25 0.40
N PRO A 31 -0.78 14.03 0.75
CA PRO A 31 -2.18 13.62 0.47
C PRO A 31 -2.47 13.58 -1.04
N ALA A 32 -1.88 14.46 -1.81
CA ALA A 32 -2.18 14.46 -3.28
C ALA A 32 -1.45 13.32 -3.99
N GLY A 33 -0.31 12.92 -3.49
CA GLY A 33 0.42 11.80 -4.16
C GLY A 33 -0.45 10.53 -4.14
N ARG A 34 -0.67 10.00 -2.97
CA ARG A 34 -1.49 8.75 -2.85
C ARG A 34 -2.74 8.85 -3.75
N SER A 35 -3.08 10.03 -4.19
CA SER A 35 -4.29 10.17 -5.06
C SER A 35 -3.96 9.80 -6.51
N VAL A 36 -3.06 10.49 -7.13
CA VAL A 36 -2.72 10.18 -8.55
C VAL A 36 -2.37 8.70 -8.71
N PHE A 37 -1.65 8.13 -7.77
CA PHE A 37 -1.32 6.69 -7.90
C PHE A 37 -2.63 5.89 -7.78
N ARG A 38 -3.52 6.33 -6.93
CA ARG A 38 -4.81 5.62 -6.76
C ARG A 38 -5.56 5.59 -8.09
N ALA A 39 -5.40 6.61 -8.90
CA ALA A 39 -6.14 6.65 -10.20
C ALA A 39 -5.42 5.82 -11.26
N PHE A 40 -4.20 6.18 -11.61
CA PHE A 40 -3.46 5.41 -12.65
C PHE A 40 -3.58 3.91 -12.35
N LEU A 41 -3.28 3.50 -11.15
CA LEU A 41 -3.40 2.05 -10.80
C LEU A 41 -4.81 1.56 -11.13
N ARG A 42 -5.83 2.27 -10.73
CA ARG A 42 -7.22 1.81 -11.02
C ARG A 42 -7.33 1.37 -12.48
N THR A 43 -6.69 2.07 -13.37
CA THR A 43 -6.74 1.65 -14.80
C THR A 43 -6.21 0.22 -14.89
N GLU A 44 -4.94 0.04 -14.64
CA GLU A 44 -4.36 -1.33 -14.71
C GLU A 44 -5.14 -2.28 -13.80
N TYR A 45 -6.16 -1.82 -13.12
CA TYR A 45 -6.94 -2.72 -12.22
C TYR A 45 -6.08 -3.18 -11.04
N SER A 46 -5.12 -2.38 -10.64
CA SER A 46 -4.22 -2.77 -9.51
C SER A 46 -4.39 -1.77 -8.35
N GLU A 47 -5.47 -1.04 -8.32
CA GLU A 47 -5.67 -0.05 -7.21
C GLU A 47 -5.67 -0.78 -5.85
N GLU A 48 -6.19 -1.98 -5.81
CA GLU A 48 -6.23 -2.74 -4.50
C GLU A 48 -4.94 -2.53 -3.72
N ASN A 49 -3.80 -2.67 -4.36
CA ASN A 49 -2.52 -2.47 -3.63
C ASN A 49 -2.53 -1.07 -2.99
N MET A 50 -3.13 -0.13 -3.66
CA MET A 50 -3.17 1.26 -3.10
C MET A 50 -3.65 1.21 -1.64
N LEU A 51 -4.82 0.70 -1.41
CA LEU A 51 -5.35 0.63 -0.02
C LEU A 51 -4.45 -0.28 0.82
N PHE A 52 -4.01 -1.37 0.27
CA PHE A 52 -3.13 -2.30 1.04
C PHE A 52 -2.04 -1.51 1.75
N TRP A 53 -1.61 -0.42 1.16
CA TRP A 53 -0.54 0.41 1.78
C TRP A 53 -1.16 1.34 2.84
N LEU A 54 -2.23 2.01 2.51
CA LEU A 54 -2.86 2.93 3.51
C LEU A 54 -3.44 2.13 4.68
N ALA A 55 -4.15 1.07 4.39
CA ALA A 55 -4.73 0.27 5.50
C ALA A 55 -3.60 -0.22 6.40
N CYS A 56 -2.48 -0.58 5.81
CA CYS A 56 -1.32 -1.06 6.63
C CYS A 56 -0.68 0.13 7.36
N GLU A 57 -0.55 1.26 6.71
CA GLU A 57 0.08 2.44 7.39
C GLU A 57 -0.96 3.18 8.22
N GLU A 58 -2.22 2.95 7.96
CA GLU A 58 -3.27 3.63 8.77
C GLU A 58 -3.30 2.99 10.15
N LEU A 59 -3.10 1.71 10.21
CA LEU A 59 -3.12 1.00 11.53
C LEU A 59 -2.11 1.68 12.48
N LYS A 60 -1.37 2.65 11.99
CA LYS A 60 -0.37 3.33 12.87
C LYS A 60 -1.09 4.43 13.65
N ALA A 61 -2.22 4.88 13.18
CA ALA A 61 -2.98 5.93 13.91
C ALA A 61 -3.75 5.27 15.04
N GLU A 62 -3.24 4.20 15.56
CA GLU A 62 -3.91 3.49 16.68
C GLU A 62 -2.87 3.15 17.75
N ALA A 63 -2.29 4.15 18.35
CA ALA A 63 -1.27 3.89 19.39
C ALA A 63 -1.89 3.09 20.53
N ASN A 64 -3.14 2.74 20.41
CA ASN A 64 -3.83 1.99 21.50
C ASN A 64 -3.45 0.50 21.41
N GLN A 65 -4.24 -0.36 22.03
CA GLN A 65 -3.94 -1.82 21.99
C GLN A 65 -5.26 -2.60 21.86
N HIS A 66 -6.35 -2.00 22.29
CA HIS A 66 -7.66 -2.72 22.21
C HIS A 66 -8.25 -2.57 20.79
N VAL A 67 -8.28 -1.38 20.26
CA VAL A 67 -8.85 -1.21 18.89
C VAL A 67 -7.82 -1.71 17.88
N VAL A 68 -6.59 -1.88 18.30
CA VAL A 68 -5.54 -2.39 17.38
C VAL A 68 -5.92 -3.82 16.96
N ASP A 69 -6.71 -4.48 17.76
CA ASP A 69 -7.12 -5.88 17.44
C ASP A 69 -8.27 -5.88 16.43
N GLU A 70 -9.35 -5.20 16.72
CA GLU A 70 -10.50 -5.17 15.76
C GLU A 70 -9.99 -4.87 14.36
N LYS A 71 -9.26 -3.80 14.22
CA LYS A 71 -8.70 -3.40 12.90
C LYS A 71 -7.83 -4.54 12.34
N ALA A 72 -7.02 -5.14 13.17
CA ALA A 72 -6.15 -6.23 12.67
C ALA A 72 -7.00 -7.27 11.94
N ARG A 73 -8.27 -7.33 12.25
CA ARG A 73 -9.16 -8.31 11.58
C ARG A 73 -9.57 -7.79 10.20
N LEU A 74 -9.97 -6.54 10.12
CA LEU A 74 -10.37 -5.97 8.80
C LEU A 74 -9.33 -6.34 7.74
N ILE A 75 -8.07 -6.15 8.02
CA ILE A 75 -7.01 -6.49 7.04
C ILE A 75 -6.89 -8.00 6.89
N TYR A 76 -6.87 -8.72 7.99
CA TYR A 76 -6.76 -10.20 7.92
C TYR A 76 -7.90 -10.75 7.05
N GLU A 77 -9.11 -10.54 7.47
CA GLU A 77 -10.30 -11.03 6.72
C GLU A 77 -10.24 -10.57 5.26
N ASP A 78 -9.81 -9.36 5.02
CA ASP A 78 -9.80 -8.82 3.64
C ASP A 78 -8.65 -9.38 2.78
N TYR A 79 -7.54 -9.80 3.34
CA TYR A 79 -6.43 -10.30 2.47
C TYR A 79 -5.68 -11.49 3.10
N VAL A 80 -6.39 -12.47 3.61
CA VAL A 80 -5.69 -13.66 4.20
C VAL A 80 -6.63 -14.86 4.21
N SER A 81 -7.86 -14.68 4.63
CA SER A 81 -8.83 -15.82 4.67
C SER A 81 -8.98 -16.44 3.29
N ILE A 82 -10.20 -16.73 2.89
CA ILE A 82 -10.42 -17.36 1.56
C ILE A 82 -10.59 -16.26 0.49
N LEU A 83 -9.80 -16.27 -0.57
CA LEU A 83 -9.94 -15.22 -1.61
C LEU A 83 -9.04 -15.57 -2.81
N SER A 84 -9.42 -15.20 -4.00
CA SER A 84 -8.59 -15.52 -5.20
C SER A 84 -8.80 -14.46 -6.30
N PRO A 85 -10.00 -14.33 -6.84
CA PRO A 85 -10.26 -13.32 -7.88
C PRO A 85 -9.67 -11.97 -7.47
N LYS A 86 -9.44 -11.78 -6.20
CA LYS A 86 -8.86 -10.49 -5.71
C LYS A 86 -7.84 -10.79 -4.61
N GLU A 87 -6.70 -11.33 -4.98
CA GLU A 87 -5.64 -11.68 -3.98
C GLU A 87 -4.35 -10.92 -4.31
N VAL A 88 -3.87 -10.12 -3.41
CA VAL A 88 -2.61 -9.37 -3.68
C VAL A 88 -1.43 -10.34 -3.76
N SER A 89 -0.52 -10.12 -4.67
CA SER A 89 0.64 -11.05 -4.80
C SER A 89 1.34 -11.24 -3.45
N LEU A 90 0.92 -12.22 -2.68
CA LEU A 90 1.55 -12.46 -1.37
C LEU A 90 1.40 -13.95 -1.01
N ASP A 91 2.46 -14.61 -0.63
CA ASP A 91 2.39 -16.06 -0.28
C ASP A 91 3.77 -16.57 0.11
N SER A 92 4.09 -16.61 1.37
CA SER A 92 5.43 -17.09 1.79
C SER A 92 5.47 -17.23 3.31
N ARG A 93 6.63 -17.48 3.86
CA ARG A 93 6.73 -17.62 5.35
C ARG A 93 6.00 -16.45 6.00
N VAL A 94 5.81 -15.38 5.28
CA VAL A 94 5.09 -14.20 5.84
C VAL A 94 3.71 -14.64 6.34
N ARG A 95 3.04 -15.46 5.57
CA ARG A 95 1.69 -15.93 5.97
C ARG A 95 1.75 -16.55 7.37
N GLU A 96 2.86 -17.16 7.71
CA GLU A 96 2.98 -17.79 9.06
C GLU A 96 3.35 -16.74 10.11
N GLY A 97 4.19 -15.81 9.76
CA GLY A 97 4.58 -14.77 10.75
C GLY A 97 3.35 -13.97 11.20
N ILE A 98 2.49 -13.62 10.29
CA ILE A 98 1.28 -12.84 10.68
C ILE A 98 0.30 -13.73 11.43
N ASN A 99 0.23 -14.99 11.08
CA ASN A 99 -0.72 -15.90 11.78
C ASN A 99 -0.24 -16.17 13.21
N LYS A 100 1.00 -15.88 13.50
CA LYS A 100 1.55 -16.12 14.88
C LYS A 100 1.70 -14.80 15.63
N LYS A 101 2.08 -13.75 14.95
CA LYS A 101 2.25 -12.43 15.64
C LYS A 101 0.90 -11.74 15.82
N MET A 102 -0.14 -12.29 15.25
CA MET A 102 -1.48 -11.64 15.37
C MET A 102 -2.05 -11.81 16.77
N GLN A 103 -1.46 -12.61 17.63
CA GLN A 103 -2.03 -12.74 19.00
C GLN A 103 -1.61 -11.51 19.81
N GLU A 104 -0.56 -10.85 19.37
CA GLU A 104 -0.09 -9.61 20.07
C GLU A 104 0.46 -8.64 19.01
N PRO A 105 -0.42 -8.11 18.18
CA PRO A 105 -0.03 -7.20 17.10
C PRO A 105 0.33 -5.81 17.68
N SER A 106 0.46 -4.83 16.82
CA SER A 106 0.78 -3.46 17.31
C SER A 106 0.53 -2.46 16.18
N ALA A 107 1.30 -2.54 15.14
CA ALA A 107 1.11 -1.61 13.99
C ALA A 107 2.09 -1.98 12.88
N HIS A 108 3.31 -2.28 13.23
CA HIS A 108 4.31 -2.69 12.21
C HIS A 108 4.12 -4.18 11.92
N THR A 109 2.98 -4.71 12.25
CA THR A 109 2.72 -6.16 12.01
C THR A 109 2.77 -6.45 10.51
N PHE A 110 2.20 -5.60 9.70
CA PHE A 110 2.21 -5.82 8.23
C PHE A 110 3.50 -5.26 7.62
N ASP A 111 4.37 -4.71 8.42
CA ASP A 111 5.64 -4.13 7.87
C ASP A 111 6.23 -5.05 6.79
N ASP A 112 6.49 -6.28 7.13
CA ASP A 112 7.07 -7.21 6.13
C ASP A 112 6.14 -7.26 4.90
N ALA A 113 4.86 -7.33 5.11
CA ALA A 113 3.90 -7.37 3.97
C ALA A 113 3.85 -6.01 3.28
N GLN A 114 3.61 -4.98 4.04
CA GLN A 114 3.53 -3.61 3.46
C GLN A 114 4.85 -3.28 2.74
N LEU A 115 5.91 -3.96 3.09
CA LEU A 115 7.21 -3.69 2.44
C LEU A 115 7.30 -4.47 1.12
N GLN A 116 7.13 -5.76 1.16
CA GLN A 116 7.20 -6.56 -0.09
C GLN A 116 6.33 -5.91 -1.16
N ILE A 117 5.15 -5.46 -0.80
CA ILE A 117 4.24 -4.87 -1.82
C ILE A 117 4.78 -3.50 -2.25
N TYR A 118 5.06 -2.64 -1.32
CA TYR A 118 5.59 -1.29 -1.68
C TYR A 118 6.73 -1.48 -2.68
N THR A 119 7.36 -2.62 -2.64
CA THR A 119 8.47 -2.88 -3.59
C THR A 119 7.88 -3.34 -4.93
N LEU A 120 6.78 -4.04 -4.89
CA LEU A 120 6.15 -4.52 -6.15
C LEU A 120 5.72 -3.30 -7.00
N MET A 121 5.06 -2.34 -6.42
CA MET A 121 4.64 -1.16 -7.22
C MET A 121 5.89 -0.44 -7.72
N HIS A 122 6.91 -0.36 -6.92
CA HIS A 122 8.16 0.34 -7.35
C HIS A 122 8.71 -0.31 -8.62
N ARG A 123 8.52 -1.59 -8.77
CA ARG A 123 9.08 -2.29 -9.97
C ARG A 123 8.05 -2.32 -11.12
N ASP A 124 6.79 -2.53 -10.83
CA ASP A 124 5.77 -2.62 -11.92
C ASP A 124 5.14 -1.27 -12.27
N SER A 125 4.97 -0.40 -11.30
CA SER A 125 4.29 0.93 -11.60
C SER A 125 5.30 2.06 -11.85
N TYR A 126 6.44 2.01 -11.22
CA TYR A 126 7.43 3.13 -11.42
C TYR A 126 7.93 3.19 -12.89
N PRO A 127 8.25 2.08 -13.51
CA PRO A 127 8.76 2.11 -14.89
C PRO A 127 7.72 2.73 -15.85
N ARG A 128 6.46 2.49 -15.62
CA ARG A 128 5.40 3.05 -16.52
C ARG A 128 4.90 4.38 -15.95
N PHE A 129 4.79 4.49 -14.65
CA PHE A 129 4.29 5.76 -14.06
C PHE A 129 5.06 6.96 -14.65
N LEU A 130 6.36 6.91 -14.61
CA LEU A 130 7.16 8.04 -15.16
C LEU A 130 6.78 8.30 -16.62
N SER A 131 6.02 7.39 -17.21
CA SER A 131 5.61 7.55 -18.65
C SER A 131 4.10 7.33 -18.78
N SER A 132 3.39 7.26 -17.69
CA SER A 132 1.92 7.03 -17.78
C SER A 132 1.24 8.37 -18.15
N PRO A 133 0.15 8.34 -18.89
CA PRO A 133 -0.55 9.57 -19.28
C PRO A 133 -1.02 10.32 -18.02
N THR A 134 -1.42 9.61 -17.00
CA THR A 134 -1.90 10.29 -15.76
C THR A 134 -0.82 11.20 -15.21
N TYR A 135 0.43 10.91 -15.49
CA TYR A 135 1.56 11.77 -14.99
C TYR A 135 1.97 12.75 -16.09
N ARG A 136 1.87 12.39 -17.35
CA ARG A 136 2.24 13.38 -18.42
C ARG A 136 0.98 14.16 -18.79
N ALA A 137 -0.05 13.99 -18.01
CA ALA A 137 -1.33 14.70 -18.25
C ALA A 137 -1.31 16.05 -17.53
N LEU A 138 -0.60 16.14 -16.43
CA LEU A 138 -0.50 17.42 -15.67
C LEU A 138 0.88 18.00 -15.94
N LEU A 139 1.63 17.33 -16.75
CA LEU A 139 3.01 17.79 -17.09
C LEU A 139 2.95 18.69 -18.34
N PRO A 12 -0.48 20.32 -7.22
CA PRO A 12 -0.53 19.71 -8.57
C PRO A 12 0.35 20.53 -9.53
N SER A 13 1.22 21.34 -8.99
CA SER A 13 2.10 22.17 -9.86
C SER A 13 3.37 21.37 -10.22
N PRO A 14 4.12 21.83 -11.21
CA PRO A 14 5.34 21.14 -11.63
C PRO A 14 6.27 20.89 -10.43
N GLU A 15 6.04 21.54 -9.33
CA GLU A 15 6.89 21.28 -8.14
C GLU A 15 6.56 19.88 -7.60
N GLU A 16 5.37 19.43 -7.87
CA GLU A 16 4.95 18.08 -7.41
C GLU A 16 5.35 17.07 -8.49
N VAL A 17 5.27 17.46 -9.72
CA VAL A 17 5.65 16.58 -10.86
C VAL A 17 7.17 16.60 -11.04
N GLN A 18 7.84 17.68 -10.74
CA GLN A 18 9.32 17.69 -10.91
C GLN A 18 9.97 17.04 -9.68
N SER A 19 9.37 17.19 -8.54
CA SER A 19 9.96 16.63 -7.29
C SER A 19 9.58 15.14 -7.10
N TRP A 20 8.39 14.75 -7.46
CA TRP A 20 7.99 13.33 -7.27
C TRP A 20 8.85 12.41 -8.15
N ALA A 21 9.24 12.88 -9.30
CA ALA A 21 10.04 12.02 -10.21
C ALA A 21 11.49 11.96 -9.72
N GLN A 22 11.78 12.57 -8.60
CA GLN A 22 13.17 12.56 -8.05
C GLN A 22 13.20 11.77 -6.76
N SER A 23 12.08 11.62 -6.10
CA SER A 23 12.05 10.84 -4.83
C SER A 23 10.71 10.12 -4.67
N PHE A 24 10.69 9.00 -3.98
CA PHE A 24 9.41 8.23 -3.81
C PHE A 24 8.63 8.75 -2.59
N ASP A 25 9.29 9.08 -1.52
CA ASP A 25 8.57 9.57 -0.32
C ASP A 25 7.53 10.63 -0.71
N LYS A 26 7.97 11.69 -1.33
CA LYS A 26 7.03 12.77 -1.74
C LYS A 26 5.80 12.17 -2.42
N LEU A 27 5.92 11.01 -2.99
CA LEU A 27 4.75 10.37 -3.69
C LEU A 27 3.72 9.87 -2.67
N MET A 28 4.17 9.18 -1.66
CA MET A 28 3.21 8.64 -0.63
C MET A 28 3.21 9.53 0.61
N HIS A 29 4.28 10.21 0.88
CA HIS A 29 4.32 11.09 2.08
C HIS A 29 3.60 12.40 1.78
N SER A 30 2.63 12.36 0.90
CA SER A 30 1.87 13.61 0.56
C SER A 30 0.40 13.21 0.21
N PRO A 31 -0.57 14.04 0.58
CA PRO A 31 -1.99 13.73 0.28
C PRO A 31 -2.28 13.73 -1.22
N ALA A 32 -1.68 14.61 -1.98
CA ALA A 32 -1.98 14.67 -3.45
C ALA A 32 -1.26 13.55 -4.20
N GLY A 33 -0.10 13.15 -3.75
CA GLY A 33 0.63 12.06 -4.47
C GLY A 33 -0.22 10.78 -4.44
N ARG A 34 -0.40 10.21 -3.27
CA ARG A 34 -1.20 8.96 -3.15
C ARG A 34 -2.46 9.04 -4.04
N SER A 35 -2.83 10.20 -4.49
CA SER A 35 -4.05 10.32 -5.34
C SER A 35 -3.73 9.90 -6.78
N VAL A 36 -2.70 10.47 -7.36
CA VAL A 36 -2.35 10.11 -8.77
C VAL A 36 -2.04 8.61 -8.88
N PHE A 37 -1.32 8.06 -7.95
CA PHE A 37 -1.02 6.59 -8.05
C PHE A 37 -2.34 5.84 -7.90
N ARG A 38 -3.21 6.33 -7.06
CA ARG A 38 -4.51 5.65 -6.85
C ARG A 38 -5.28 5.61 -8.17
N ALA A 39 -5.08 6.59 -9.03
CA ALA A 39 -5.83 6.61 -10.31
C ALA A 39 -5.16 5.68 -11.34
N PHE A 40 -3.94 5.98 -11.71
CA PHE A 40 -3.24 5.11 -12.71
C PHE A 40 -3.39 3.63 -12.31
N LEU A 41 -3.07 3.29 -11.09
CA LEU A 41 -3.22 1.88 -10.65
C LEU A 41 -4.65 1.39 -10.90
N ARG A 42 -5.62 2.15 -10.48
CA ARG A 42 -7.03 1.72 -10.69
C ARG A 42 -7.23 1.20 -12.11
N THR A 43 -6.65 1.85 -13.08
CA THR A 43 -6.80 1.38 -14.49
C THR A 43 -6.34 -0.07 -14.58
N GLU A 44 -5.07 -0.29 -14.36
CA GLU A 44 -4.54 -1.69 -14.44
C GLU A 44 -5.32 -2.63 -13.51
N TYR A 45 -6.35 -2.14 -12.85
CA TYR A 45 -7.14 -3.02 -11.94
C TYR A 45 -6.35 -3.30 -10.66
N SER A 46 -5.48 -2.39 -10.29
CA SER A 46 -4.66 -2.57 -9.04
C SER A 46 -5.06 -1.51 -8.01
N GLU A 47 -6.33 -1.36 -7.77
CA GLU A 47 -6.79 -0.36 -6.76
C GLU A 47 -6.67 -0.96 -5.36
N GLU A 48 -7.08 -2.19 -5.19
CA GLU A 48 -6.99 -2.83 -3.85
C GLU A 48 -5.56 -2.68 -3.31
N ASN A 49 -4.57 -2.79 -4.15
CA ASN A 49 -3.18 -2.65 -3.66
C ASN A 49 -3.00 -1.26 -3.03
N MET A 50 -3.49 -0.24 -3.68
CA MET A 50 -3.37 1.13 -3.11
C MET A 50 -3.89 1.15 -1.68
N LEU A 51 -5.13 0.80 -1.50
CA LEU A 51 -5.71 0.79 -0.13
C LEU A 51 -4.85 -0.10 0.78
N PHE A 52 -4.40 -1.21 0.28
CA PHE A 52 -3.57 -2.13 1.10
C PHE A 52 -2.47 -1.33 1.83
N TRP A 53 -1.90 -0.37 1.15
CA TRP A 53 -0.83 0.45 1.78
C TRP A 53 -1.44 1.39 2.84
N LEU A 54 -2.51 2.06 2.53
CA LEU A 54 -3.13 2.99 3.53
C LEU A 54 -3.69 2.18 4.69
N ALA A 55 -4.37 1.09 4.42
CA ALA A 55 -4.92 0.29 5.54
C ALA A 55 -3.83 0.04 6.57
N CYS A 56 -2.64 -0.30 6.13
CA CYS A 56 -1.53 -0.55 7.09
C CYS A 56 -1.11 0.79 7.71
N GLU A 57 -1.05 1.83 6.92
CA GLU A 57 -0.66 3.16 7.44
C GLU A 57 -1.53 3.53 8.65
N GLU A 58 -2.77 3.14 8.64
CA GLU A 58 -3.67 3.48 9.78
C GLU A 58 -3.32 2.66 11.02
N LEU A 59 -3.16 1.37 10.86
CA LEU A 59 -2.83 0.52 12.04
C LEU A 59 -1.72 1.15 12.87
N LYS A 60 -0.92 2.02 12.30
CA LYS A 60 0.17 2.65 13.09
C LYS A 60 -0.41 3.71 14.02
N ALA A 61 -1.52 4.29 13.66
CA ALA A 61 -2.13 5.33 14.54
C ALA A 61 -2.86 4.64 15.70
N GLU A 62 -3.16 3.38 15.54
CA GLU A 62 -3.85 2.64 16.64
C GLU A 62 -2.87 2.49 17.80
N ALA A 63 -2.42 3.58 18.35
CA ALA A 63 -1.46 3.53 19.48
C ALA A 63 -2.06 2.77 20.65
N ASN A 64 -3.35 2.55 20.64
CA ASN A 64 -4.00 1.83 21.77
C ASN A 64 -3.61 0.35 21.74
N GLN A 65 -4.54 -0.52 22.06
CA GLN A 65 -4.23 -1.98 22.05
C GLN A 65 -5.54 -2.77 21.89
N HIS A 66 -6.62 -2.23 22.39
CA HIS A 66 -7.93 -2.95 22.27
C HIS A 66 -8.48 -2.79 20.84
N VAL A 67 -8.38 -1.61 20.27
CA VAL A 67 -8.89 -1.42 18.89
C VAL A 67 -7.86 -1.97 17.91
N VAL A 68 -6.65 -2.14 18.37
CA VAL A 68 -5.58 -2.70 17.51
C VAL A 68 -6.00 -4.11 17.06
N ASP A 69 -6.88 -4.72 17.79
CA ASP A 69 -7.34 -6.11 17.44
C ASP A 69 -8.47 -6.06 16.40
N GLU A 70 -9.49 -5.27 16.62
CA GLU A 70 -10.61 -5.22 15.65
C GLU A 70 -10.09 -4.93 14.23
N LYS A 71 -9.38 -3.86 14.08
CA LYS A 71 -8.84 -3.48 12.74
C LYS A 71 -7.85 -4.55 12.24
N ALA A 72 -6.99 -5.04 13.09
CA ALA A 72 -6.03 -6.08 12.62
C ALA A 72 -6.78 -7.19 11.89
N ARG A 73 -8.04 -7.39 12.20
CA ARG A 73 -8.82 -8.48 11.52
C ARG A 73 -9.28 -8.00 10.13
N LEU A 74 -9.84 -6.82 10.04
CA LEU A 74 -10.28 -6.28 8.71
C LEU A 74 -9.21 -6.58 7.65
N ILE A 75 -7.96 -6.34 7.96
CA ILE A 75 -6.88 -6.60 6.97
C ILE A 75 -6.75 -8.11 6.74
N TYR A 76 -6.64 -8.87 7.80
CA TYR A 76 -6.50 -10.35 7.64
C TYR A 76 -7.78 -10.91 7.00
N GLU A 77 -8.90 -10.63 7.57
CA GLU A 77 -10.20 -11.13 7.03
C GLU A 77 -10.35 -10.75 5.56
N ASP A 78 -10.04 -9.52 5.22
CA ASP A 78 -10.23 -9.04 3.83
C ASP A 78 -9.20 -9.59 2.85
N TYR A 79 -8.08 -10.13 3.31
CA TYR A 79 -7.06 -10.64 2.31
C TYR A 79 -6.40 -11.94 2.77
N VAL A 80 -5.26 -11.84 3.39
CA VAL A 80 -4.50 -13.06 3.82
C VAL A 80 -5.43 -14.17 4.32
N SER A 81 -6.52 -13.82 4.98
CA SER A 81 -7.43 -14.88 5.50
C SER A 81 -7.75 -15.93 4.43
N ILE A 82 -8.55 -16.91 4.78
CA ILE A 82 -8.93 -17.99 3.84
C ILE A 82 -9.11 -17.45 2.41
N LEU A 83 -9.44 -16.19 2.29
CA LEU A 83 -9.63 -15.59 0.94
C LEU A 83 -8.52 -16.07 -0.01
N SER A 84 -8.77 -16.05 -1.30
CA SER A 84 -7.74 -16.52 -2.26
C SER A 84 -7.89 -15.82 -3.64
N PRO A 85 -9.10 -15.62 -4.12
CA PRO A 85 -9.30 -14.95 -5.42
C PRO A 85 -9.07 -13.44 -5.26
N LYS A 86 -8.85 -12.72 -6.35
CA LYS A 86 -8.64 -11.25 -6.24
C LYS A 86 -7.45 -10.94 -5.31
N GLU A 87 -6.85 -11.94 -4.72
CA GLU A 87 -5.69 -11.67 -3.82
C GLU A 87 -4.67 -10.81 -4.59
N VAL A 88 -3.79 -10.13 -3.89
CA VAL A 88 -2.79 -9.27 -4.59
C VAL A 88 -1.52 -10.10 -4.88
N SER A 89 -0.94 -10.69 -3.87
CA SER A 89 0.30 -11.50 -4.06
C SER A 89 1.00 -11.68 -2.72
N LEU A 90 0.43 -12.46 -1.85
CA LEU A 90 1.06 -12.69 -0.50
C LEU A 90 0.92 -14.17 -0.15
N ASP A 91 1.98 -14.81 0.27
CA ASP A 91 1.91 -16.27 0.62
C ASP A 91 3.34 -16.83 0.74
N SER A 92 3.96 -16.60 1.85
CA SER A 92 5.35 -17.11 2.06
C SER A 92 5.70 -16.97 3.54
N ARG A 93 6.97 -16.86 3.85
CA ARG A 93 7.37 -16.71 5.28
C ARG A 93 6.47 -15.66 5.95
N VAL A 94 5.85 -14.83 5.15
CA VAL A 94 4.96 -13.77 5.70
C VAL A 94 3.72 -14.43 6.35
N ARG A 95 3.23 -15.47 5.76
CA ARG A 95 2.02 -16.14 6.29
C ARG A 95 2.31 -16.70 7.70
N GLU A 96 3.50 -17.17 7.92
CA GLU A 96 3.84 -17.74 9.26
C GLU A 96 4.08 -16.62 10.26
N GLY A 97 4.89 -15.66 9.92
CA GLY A 97 5.18 -14.55 10.87
C GLY A 97 3.88 -13.95 11.39
N ILE A 98 2.90 -13.76 10.55
CA ILE A 98 1.61 -13.17 11.01
C ILE A 98 0.73 -14.25 11.65
N ASN A 99 1.02 -15.49 11.42
CA ASN A 99 0.18 -16.57 12.02
C ASN A 99 0.36 -16.59 13.54
N LYS A 100 1.53 -16.26 14.03
CA LYS A 100 1.77 -16.28 15.51
C LYS A 100 1.60 -14.88 16.10
N LYS A 101 1.81 -13.85 15.34
CA LYS A 101 1.68 -12.47 15.90
C LYS A 101 0.21 -12.07 15.95
N MET A 102 -0.61 -12.65 15.13
CA MET A 102 -2.06 -12.29 15.11
C MET A 102 -2.65 -12.36 16.52
N GLN A 103 -2.22 -13.29 17.33
CA GLN A 103 -2.79 -13.39 18.71
C GLN A 103 -2.22 -12.26 19.57
N GLU A 104 -1.17 -11.62 19.10
CA GLU A 104 -0.57 -10.51 19.88
C GLU A 104 0.17 -9.57 18.90
N PRO A 105 -0.59 -8.85 18.11
CA PRO A 105 -0.01 -7.93 17.12
C PRO A 105 0.71 -6.77 17.82
N SER A 106 0.98 -5.70 17.11
CA SER A 106 1.67 -4.53 17.74
C SER A 106 2.01 -3.50 16.66
N ALA A 107 1.08 -3.21 15.80
CA ALA A 107 1.36 -2.21 14.73
C ALA A 107 2.56 -2.67 13.91
N HIS A 108 2.77 -2.13 12.75
CA HIS A 108 3.93 -2.56 11.92
C HIS A 108 3.90 -4.09 11.79
N THR A 109 2.86 -4.72 12.22
CA THR A 109 2.77 -6.20 12.11
C THR A 109 2.72 -6.58 10.63
N PHE A 110 2.15 -5.74 9.82
CA PHE A 110 2.06 -6.04 8.36
C PHE A 110 3.26 -5.39 7.64
N ASP A 111 4.23 -4.88 8.38
CA ASP A 111 5.41 -4.26 7.73
C ASP A 111 5.91 -5.14 6.59
N ASP A 112 6.26 -6.37 6.88
CA ASP A 112 6.74 -7.29 5.81
C ASP A 112 5.74 -7.23 4.64
N ALA A 113 4.48 -7.24 4.93
CA ALA A 113 3.46 -7.16 3.85
C ALA A 113 3.45 -5.76 3.24
N GLN A 114 3.35 -4.76 4.08
CA GLN A 114 3.35 -3.36 3.57
C GLN A 114 4.64 -3.14 2.77
N LEU A 115 5.65 -3.91 3.05
CA LEU A 115 6.93 -3.76 2.31
C LEU A 115 6.85 -4.57 1.02
N GLN A 116 6.61 -5.85 1.12
CA GLN A 116 6.52 -6.69 -0.10
C GLN A 116 5.64 -6.00 -1.15
N ILE A 117 4.50 -5.50 -0.75
CA ILE A 117 3.61 -4.86 -1.75
C ILE A 117 4.21 -3.52 -2.21
N TYR A 118 4.54 -2.65 -1.29
CA TYR A 118 5.14 -1.34 -1.67
C TYR A 118 6.25 -1.59 -2.69
N THR A 119 6.84 -2.75 -2.64
CA THR A 119 7.92 -3.08 -3.61
C THR A 119 7.28 -3.43 -4.96
N LEU A 120 6.10 -4.01 -4.93
CA LEU A 120 5.43 -4.37 -6.21
C LEU A 120 5.18 -3.12 -7.05
N MET A 121 4.69 -2.06 -6.46
CA MET A 121 4.45 -0.82 -7.25
C MET A 121 5.78 -0.23 -7.68
N HIS A 122 6.72 -0.16 -6.78
CA HIS A 122 8.06 0.42 -7.14
C HIS A 122 8.59 -0.23 -8.42
N ARG A 123 8.36 -1.50 -8.59
CA ARG A 123 8.89 -2.18 -9.82
C ARG A 123 7.89 -2.13 -10.97
N ASP A 124 6.62 -2.23 -10.69
CA ASP A 124 5.60 -2.22 -11.78
C ASP A 124 5.14 -0.79 -12.12
N SER A 125 5.14 0.09 -11.15
CA SER A 125 4.62 1.48 -11.40
C SER A 125 5.71 2.41 -11.97
N TYR A 126 6.92 2.30 -11.52
CA TYR A 126 8.00 3.22 -12.04
C TYR A 126 8.20 3.09 -13.56
N PRO A 127 8.33 1.88 -14.08
CA PRO A 127 8.58 1.69 -15.52
C PRO A 127 7.56 2.47 -16.37
N ARG A 128 6.30 2.43 -16.02
CA ARG A 128 5.28 3.16 -16.82
C ARG A 128 4.94 4.50 -16.18
N PHE A 129 4.90 4.58 -14.88
CA PHE A 129 4.55 5.87 -14.22
C PHE A 129 5.37 7.02 -14.84
N LEU A 130 6.67 6.94 -14.78
CA LEU A 130 7.51 8.04 -15.35
C LEU A 130 7.16 8.26 -16.82
N SER A 131 6.39 7.36 -17.40
CA SER A 131 6.02 7.51 -18.84
C SER A 131 4.51 7.26 -19.02
N SER A 132 3.75 7.39 -17.96
CA SER A 132 2.28 7.15 -18.08
C SER A 132 1.59 8.49 -18.44
N PRO A 133 0.48 8.44 -19.16
CA PRO A 133 -0.23 9.68 -19.53
C PRO A 133 -0.69 10.42 -18.26
N THR A 134 -1.10 9.71 -17.25
CA THR A 134 -1.57 10.38 -16.01
C THR A 134 -0.49 11.33 -15.49
N TYR A 135 0.76 11.04 -15.78
CA TYR A 135 1.88 11.92 -15.31
C TYR A 135 2.31 12.86 -16.44
N ARG A 136 2.22 12.46 -17.69
CA ARG A 136 2.60 13.41 -18.79
C ARG A 136 1.35 14.21 -19.17
N ALA A 137 0.33 14.08 -18.37
CA ALA A 137 -0.95 14.80 -18.63
C ALA A 137 -0.94 16.13 -17.87
N LEU A 138 -0.29 16.17 -16.73
CA LEU A 138 -0.22 17.42 -15.93
C LEU A 138 1.14 18.06 -16.18
N LEU A 139 1.95 17.43 -17.00
CA LEU A 139 3.30 17.98 -17.32
C LEU A 139 3.22 18.81 -18.59
#